data_6O7S
#
_entry.id   6O7S
#
_cell.length_a   76.775
_cell.length_b   128.050
_cell.length_c   107.539
_cell.angle_alpha   90.00
_cell.angle_beta   108.97
_cell.angle_gamma   90.00
#
_symmetry.space_group_name_H-M   'P 1 21 1'
#
loop_
_entity.id
_entity.type
_entity.pdbx_description
1 polymer 'Nitrogenase molybdenum-iron protein alpha chain'
2 polymer 'Nitrogenase molybdenum-iron protein beta chain'
3 non-polymer '3-HYDROXY-3-CARBOXY-ADIPIC ACID'
4 non-polymer 'iron-sulfur-molybdenum cluster with interstitial carbon'
5 non-polymer 'SODIUM ION'
6 non-polymer 'FE(6)-S(7) CLUSTER'
7 non-polymer 'FE (III) ION'
8 water water
#
loop_
_entity_poly.entity_id
_entity_poly.type
_entity_poly.pdbx_seq_one_letter_code
_entity_poly.pdbx_strand_id
1 'polypeptide(L)'
;MTGMSREEVESLIQEVLEVYPEKARKDRNKHLAVNDPAVTQSKKCIISNKKSQPGLMTIRGCAYAGSKGVVWGPIKDMIH
ISHGPVGCGQYSRAGRRNYYIGTTGVNAFVTMNFTSDFQEKDIVFGGDKKLAKLIDEVETLFPLNKGISVQSECPIGLIG
DDIESVSKVKGAELSKTIVPVRCEGFRGVSQSLGHHIANDAVRDWVLGKRDEDTTFASTPYDVAIIGDYNIGGDAWSSRI
LLEEMGLRCVAQWSGDGSISEIELTPKVKLNLVHCYRSMNYISRHMEEKYGIPWMEYNFFGPTKTIESLRAIAAKFDESI
QKKCEEVIAKYKPEWEAVVAKYRPRLEGKRVMLYIGGLRPRHVIGAYEDLGMEVVGTGYEFAHNDDYDRTMKEMGDSTLL
YDDVTGYEFEEFVKRIKPDLIGSGIKEKFIFQKMGIPFREMHSWDYSGPYHGFDGFAIFARDMDMTLNNPCWKKLQAPWE
ASEGAEKVAASA
;
A,C
2 'polypeptide(L)'
;MSQQVDKIKASYPLFLDQDYKDMLAKKRDGFEEKYPQDKIDEVFQWTTTKEYQELNFQREALTVNPAKACQPLGAVLCAL
GFEKTMPYVHGSQGCVAYFRSYFNRHFREPVSCVSDSMTEDAAVFGGQQNMKDGLQNCKATYKPDMIAVSTTCMAEVIGD
DLNAFINNSKKEGFIPDEFPVPFAHTPAFVGSHVTGWDNMFEGIARYFTLKSMDDKVVGSNKKINIVPGFETYLGNFRVI
KRMLSEMGVGYSLLSDPEEVLDTPADGQFRMYAGGTTQEEMKDAPNALNTVLLQPWHLEKTKKFVEGTWKHEVPKLNIPM
GLDWTDEFLMKVSEISGQPIPASLTKERGRLVDMMTDSHTWLHGKRFALWGDPDFVMGLVKFLLELGCEPVHILCHNGNK
RWKKAVDAILAASPYGKNATVYIGKDLWHLRSLVFTDKPDFMIGNSYGKFIQRDTLHKGKEFEVPLIRIGFPIFDRHHLH
RSTTLGYEGAMQILTTLVNSILERLDEETRGMQATDYNHDLVR
;
B,D
#
# COMPACT_ATOMS: atom_id res chain seq x y z
N SER A 5 -41.01 31.13 -4.08
CA SER A 5 -41.01 30.50 -2.77
C SER A 5 -42.43 30.48 -2.18
N ARG A 6 -42.57 29.81 -1.03
CA ARG A 6 -43.86 29.59 -0.37
C ARG A 6 -44.84 28.93 -1.33
N GLU A 7 -45.39 29.69 -2.28
CA GLU A 7 -46.34 29.10 -3.22
C GLU A 7 -45.66 28.10 -4.13
N GLU A 8 -44.41 28.38 -4.52
CA GLU A 8 -43.64 27.41 -5.29
C GLU A 8 -43.21 26.22 -4.44
N VAL A 9 -43.16 26.38 -3.12
CA VAL A 9 -42.86 25.25 -2.25
C VAL A 9 -44.06 24.33 -2.12
N GLU A 10 -45.21 24.89 -1.77
CA GLU A 10 -46.45 24.12 -1.77
C GLU A 10 -46.67 23.44 -3.12
N SER A 11 -46.37 24.15 -4.22
CA SER A 11 -46.54 23.58 -5.54
C SER A 11 -45.56 22.43 -5.76
N LEU A 12 -44.34 22.55 -5.25
CA LEU A 12 -43.36 21.48 -5.40
C LEU A 12 -43.82 20.21 -4.68
N ILE A 13 -44.42 20.37 -3.49
CA ILE A 13 -44.86 19.21 -2.72
C ILE A 13 -45.93 18.43 -3.49
N GLN A 14 -47.01 19.12 -3.88
CA GLN A 14 -48.08 18.45 -4.61
C GLN A 14 -47.54 17.81 -5.88
N GLU A 15 -46.61 18.47 -6.57
CA GLU A 15 -46.01 17.90 -7.77
C GLU A 15 -45.33 16.57 -7.46
N VAL A 16 -44.55 16.53 -6.38
CA VAL A 16 -43.80 15.32 -6.05
C VAL A 16 -44.76 14.18 -5.69
N LEU A 17 -45.84 14.49 -4.97
CA LEU A 17 -46.75 13.45 -4.53
C LEU A 17 -47.65 12.92 -5.64
N GLU A 18 -47.57 13.49 -6.84
CA GLU A 18 -48.37 12.99 -7.96
C GLU A 18 -47.92 11.62 -8.44
N VAL A 19 -46.75 11.14 -7.99
CA VAL A 19 -46.29 9.81 -8.39
C VAL A 19 -46.79 8.70 -7.47
N TYR A 20 -47.20 9.04 -6.25
CA TYR A 20 -47.56 8.01 -5.27
C TYR A 20 -48.92 7.41 -5.60
N PRO A 21 -49.16 6.17 -5.18
CA PRO A 21 -50.54 5.66 -5.16
C PRO A 21 -51.37 6.42 -4.15
N GLU A 22 -52.70 6.29 -4.28
CA GLU A 22 -53.62 7.14 -3.55
C GLU A 22 -53.35 7.12 -2.04
N LYS A 23 -53.15 5.92 -1.48
CA LYS A 23 -52.98 5.80 -0.04
C LYS A 23 -51.72 6.50 0.44
N ALA A 24 -50.57 6.17 -0.16
CA ALA A 24 -49.31 6.81 0.22
C ALA A 24 -49.40 8.32 0.02
N ARG A 25 -49.80 8.74 -1.18
CA ARG A 25 -50.15 10.11 -1.52
C ARG A 25 -50.73 10.84 -0.31
N LYS A 26 -51.86 10.36 0.20
CA LYS A 26 -52.55 11.04 1.30
C LYS A 26 -51.70 11.07 2.56
N ASP A 27 -51.05 9.95 2.90
CA ASP A 27 -50.27 9.91 4.13
C ASP A 27 -49.05 10.80 4.04
N ARG A 28 -48.31 10.71 2.93
CA ARG A 28 -47.09 11.50 2.79
C ARG A 28 -47.40 13.00 2.81
N ASN A 29 -48.57 13.39 2.32
CA ASN A 29 -48.94 14.80 2.37
C ASN A 29 -49.07 15.30 3.81
N LYS A 30 -49.33 14.40 4.77
CA LYS A 30 -49.42 14.81 6.16
C LYS A 30 -48.05 15.13 6.75
N HIS A 31 -46.98 14.58 6.18
CA HIS A 31 -45.63 14.74 6.72
C HIS A 31 -44.79 15.75 5.95
N LEU A 32 -45.42 16.61 5.16
CA LEU A 32 -44.70 17.60 4.35
C LEU A 32 -45.39 18.95 4.51
N ALA A 33 -44.66 19.93 5.05
CA ALA A 33 -45.25 21.23 5.36
C ALA A 33 -44.25 22.35 5.15
N VAL A 34 -44.77 23.56 5.02
CA VAL A 34 -43.97 24.78 4.85
C VAL A 34 -44.16 25.67 6.08
N ASN A 35 -43.05 26.08 6.69
CA ASN A 35 -43.09 26.81 7.95
C ASN A 35 -43.87 28.12 7.79
N ASP A 36 -44.28 28.69 8.93
CA ASP A 36 -45.07 29.93 8.95
C ASP A 36 -45.05 30.65 10.30
N PRO A 37 -44.38 31.81 10.43
CA PRO A 37 -44.19 32.38 11.78
C PRO A 37 -45.48 32.78 12.50
N ALA A 38 -46.64 32.77 11.84
CA ALA A 38 -47.89 33.08 12.53
C ALA A 38 -48.55 31.87 13.17
N VAL A 39 -47.95 30.69 13.03
CA VAL A 39 -48.43 29.46 13.66
C VAL A 39 -47.35 29.01 14.63
N THR A 40 -47.72 28.74 15.88
CA THR A 40 -46.77 28.34 16.90
C THR A 40 -46.87 26.88 17.31
N GLN A 41 -48.04 26.26 17.16
CA GLN A 41 -48.26 24.88 17.58
C GLN A 41 -48.16 23.95 16.39
N SER A 42 -47.12 23.10 16.38
CA SER A 42 -46.87 22.21 15.25
C SER A 42 -47.94 21.14 15.10
N LYS A 43 -48.66 20.80 16.16
CA LYS A 43 -49.74 19.83 16.04
C LYS A 43 -50.78 20.28 15.03
N LYS A 44 -50.83 21.57 14.70
CA LYS A 44 -51.69 22.10 13.64
C LYS A 44 -50.99 22.23 12.30
N CYS A 45 -49.78 21.69 12.14
CA CYS A 45 -49.01 21.95 10.92
C CYS A 45 -48.43 20.70 10.27
N ILE A 46 -47.95 19.74 11.05
CA ILE A 46 -47.32 18.56 10.49
C ILE A 46 -47.53 17.38 11.43
N ILE A 47 -47.57 16.18 10.86
CA ILE A 47 -47.73 14.95 11.62
C ILE A 47 -46.37 14.25 11.68
N SER A 48 -46.13 13.55 12.78
CA SER A 48 -44.85 12.89 13.00
C SER A 48 -45.06 11.65 13.86
N ASN A 49 -43.99 10.86 13.97
CA ASN A 49 -43.98 9.67 14.82
C ASN A 49 -45.06 8.68 14.40
N LYS A 50 -45.20 8.48 13.11
CA LYS A 50 -46.13 7.51 12.55
C LYS A 50 -45.35 6.43 11.81
N LYS A 51 -46.04 5.31 11.57
CA LYS A 51 -45.46 4.21 10.81
C LYS A 51 -45.01 4.67 9.43
N SER A 52 -43.96 4.03 8.91
CA SER A 52 -43.50 4.30 7.56
C SER A 52 -44.39 3.58 6.55
N GLN A 53 -44.60 4.21 5.41
CA GLN A 53 -45.36 3.57 4.34
C GLN A 53 -44.52 2.49 3.67
N PRO A 54 -45.09 1.32 3.40
CA PRO A 54 -44.27 0.23 2.86
C PRO A 54 -43.68 0.57 1.50
N GLY A 55 -42.43 0.15 1.29
CA GLY A 55 -41.82 0.16 -0.03
C GLY A 55 -41.38 1.51 -0.55
N LEU A 56 -41.32 2.54 0.29
CA LEU A 56 -40.95 3.87 -0.17
C LEU A 56 -39.53 4.27 0.24
N MET A 57 -38.75 3.33 0.79
CA MET A 57 -37.35 3.56 1.12
C MET A 57 -37.20 4.65 2.17
N THR A 58 -37.82 4.41 3.33
CA THR A 58 -37.57 5.25 4.48
C THR A 58 -36.09 5.16 4.86
N ILE A 59 -35.59 6.22 5.51
CA ILE A 59 -34.22 6.23 6.01
C ILE A 59 -34.13 5.73 7.44
N ARG A 60 -35.27 5.47 8.08
CA ARG A 60 -35.30 5.10 9.48
C ARG A 60 -34.59 3.78 9.75
N GLY A 61 -34.11 3.63 10.98
CA GLY A 61 -33.71 2.35 11.53
C GLY A 61 -34.80 1.78 12.41
N CYS A 62 -34.40 0.92 13.34
CA CYS A 62 -35.33 0.19 14.19
C CYS A 62 -35.12 0.52 15.67
N ALA A 63 -36.00 -0.04 16.51
CA ALA A 63 -35.91 0.18 17.94
C ALA A 63 -34.61 -0.36 18.53
N TYR A 64 -34.10 -1.47 17.98
CA TYR A 64 -32.83 -2.01 18.43
C TYR A 64 -31.71 -0.99 18.25
N ALA A 65 -31.66 -0.35 17.08
CA ALA A 65 -30.68 0.71 16.87
C ALA A 65 -30.86 1.84 17.88
N GLY A 66 -32.10 2.14 18.26
CA GLY A 66 -32.34 3.21 19.21
C GLY A 66 -31.86 2.89 20.61
N SER A 67 -31.88 1.61 20.99
CA SER A 67 -31.48 1.20 22.34
C SER A 67 -30.02 0.74 22.38
N LYS A 68 -29.65 -0.24 21.57
CA LYS A 68 -28.30 -0.76 21.62
C LYS A 68 -27.31 0.23 20.98
N GLY A 69 -27.58 0.63 19.74
CA GLY A 69 -26.63 1.47 19.03
C GLY A 69 -26.49 2.87 19.58
N VAL A 70 -27.56 3.40 20.18
CA VAL A 70 -27.60 4.81 20.57
C VAL A 70 -27.41 4.98 22.08
N VAL A 71 -28.23 4.32 22.89
CA VAL A 71 -28.29 4.58 24.32
C VAL A 71 -27.32 3.69 25.09
N TRP A 72 -27.46 2.38 24.94
CA TRP A 72 -26.71 1.46 25.81
C TRP A 72 -25.31 1.19 25.31
N GLY A 73 -25.13 0.98 24.00
CA GLY A 73 -23.84 0.62 23.45
C GLY A 73 -22.67 1.49 23.87
N PRO A 74 -22.87 2.80 24.00
CA PRO A 74 -21.75 3.67 24.40
C PRO A 74 -21.23 3.42 25.82
N ILE A 75 -22.05 2.91 26.72
CA ILE A 75 -21.59 2.70 28.11
C ILE A 75 -20.44 1.71 28.08
N LYS A 76 -19.26 2.17 28.52
CA LYS A 76 -18.02 1.53 28.11
C LYS A 76 -17.60 0.35 28.98
N ASP A 77 -17.82 0.41 30.28
CA ASP A 77 -17.38 -0.66 31.17
C ASP A 77 -18.45 -1.73 31.37
N MET A 78 -19.50 -1.73 30.55
CA MET A 78 -20.49 -2.80 30.51
C MET A 78 -20.31 -3.59 29.22
N ILE A 79 -20.78 -4.83 29.25
CA ILE A 79 -20.83 -5.68 28.05
C ILE A 79 -22.28 -5.75 27.61
N HIS A 80 -22.51 -5.46 26.33
CA HIS A 80 -23.86 -5.41 25.78
C HIS A 80 -24.05 -6.58 24.82
N ILE A 81 -25.01 -7.45 25.12
CA ILE A 81 -25.27 -8.63 24.32
C ILE A 81 -26.35 -8.30 23.30
N SER A 82 -26.02 -8.45 22.02
CA SER A 82 -27.02 -8.40 20.95
C SER A 82 -27.65 -9.79 20.87
N HIS A 83 -28.84 -9.92 21.46
CA HIS A 83 -29.45 -11.23 21.70
C HIS A 83 -30.38 -11.56 20.53
N GLY A 84 -29.96 -12.50 19.69
CA GLY A 84 -30.66 -12.83 18.48
C GLY A 84 -29.69 -13.27 17.40
N PRO A 85 -30.14 -13.29 16.14
CA PRO A 85 -29.26 -13.70 15.05
C PRO A 85 -28.12 -12.69 14.86
N VAL A 86 -27.19 -13.07 13.98
CA VAL A 86 -25.89 -12.40 13.94
C VAL A 86 -25.94 -11.02 13.30
N GLY A 87 -26.94 -10.73 12.46
CA GLY A 87 -26.94 -9.51 11.70
C GLY A 87 -26.87 -8.23 12.51
N CYS A 88 -27.84 -8.02 13.40
CA CYS A 88 -27.99 -6.72 14.05
C CYS A 88 -26.69 -6.25 14.69
N GLY A 89 -26.01 -7.14 15.42
CA GLY A 89 -24.79 -6.74 16.10
C GLY A 89 -23.66 -6.45 15.14
N GLN A 90 -23.60 -7.15 14.01
CA GLN A 90 -22.48 -6.96 13.09
C GLN A 90 -22.62 -5.63 12.34
N TYR A 91 -23.81 -5.32 11.84
CA TYR A 91 -24.00 -4.08 11.09
C TYR A 91 -23.77 -2.86 11.96
N SER A 92 -24.04 -2.97 13.27
CA SER A 92 -23.88 -1.85 14.19
C SER A 92 -22.54 -1.87 14.93
N ARG A 93 -21.64 -2.78 14.61
CA ARG A 93 -20.35 -2.81 15.30
C ARG A 93 -19.51 -1.61 14.88
N ALA A 94 -19.27 -0.69 15.82
CA ALA A 94 -18.34 0.42 15.65
C ALA A 94 -18.71 1.32 14.48
N GLY A 95 -19.96 1.27 14.02
CA GLY A 95 -20.39 2.20 12.98
C GLY A 95 -20.71 3.58 13.49
N ARG A 96 -20.94 3.71 14.80
CA ARG A 96 -21.26 4.98 15.43
C ARG A 96 -20.10 5.40 16.33
N ARG A 97 -19.65 6.64 16.18
CA ARG A 97 -18.41 7.10 16.80
C ARG A 97 -18.63 7.66 18.20
N ASN A 98 -19.27 6.88 19.08
CA ASN A 98 -19.45 7.27 20.48
C ASN A 98 -18.13 7.02 21.20
N TYR A 99 -17.30 8.06 21.26
CA TYR A 99 -15.92 7.91 21.70
C TYR A 99 -15.83 7.68 23.20
N TYR A 100 -14.73 7.06 23.61
CA TYR A 100 -14.53 6.69 25.00
C TYR A 100 -13.04 6.47 25.25
N ILE A 101 -12.67 6.52 26.53
CA ILE A 101 -11.33 6.21 26.99
C ILE A 101 -11.39 4.87 27.71
N GLY A 102 -10.61 3.90 27.25
CA GLY A 102 -10.57 2.61 27.92
C GLY A 102 -9.60 1.66 27.25
N THR A 103 -9.49 0.47 27.86
CA THR A 103 -8.66 -0.61 27.33
C THR A 103 -9.62 -1.65 26.78
N THR A 104 -9.83 -1.63 25.47
CA THR A 104 -10.91 -2.40 24.88
C THR A 104 -10.61 -3.89 24.95
N GLY A 105 -11.62 -4.67 25.32
CA GLY A 105 -11.46 -6.08 25.55
C GLY A 105 -11.03 -6.44 26.96
N VAL A 106 -10.64 -5.46 27.77
CA VAL A 106 -10.18 -5.71 29.14
C VAL A 106 -11.14 -5.07 30.14
N ASN A 107 -11.28 -3.74 30.11
CA ASN A 107 -12.18 -3.04 31.00
C ASN A 107 -13.18 -2.17 30.27
N ALA A 108 -13.11 -2.10 28.94
CA ALA A 108 -14.07 -1.39 28.11
C ALA A 108 -14.35 -2.25 26.89
N PHE A 109 -15.55 -2.09 26.32
CA PHE A 109 -15.98 -3.04 25.30
C PHE A 109 -16.84 -2.44 24.19
N VAL A 110 -16.79 -1.12 23.99
CA VAL A 110 -17.77 -0.45 23.14
C VAL A 110 -17.71 -0.98 21.71
N THR A 111 -16.51 -1.08 21.15
CA THR A 111 -16.35 -1.42 19.74
C THR A 111 -16.37 -2.92 19.46
N MET A 112 -16.59 -3.75 20.47
CA MET A 112 -16.72 -5.19 20.27
C MET A 112 -18.18 -5.54 19.97
N ASN A 113 -18.38 -6.76 19.46
CA ASN A 113 -19.71 -7.25 19.12
C ASN A 113 -19.93 -8.57 19.86
N PHE A 114 -20.67 -8.52 20.97
CA PHE A 114 -21.10 -9.71 21.69
C PHE A 114 -22.48 -10.12 21.19
N THR A 115 -22.65 -11.41 20.91
CA THR A 115 -23.87 -11.87 20.25
C THR A 115 -24.11 -13.33 20.63
N SER A 116 -25.39 -13.70 20.75
CA SER A 116 -25.77 -15.08 21.00
C SER A 116 -25.87 -15.90 19.71
N ASP A 117 -25.92 -15.24 18.56
CA ASP A 117 -25.83 -15.89 17.25
C ASP A 117 -26.89 -16.98 17.11
N PHE A 118 -28.14 -16.52 17.14
CA PHE A 118 -29.28 -17.42 17.07
C PHE A 118 -29.20 -18.35 15.87
N GLN A 119 -29.24 -19.64 16.13
CA GLN A 119 -29.51 -20.65 15.12
C GLN A 119 -30.97 -21.05 15.20
N GLU A 120 -31.41 -21.86 14.23
CA GLU A 120 -32.82 -22.25 14.20
C GLU A 120 -33.20 -23.05 15.44
N LYS A 121 -32.24 -23.75 16.07
CA LYS A 121 -32.56 -24.49 17.29
C LYS A 121 -33.05 -23.56 18.38
N ASP A 122 -32.40 -22.39 18.53
CA ASP A 122 -32.83 -21.45 19.55
C ASP A 122 -34.19 -20.85 19.23
N ILE A 123 -34.59 -20.85 17.96
CA ILE A 123 -35.93 -20.39 17.60
C ILE A 123 -36.98 -21.38 18.10
N VAL A 124 -36.73 -22.68 17.94
CA VAL A 124 -37.75 -23.67 18.28
C VAL A 124 -37.72 -23.99 19.78
N PHE A 125 -36.56 -23.97 20.41
CA PHE A 125 -36.44 -24.28 21.83
C PHE A 125 -36.38 -23.04 22.72
N GLY A 126 -36.18 -21.86 22.16
CA GLY A 126 -35.97 -20.68 22.98
C GLY A 126 -34.51 -20.46 23.32
N GLY A 127 -34.17 -19.20 23.58
CA GLY A 127 -32.80 -18.81 23.85
C GLY A 127 -32.46 -18.52 25.29
N ASP A 128 -33.38 -18.73 26.22
CA ASP A 128 -33.12 -18.33 27.61
C ASP A 128 -32.02 -19.18 28.23
N LYS A 129 -31.98 -20.47 27.92
CA LYS A 129 -30.89 -21.32 28.41
C LYS A 129 -29.56 -20.85 27.84
N LYS A 130 -29.52 -20.61 26.52
CA LYS A 130 -28.29 -20.16 25.89
C LYS A 130 -27.84 -18.84 26.48
N LEU A 131 -28.78 -17.95 26.79
CA LEU A 131 -28.43 -16.67 27.40
C LEU A 131 -27.75 -16.85 28.74
N ALA A 132 -28.27 -17.76 29.57
CA ALA A 132 -27.70 -17.97 30.89
C ALA A 132 -26.29 -18.55 30.78
N LYS A 133 -26.10 -19.54 29.90
CA LYS A 133 -24.75 -20.04 29.64
C LYS A 133 -23.87 -18.96 29.04
N LEU A 134 -24.44 -18.12 28.18
CA LEU A 134 -23.67 -17.03 27.58
C LEU A 134 -23.16 -16.08 28.66
N ILE A 135 -24.01 -15.74 29.62
CA ILE A 135 -23.60 -14.83 30.69
C ILE A 135 -22.45 -15.41 31.48
N ASP A 136 -22.47 -16.72 31.73
CA ASP A 136 -21.38 -17.35 32.47
C ASP A 136 -20.06 -17.27 31.69
N GLU A 137 -20.12 -17.48 30.38
CA GLU A 137 -18.91 -17.42 29.57
C GLU A 137 -18.35 -16.01 29.52
N VAL A 138 -19.23 -14.99 29.52
CA VAL A 138 -18.77 -13.61 29.60
C VAL A 138 -18.01 -13.39 30.90
N GLU A 139 -18.50 -13.95 32.00
CA GLU A 139 -17.83 -13.77 33.29
C GLU A 139 -16.43 -14.39 33.28
N THR A 140 -16.27 -15.53 32.61
CA THR A 140 -14.98 -16.19 32.57
C THR A 140 -13.97 -15.39 31.76
N LEU A 141 -14.37 -14.93 30.58
CA LEU A 141 -13.43 -14.36 29.62
C LEU A 141 -13.25 -12.85 29.76
N PHE A 142 -14.16 -12.17 30.46
CA PHE A 142 -14.10 -10.72 30.63
C PHE A 142 -14.43 -10.39 32.09
N PRO A 143 -13.54 -10.77 33.01
CA PRO A 143 -13.86 -10.61 34.44
C PRO A 143 -14.04 -9.16 34.87
N LEU A 144 -13.45 -8.20 34.17
CA LEU A 144 -13.48 -6.80 34.60
C LEU A 144 -14.69 -6.04 34.11
N ASN A 145 -15.65 -6.69 33.46
CA ASN A 145 -16.89 -6.02 33.10
C ASN A 145 -17.67 -5.67 34.37
N LYS A 146 -18.31 -4.49 34.35
CA LYS A 146 -19.03 -3.98 35.51
C LYS A 146 -20.53 -4.04 35.32
N GLY A 147 -21.01 -5.00 34.53
CA GLY A 147 -22.42 -5.15 34.28
C GLY A 147 -22.66 -5.62 32.85
N ILE A 148 -23.85 -6.14 32.63
CA ILE A 148 -24.22 -6.72 31.35
C ILE A 148 -25.60 -6.23 30.96
N SER A 149 -25.80 -5.92 29.68
CA SER A 149 -27.11 -5.62 29.14
C SER A 149 -27.45 -6.61 28.04
N VAL A 150 -28.74 -6.88 27.89
CA VAL A 150 -29.25 -7.85 26.92
C VAL A 150 -30.15 -7.08 25.96
N GLN A 151 -29.64 -6.83 24.76
CA GLN A 151 -30.39 -6.07 23.75
C GLN A 151 -31.17 -7.05 22.88
N SER A 152 -32.48 -7.10 23.06
CA SER A 152 -33.32 -8.05 22.36
C SER A 152 -33.49 -7.66 20.90
N GLU A 153 -33.22 -8.61 20.01
CA GLU A 153 -33.47 -8.45 18.58
C GLU A 153 -34.83 -9.07 18.24
N CYS A 154 -35.27 -8.83 17.00
CA CYS A 154 -36.63 -9.18 16.57
C CYS A 154 -37.14 -10.52 17.07
N PRO A 155 -36.41 -11.63 16.97
CA PRO A 155 -37.02 -12.93 17.31
C PRO A 155 -37.35 -13.13 18.78
N ILE A 156 -36.68 -12.42 19.69
CA ILE A 156 -36.76 -12.78 21.11
C ILE A 156 -38.20 -12.75 21.58
N GLY A 157 -38.88 -11.60 21.42
CA GLY A 157 -40.26 -11.50 21.85
C GLY A 157 -41.19 -12.36 21.04
N LEU A 158 -40.91 -12.53 19.74
CA LEU A 158 -41.80 -13.28 18.87
C LEU A 158 -41.87 -14.75 19.25
N ILE A 159 -40.85 -15.30 19.92
CA ILE A 159 -40.85 -16.71 20.29
C ILE A 159 -41.17 -16.93 21.76
N GLY A 160 -41.37 -15.87 22.53
CA GLY A 160 -41.80 -16.00 23.90
C GLY A 160 -40.71 -16.21 24.92
N ASP A 161 -39.47 -15.86 24.61
CA ASP A 161 -38.41 -15.92 25.59
C ASP A 161 -38.69 -14.92 26.71
N ASP A 162 -38.15 -15.22 27.90
CA ASP A 162 -38.27 -14.34 29.06
C ASP A 162 -36.86 -14.00 29.53
N ILE A 163 -36.29 -12.93 28.96
CA ILE A 163 -34.94 -12.52 29.33
C ILE A 163 -34.90 -11.82 30.68
N GLU A 164 -36.04 -11.31 31.16
CA GLU A 164 -36.07 -10.67 32.47
C GLU A 164 -35.91 -11.69 33.58
N SER A 165 -36.47 -12.89 33.40
CA SER A 165 -36.25 -13.96 34.37
C SER A 165 -34.78 -14.37 34.39
N VAL A 166 -34.18 -14.52 33.22
CA VAL A 166 -32.75 -14.85 33.17
C VAL A 166 -31.92 -13.75 33.80
N SER A 167 -32.30 -12.49 33.55
CA SER A 167 -31.56 -11.36 34.12
C SER A 167 -31.64 -11.35 35.64
N LYS A 168 -32.84 -11.60 36.19
CA LYS A 168 -33.00 -11.60 37.64
C LYS A 168 -32.23 -12.75 38.28
N VAL A 169 -32.34 -13.96 37.72
CA VAL A 169 -31.70 -15.12 38.32
C VAL A 169 -30.19 -14.97 38.28
N LYS A 170 -29.62 -14.80 37.07
CA LYS A 170 -28.17 -14.71 36.96
C LYS A 170 -27.62 -13.51 37.70
N GLY A 171 -28.38 -12.41 37.76
CA GLY A 171 -27.93 -11.26 38.52
C GLY A 171 -27.71 -11.59 39.99
N ALA A 172 -28.68 -12.29 40.60
CA ALA A 172 -28.53 -12.68 41.99
C ALA A 172 -27.43 -13.73 42.16
N GLU A 173 -27.45 -14.75 41.30
CA GLU A 173 -26.44 -15.81 41.40
C GLU A 173 -25.02 -15.24 41.31
N LEU A 174 -24.83 -14.23 40.46
CA LEU A 174 -23.52 -13.65 40.23
C LEU A 174 -23.29 -12.35 41.00
N SER A 175 -24.33 -11.80 41.64
CA SER A 175 -24.23 -10.49 42.29
C SER A 175 -23.82 -9.43 41.28
N LYS A 176 -24.50 -9.44 40.13
CA LYS A 176 -24.14 -8.59 39.00
C LYS A 176 -25.36 -7.87 38.47
N THR A 177 -25.12 -6.67 37.93
CA THR A 177 -26.16 -5.91 37.23
C THR A 177 -26.31 -6.48 35.83
N ILE A 178 -27.47 -7.08 35.55
CA ILE A 178 -27.78 -7.66 34.25
C ILE A 178 -29.11 -7.05 33.81
N VAL A 179 -29.06 -6.19 32.80
CA VAL A 179 -30.21 -5.38 32.39
C VAL A 179 -30.88 -6.05 31.20
N PRO A 180 -32.14 -6.48 31.33
CA PRO A 180 -32.89 -6.92 30.14
C PRO A 180 -33.52 -5.73 29.43
N VAL A 181 -33.36 -5.68 28.11
CA VAL A 181 -33.90 -4.59 27.30
C VAL A 181 -34.69 -5.20 26.16
N ARG A 182 -35.98 -4.87 26.10
CA ARG A 182 -36.87 -5.44 25.09
C ARG A 182 -37.05 -4.42 23.95
N CYS A 183 -35.98 -4.29 23.16
CA CYS A 183 -35.92 -3.34 22.06
C CYS A 183 -36.08 -4.01 20.70
N GLU A 184 -36.89 -5.08 20.64
CA GLU A 184 -37.08 -5.81 19.39
C GLU A 184 -37.41 -4.86 18.25
N GLY A 185 -36.73 -5.05 17.11
CA GLY A 185 -36.80 -4.10 16.02
C GLY A 185 -38.20 -3.88 15.49
N PHE A 186 -39.09 -4.85 15.66
CA PHE A 186 -40.46 -4.67 15.20
C PHE A 186 -41.29 -3.80 16.14
N ARG A 187 -40.77 -3.44 17.31
CA ARG A 187 -41.49 -2.58 18.23
C ARG A 187 -41.39 -1.13 17.77
N GLY A 188 -42.52 -0.42 17.88
CA GLY A 188 -42.54 0.98 17.50
C GLY A 188 -42.47 1.17 15.99
N VAL A 189 -42.07 2.38 15.61
CA VAL A 189 -42.03 2.79 14.21
C VAL A 189 -40.65 3.24 13.77
N SER A 190 -39.66 3.24 14.66
CA SER A 190 -38.36 3.81 14.36
C SER A 190 -37.39 3.61 15.52
N GLN A 191 -36.22 4.25 15.45
CA GLN A 191 -35.30 4.24 16.57
C GLN A 191 -35.89 4.88 17.82
N SER A 192 -36.92 5.72 17.66
CA SER A 192 -37.40 6.54 18.77
C SER A 192 -37.86 5.68 19.94
N LEU A 193 -38.64 4.64 19.66
CA LEU A 193 -39.13 3.82 20.76
C LEU A 193 -37.99 3.10 21.47
N GLY A 194 -36.91 2.80 20.76
CA GLY A 194 -35.75 2.21 21.41
C GLY A 194 -35.15 3.12 22.46
N HIS A 195 -35.15 4.42 22.19
CA HIS A 195 -34.76 5.39 23.22
C HIS A 195 -35.59 5.20 24.48
N HIS A 196 -36.91 5.24 24.32
CA HIS A 196 -37.81 5.17 25.47
C HIS A 196 -37.68 3.85 26.20
N ILE A 197 -37.70 2.74 25.46
CA ILE A 197 -37.49 1.42 26.05
C ILE A 197 -36.18 1.40 26.84
N ALA A 198 -35.12 1.98 26.26
CA ALA A 198 -33.82 1.93 26.91
C ALA A 198 -33.78 2.80 28.16
N ASN A 199 -34.40 3.98 28.10
CA ASN A 199 -34.47 4.84 29.28
C ASN A 199 -35.12 4.10 30.45
N ASP A 200 -36.26 3.45 30.20
CA ASP A 200 -36.95 2.74 31.26
C ASP A 200 -36.11 1.58 31.79
N ALA A 201 -35.27 0.98 30.94
CA ALA A 201 -34.38 -0.07 31.40
C ALA A 201 -33.34 0.49 32.36
N VAL A 202 -32.80 1.68 32.08
CA VAL A 202 -31.86 2.32 33.00
C VAL A 202 -32.54 2.59 34.33
N ARG A 203 -33.74 3.17 34.28
CA ARG A 203 -34.49 3.47 35.50
C ARG A 203 -34.75 2.19 36.30
N ASP A 204 -35.29 1.17 35.65
CA ASP A 204 -35.76 -0.01 36.36
C ASP A 204 -34.63 -0.89 36.89
N TRP A 205 -33.44 -0.83 36.30
CA TRP A 205 -32.40 -1.81 36.61
C TRP A 205 -31.05 -1.23 37.02
N VAL A 206 -30.83 0.07 36.86
CA VAL A 206 -29.52 0.64 37.18
C VAL A 206 -29.67 1.84 38.11
N LEU A 207 -30.57 2.76 37.78
CA LEU A 207 -30.55 4.07 38.40
C LEU A 207 -30.87 4.03 39.89
N GLY A 208 -31.66 3.06 40.34
CA GLY A 208 -32.01 2.99 41.74
C GLY A 208 -30.99 2.34 42.63
N LYS A 209 -29.85 1.91 42.08
CA LYS A 209 -28.90 1.09 42.82
C LYS A 209 -28.37 1.80 44.07
N ARG A 210 -28.20 3.12 44.01
CA ARG A 210 -27.59 3.87 45.11
C ARG A 210 -28.56 4.84 45.78
N ASP A 211 -29.86 4.53 45.78
CA ASP A 211 -30.82 5.39 46.47
C ASP A 211 -30.51 5.54 47.96
N GLU A 212 -29.90 4.54 48.57
CA GLU A 212 -29.63 4.56 50.01
C GLU A 212 -28.14 4.70 50.30
N ASP A 213 -27.35 5.06 49.30
CA ASP A 213 -25.93 5.36 49.47
C ASP A 213 -25.77 6.81 49.89
N THR A 214 -25.00 7.05 50.95
CA THR A 214 -24.70 8.39 51.43
C THR A 214 -23.20 8.67 51.46
N THR A 215 -22.41 7.87 50.75
CA THR A 215 -20.96 8.00 50.76
C THR A 215 -20.43 8.94 49.68
N PHE A 216 -21.30 9.59 48.92
CA PHE A 216 -20.89 10.48 47.84
C PHE A 216 -20.78 11.91 48.38
N ALA A 217 -19.66 12.56 48.08
CA ALA A 217 -19.38 13.91 48.56
C ALA A 217 -19.88 14.91 47.53
N SER A 218 -21.05 15.51 47.80
CA SER A 218 -21.68 16.41 46.87
C SER A 218 -21.18 17.84 47.04
N THR A 219 -21.28 18.60 45.96
CA THR A 219 -20.99 20.03 45.95
C THR A 219 -22.20 20.73 45.36
N PRO A 220 -22.33 22.04 45.55
CA PRO A 220 -23.48 22.75 44.98
C PRO A 220 -23.43 22.87 43.47
N TYR A 221 -22.32 22.50 42.83
CA TYR A 221 -22.15 22.67 41.40
C TYR A 221 -22.12 21.34 40.65
N ASP A 222 -22.61 20.27 41.28
CA ASP A 222 -22.66 18.98 40.60
C ASP A 222 -23.73 18.99 39.51
N VAL A 223 -23.39 18.41 38.36
CA VAL A 223 -24.25 18.45 37.19
C VAL A 223 -23.95 17.21 36.34
N ALA A 224 -24.90 16.86 35.48
CA ALA A 224 -24.75 15.72 34.59
C ALA A 224 -25.11 16.12 33.17
N ILE A 225 -24.34 15.62 32.21
CA ILE A 225 -24.61 15.84 30.79
C ILE A 225 -25.50 14.70 30.31
N ILE A 226 -26.74 15.01 29.98
CA ILE A 226 -27.74 14.00 29.60
C ILE A 226 -27.97 14.11 28.10
N GLY A 227 -27.84 12.98 27.41
CA GLY A 227 -28.13 12.94 25.98
C GLY A 227 -27.06 13.52 25.10
N ASP A 228 -25.79 13.26 25.41
CA ASP A 228 -24.69 13.56 24.50
C ASP A 228 -23.82 12.31 24.40
N TYR A 229 -23.68 11.80 23.18
CA TYR A 229 -23.08 10.49 22.95
C TYR A 229 -21.65 10.61 22.45
N ASN A 230 -21.04 11.77 22.63
CA ASN A 230 -19.61 11.96 22.42
C ASN A 230 -19.19 11.50 21.02
N ILE A 231 -19.98 11.91 20.03
CA ILE A 231 -19.65 11.64 18.64
C ILE A 231 -18.38 12.43 18.30
N GLY A 232 -17.29 11.72 18.05
CA GLY A 232 -16.02 12.35 17.74
C GLY A 232 -15.44 13.16 18.87
N GLY A 233 -15.97 12.99 20.08
CA GLY A 233 -15.53 13.76 21.23
C GLY A 233 -16.43 14.92 21.59
N ASP A 234 -17.64 14.99 21.03
CA ASP A 234 -18.52 16.14 21.26
C ASP A 234 -18.72 16.42 22.75
N ALA A 235 -18.84 15.37 23.56
CA ALA A 235 -19.13 15.56 24.98
C ALA A 235 -17.92 16.05 25.75
N TRP A 236 -16.72 15.61 25.35
CA TRP A 236 -15.51 16.10 26.00
C TRP A 236 -15.28 17.57 25.72
N SER A 237 -15.54 18.01 24.48
CA SER A 237 -15.39 19.42 24.15
C SER A 237 -16.53 20.27 24.70
N SER A 238 -17.53 19.66 25.33
CA SER A 238 -18.54 20.36 26.11
C SER A 238 -18.23 20.33 27.60
N ARG A 239 -17.82 19.18 28.11
CA ARG A 239 -17.43 19.07 29.51
C ARG A 239 -16.36 20.10 29.86
N ILE A 240 -15.40 20.31 28.97
CA ILE A 240 -14.30 21.22 29.26
C ILE A 240 -14.83 22.61 29.59
N LEU A 241 -15.82 23.07 28.83
CA LEU A 241 -16.38 24.41 29.07
C LEU A 241 -17.13 24.47 30.39
N LEU A 242 -17.89 23.41 30.70
CA LEU A 242 -18.70 23.44 31.92
C LEU A 242 -17.83 23.48 33.17
N GLU A 243 -16.70 22.76 33.15
CA GLU A 243 -15.82 22.74 34.31
C GLU A 243 -14.92 23.97 34.36
N GLU A 244 -14.58 24.54 33.20
CA GLU A 244 -13.97 25.86 33.20
C GLU A 244 -14.89 26.90 33.81
N MET A 245 -16.20 26.71 33.66
CA MET A 245 -17.19 27.60 34.26
C MET A 245 -17.38 27.36 35.76
N GLY A 246 -16.72 26.35 36.32
CA GLY A 246 -16.81 26.09 37.74
C GLY A 246 -17.67 24.90 38.13
N LEU A 247 -18.29 24.22 37.18
CA LEU A 247 -19.15 23.09 37.49
C LEU A 247 -18.35 21.79 37.58
N ARG A 248 -18.96 20.78 38.19
CA ARG A 248 -18.40 19.45 38.30
C ARG A 248 -19.34 18.49 37.59
N CYS A 249 -18.91 17.97 36.44
CA CYS A 249 -19.72 17.05 35.65
C CYS A 249 -19.61 15.66 36.26
N VAL A 250 -20.62 15.27 37.04
CA VAL A 250 -20.57 13.98 37.72
C VAL A 250 -20.73 12.83 36.72
N ALA A 251 -21.54 13.03 35.67
CA ALA A 251 -21.87 11.92 34.78
C ALA A 251 -22.03 12.39 33.35
N GLN A 252 -21.81 11.45 32.42
CA GLN A 252 -22.01 11.66 31.00
C GLN A 252 -22.85 10.52 30.45
N TRP A 253 -24.08 10.82 30.05
CA TRP A 253 -25.00 9.83 29.51
C TRP A 253 -25.07 9.95 27.98
N SER A 254 -24.61 8.94 27.23
CA SER A 254 -23.85 7.78 27.67
C SER A 254 -22.50 7.77 26.96
N GLY A 255 -22.23 8.83 26.20
CA GLY A 255 -20.95 8.98 25.54
C GLY A 255 -19.80 8.95 26.52
N ASP A 256 -18.92 7.95 26.38
CA ASP A 256 -17.81 7.76 27.30
C ASP A 256 -18.31 7.58 28.73
N GLY A 257 -19.51 7.03 28.89
CA GLY A 257 -20.10 6.86 30.19
C GLY A 257 -19.76 5.52 30.82
N SER A 258 -19.61 5.54 32.14
CA SER A 258 -19.43 4.33 32.93
C SER A 258 -20.71 4.09 33.74
N ILE A 259 -20.95 2.83 34.09
CA ILE A 259 -22.17 2.51 34.85
C ILE A 259 -22.17 3.28 36.16
N SER A 260 -21.00 3.43 36.79
CA SER A 260 -20.94 4.16 38.06
C SER A 260 -21.38 5.61 37.89
N GLU A 261 -21.01 6.24 36.77
CA GLU A 261 -21.49 7.59 36.49
C GLU A 261 -23.02 7.62 36.46
N ILE A 262 -23.62 6.66 35.75
CA ILE A 262 -25.08 6.56 35.73
C ILE A 262 -25.63 6.50 37.16
N GLU A 263 -25.02 5.65 38.00
CA GLU A 263 -25.53 5.43 39.34
C GLU A 263 -25.42 6.66 40.22
N LEU A 264 -24.45 7.53 39.96
CA LEU A 264 -24.26 8.73 40.77
C LEU A 264 -25.09 9.91 40.29
N THR A 265 -25.74 9.79 39.13
CA THR A 265 -26.48 10.93 38.59
C THR A 265 -27.62 11.39 39.49
N PRO A 266 -28.33 10.52 40.22
CA PRO A 266 -29.38 11.01 41.13
C PRO A 266 -28.84 11.89 42.26
N LYS A 267 -27.53 12.07 42.34
CA LYS A 267 -26.92 12.88 43.38
C LYS A 267 -26.61 14.30 42.94
N VAL A 268 -26.87 14.65 41.67
CA VAL A 268 -26.46 15.95 41.14
C VAL A 268 -27.52 17.01 41.41
N LYS A 269 -27.15 18.27 41.21
CA LYS A 269 -28.05 19.39 41.42
C LYS A 269 -28.82 19.77 40.16
N LEU A 270 -28.36 19.34 39.00
CA LEU A 270 -28.93 19.81 37.74
C LEU A 270 -28.59 18.84 36.61
N ASN A 271 -29.56 18.59 35.76
CA ASN A 271 -29.38 17.75 34.59
C ASN A 271 -29.40 18.61 33.34
N LEU A 272 -28.31 18.59 32.58
CA LEU A 272 -28.18 19.35 31.34
C LEU A 272 -28.49 18.42 30.17
N VAL A 273 -29.60 18.69 29.49
CA VAL A 273 -30.11 17.80 28.45
C VAL A 273 -29.75 18.40 27.10
N HIS A 274 -28.87 17.74 26.37
CA HIS A 274 -28.61 18.14 24.97
C HIS A 274 -29.67 17.51 24.07
N CYS A 275 -29.66 16.18 23.97
CA CYS A 275 -30.64 15.48 23.15
C CYS A 275 -31.92 15.29 23.94
N TYR A 276 -32.87 16.20 23.76
CA TYR A 276 -34.18 16.07 24.38
C TYR A 276 -34.88 14.79 23.95
N ARG A 277 -34.87 14.51 22.64
CA ARG A 277 -35.66 13.39 22.11
C ARG A 277 -35.31 12.08 22.80
N SER A 278 -34.02 11.74 22.85
CA SER A 278 -33.62 10.42 23.31
C SER A 278 -33.60 10.30 24.83
N MET A 279 -33.57 11.42 25.55
CA MET A 279 -33.33 11.38 27.00
C MET A 279 -34.32 12.17 27.84
N ASN A 280 -35.34 12.80 27.25
CA ASN A 280 -36.30 13.52 28.07
C ASN A 280 -37.06 12.59 29.01
N TYR A 281 -37.13 11.29 28.69
CA TYR A 281 -37.85 10.34 29.52
C TYR A 281 -37.19 10.21 30.89
N ILE A 282 -35.91 9.82 30.91
CA ILE A 282 -35.22 9.62 32.17
C ILE A 282 -35.06 10.94 32.92
N SER A 283 -35.00 12.05 32.17
CA SER A 283 -34.90 13.36 32.81
C SER A 283 -36.15 13.68 33.62
N ARG A 284 -37.33 13.49 33.01
CA ARG A 284 -38.58 13.69 33.72
C ARG A 284 -38.68 12.78 34.93
N HIS A 285 -38.24 11.52 34.80
CA HIS A 285 -38.31 10.60 35.92
C HIS A 285 -37.42 11.05 37.08
N MET A 286 -36.24 11.58 36.76
CA MET A 286 -35.33 12.02 37.83
C MET A 286 -35.87 13.26 38.52
N GLU A 287 -36.59 14.11 37.80
CA GLU A 287 -37.24 15.25 38.46
C GLU A 287 -38.31 14.77 39.42
N GLU A 288 -39.15 13.83 38.98
CA GLU A 288 -40.25 13.35 39.82
C GLU A 288 -39.73 12.68 41.08
N LYS A 289 -38.74 11.78 40.94
CA LYS A 289 -38.33 10.94 42.04
C LYS A 289 -37.25 11.56 42.92
N TYR A 290 -36.31 12.29 42.33
CA TYR A 290 -35.20 12.86 43.07
C TYR A 290 -35.25 14.37 43.16
N GLY A 291 -36.25 15.02 42.58
CA GLY A 291 -36.34 16.47 42.64
C GLY A 291 -35.29 17.20 41.83
N ILE A 292 -34.57 16.51 40.95
CA ILE A 292 -33.51 17.13 40.16
C ILE A 292 -34.14 17.84 38.97
N PRO A 293 -33.96 19.16 38.84
CA PRO A 293 -34.46 19.84 37.65
C PRO A 293 -33.57 19.58 36.44
N TRP A 294 -34.15 19.77 35.26
CA TRP A 294 -33.41 19.59 34.01
C TRP A 294 -33.73 20.75 33.08
N MET A 295 -32.77 21.05 32.20
CA MET A 295 -32.90 22.12 31.23
C MET A 295 -32.26 21.71 29.91
N GLU A 296 -32.85 22.17 28.82
CA GLU A 296 -32.29 21.93 27.50
C GLU A 296 -31.21 22.98 27.21
N TYR A 297 -30.15 22.56 26.51
CA TYR A 297 -29.11 23.48 26.09
C TYR A 297 -28.63 23.08 24.70
N ASN A 298 -27.77 23.93 24.13
CA ASN A 298 -27.33 23.78 22.75
C ASN A 298 -25.90 24.29 22.65
N PHE A 299 -24.98 23.42 22.24
CA PHE A 299 -23.57 23.74 22.14
C PHE A 299 -23.08 23.71 20.69
N PHE A 300 -23.98 23.95 19.73
CA PHE A 300 -23.62 24.05 18.32
C PHE A 300 -23.40 25.51 17.97
N GLY A 301 -22.15 25.90 17.78
CA GLY A 301 -21.81 27.25 17.39
C GLY A 301 -21.63 28.16 18.58
N PRO A 302 -20.91 29.27 18.38
CA PRO A 302 -20.65 30.17 19.51
C PRO A 302 -21.90 30.86 20.04
N THR A 303 -22.81 31.27 19.15
CA THR A 303 -24.01 31.96 19.60
C THR A 303 -24.80 31.11 20.58
N LYS A 304 -25.10 29.86 20.19
CA LYS A 304 -25.87 28.98 21.07
C LYS A 304 -25.07 28.55 22.28
N THR A 305 -23.74 28.40 22.14
CA THR A 305 -22.92 27.96 23.26
C THR A 305 -22.82 29.05 24.32
N ILE A 306 -22.57 30.29 23.90
CA ILE A 306 -22.55 31.41 24.84
C ILE A 306 -23.88 31.50 25.57
N GLU A 307 -24.99 31.46 24.83
CA GLU A 307 -26.31 31.56 25.44
C GLU A 307 -26.54 30.41 26.42
N SER A 308 -26.15 29.19 26.03
CA SER A 308 -26.31 28.04 26.91
C SER A 308 -25.52 28.21 28.20
N LEU A 309 -24.25 28.60 28.09
CA LEU A 309 -23.41 28.80 29.27
C LEU A 309 -24.05 29.80 30.22
N ARG A 310 -24.58 30.91 29.70
CA ARG A 310 -25.19 31.93 30.53
C ARG A 310 -26.46 31.42 31.20
N ALA A 311 -27.30 30.69 30.46
CA ALA A 311 -28.50 30.14 31.05
C ALA A 311 -28.15 29.12 32.14
N ILE A 312 -27.17 28.26 31.88
CA ILE A 312 -26.74 27.28 32.86
C ILE A 312 -26.18 27.97 34.10
N ALA A 313 -25.37 29.01 33.90
CA ALA A 313 -24.77 29.72 35.02
C ALA A 313 -25.82 30.43 35.86
N ALA A 314 -26.90 30.91 35.23
CA ALA A 314 -27.95 31.59 35.96
C ALA A 314 -28.64 30.69 36.97
N LYS A 315 -28.48 29.37 36.85
CA LYS A 315 -29.05 28.44 37.81
C LYS A 315 -28.24 28.33 39.09
N PHE A 316 -27.05 28.92 39.13
CA PHE A 316 -26.17 28.82 40.29
C PHE A 316 -25.91 30.21 40.86
N ASP A 317 -24.81 30.38 41.58
CA ASP A 317 -24.55 31.62 42.29
C ASP A 317 -23.64 32.55 41.46
N GLU A 318 -23.35 33.72 42.04
CA GLU A 318 -22.61 34.75 41.31
C GLU A 318 -21.20 34.30 40.95
N SER A 319 -20.63 33.36 41.73
CA SER A 319 -19.27 32.91 41.44
C SER A 319 -19.22 32.11 40.15
N ILE A 320 -20.24 31.29 39.91
CA ILE A 320 -20.31 30.55 38.64
C ILE A 320 -20.58 31.52 37.49
N GLN A 321 -21.39 32.54 37.72
CA GLN A 321 -21.68 33.51 36.68
C GLN A 321 -20.46 34.33 36.30
N LYS A 322 -19.60 34.64 37.28
CA LYS A 322 -18.36 35.34 36.96
C LYS A 322 -17.46 34.47 36.11
N LYS A 323 -17.30 33.20 36.48
CA LYS A 323 -16.49 32.28 35.68
C LYS A 323 -17.09 32.11 34.29
N CYS A 324 -18.42 32.13 34.18
CA CYS A 324 -19.07 32.03 32.88
C CYS A 324 -18.54 33.09 31.92
N GLU A 325 -18.44 34.34 32.39
CA GLU A 325 -17.94 35.41 31.54
C GLU A 325 -16.44 35.27 31.31
N GLU A 326 -15.73 34.68 32.27
CA GLU A 326 -14.30 34.42 32.05
C GLU A 326 -14.10 33.41 30.93
N VAL A 327 -14.97 32.41 30.84
CA VAL A 327 -14.87 31.43 29.75
C VAL A 327 -15.24 32.08 28.42
N ILE A 328 -16.38 32.79 28.40
CA ILE A 328 -16.80 33.48 27.18
C ILE A 328 -15.70 34.42 26.70
N ALA A 329 -15.10 35.18 27.62
CA ALA A 329 -14.03 36.09 27.23
C ALA A 329 -12.79 35.34 26.78
N LYS A 330 -12.52 34.16 27.38
CA LYS A 330 -11.33 33.41 27.02
C LYS A 330 -11.39 32.94 25.56
N TYR A 331 -12.50 32.31 25.18
CA TYR A 331 -12.62 31.72 23.85
C TYR A 331 -13.07 32.71 22.78
N LYS A 332 -13.50 33.92 23.17
CA LYS A 332 -13.99 34.90 22.21
C LYS A 332 -13.03 35.10 21.03
N PRO A 333 -11.74 35.41 21.23
CA PRO A 333 -10.87 35.62 20.07
C PRO A 333 -10.73 34.37 19.21
N GLU A 334 -10.93 33.19 19.76
CA GLU A 334 -10.71 31.97 18.99
C GLU A 334 -11.83 31.75 17.98
N TRP A 335 -13.09 31.80 18.42
CA TRP A 335 -14.17 31.61 17.46
C TRP A 335 -14.36 32.83 16.58
N GLU A 336 -13.93 34.01 17.02
CA GLU A 336 -13.95 35.17 16.14
C GLU A 336 -12.99 34.99 14.97
N ALA A 337 -11.82 34.39 15.23
CA ALA A 337 -10.89 34.12 14.14
C ALA A 337 -11.47 33.09 13.18
N VAL A 338 -12.22 32.12 13.70
CA VAL A 338 -12.83 31.10 12.85
C VAL A 338 -13.84 31.74 11.89
N VAL A 339 -14.72 32.59 12.43
CA VAL A 339 -15.72 33.23 11.57
C VAL A 339 -15.05 34.21 10.62
N ALA A 340 -14.05 34.97 11.09
CA ALA A 340 -13.38 35.92 10.21
C ALA A 340 -12.79 35.22 8.99
N LYS A 341 -12.36 33.97 9.15
CA LYS A 341 -11.72 33.23 8.06
C LYS A 341 -12.74 32.47 7.21
N TYR A 342 -13.74 31.87 7.83
CA TYR A 342 -14.63 30.95 7.11
C TYR A 342 -15.99 31.55 6.76
N ARG A 343 -16.47 32.52 7.52
CA ARG A 343 -17.74 33.16 7.17
C ARG A 343 -17.71 33.77 5.79
N PRO A 344 -16.68 34.51 5.38
CA PRO A 344 -16.65 35.02 4.00
C PRO A 344 -16.75 33.92 2.96
N ARG A 345 -16.25 32.73 3.25
CA ARG A 345 -16.21 31.65 2.28
C ARG A 345 -17.50 30.84 2.23
N LEU A 346 -18.44 31.09 3.15
CA LEU A 346 -19.69 30.33 3.21
C LEU A 346 -20.95 31.19 3.21
N GLU A 347 -20.85 32.50 3.37
CA GLU A 347 -22.03 33.33 3.54
C GLU A 347 -22.95 33.22 2.33
N GLY A 348 -24.26 33.32 2.59
CA GLY A 348 -25.25 33.31 1.54
C GLY A 348 -25.51 31.96 0.89
N LYS A 349 -24.84 30.90 1.35
CA LYS A 349 -25.03 29.58 0.76
C LYS A 349 -26.10 28.81 1.52
N ARG A 350 -26.92 28.09 0.77
CA ARG A 350 -28.14 27.48 1.28
C ARG A 350 -27.91 26.01 1.59
N VAL A 351 -28.46 25.56 2.72
CA VAL A 351 -28.23 24.23 3.25
C VAL A 351 -29.56 23.53 3.43
N MET A 352 -29.59 22.23 3.13
CA MET A 352 -30.71 21.36 3.44
C MET A 352 -30.22 20.26 4.37
N LEU A 353 -30.99 19.99 5.43
CA LEU A 353 -30.63 19.00 6.42
C LEU A 353 -31.65 17.88 6.45
N TYR A 354 -31.18 16.67 6.73
CA TYR A 354 -32.06 15.57 7.12
C TYR A 354 -31.28 14.66 8.04
N ILE A 355 -31.67 14.61 9.31
CA ILE A 355 -30.98 13.79 10.30
C ILE A 355 -32.04 13.09 11.17
N GLY A 356 -31.75 12.91 12.45
CA GLY A 356 -32.50 11.96 13.26
C GLY A 356 -33.58 12.51 14.17
N GLY A 357 -33.20 13.10 15.30
CA GLY A 357 -34.17 13.52 16.28
C GLY A 357 -33.83 14.80 17.02
N LEU A 358 -32.69 15.41 16.68
CA LEU A 358 -32.25 16.61 17.38
C LEU A 358 -31.51 17.55 16.44
N ARG A 359 -30.49 17.04 15.77
CA ARG A 359 -29.60 17.91 15.00
C ARG A 359 -30.29 18.65 13.86
N PRO A 360 -31.37 18.16 13.26
CA PRO A 360 -32.02 18.94 12.19
C PRO A 360 -32.38 20.36 12.61
N ARG A 361 -32.62 20.60 13.90
CA ARG A 361 -32.82 21.95 14.41
C ARG A 361 -31.63 22.46 15.21
N HIS A 362 -30.87 21.56 15.84
CA HIS A 362 -29.86 21.96 16.81
C HIS A 362 -28.63 22.60 16.16
N VAL A 363 -28.34 22.29 14.90
CA VAL A 363 -27.15 22.81 14.24
C VAL A 363 -27.44 24.05 13.41
N ILE A 364 -28.69 24.50 13.36
CA ILE A 364 -29.02 25.69 12.55
C ILE A 364 -28.19 26.88 13.00
N GLY A 365 -28.19 27.15 14.30
CA GLY A 365 -27.48 28.32 14.81
C GLY A 365 -26.03 28.38 14.39
N ALA A 366 -25.36 27.22 14.26
CA ALA A 366 -23.97 27.20 13.85
C ALA A 366 -23.81 27.57 12.38
N TYR A 367 -24.71 27.08 11.52
CA TYR A 367 -24.66 27.47 10.11
C TYR A 367 -24.86 28.96 9.94
N GLU A 368 -25.79 29.54 10.70
CA GLU A 368 -26.03 30.97 10.57
C GLU A 368 -24.87 31.79 11.12
N ASP A 369 -24.17 31.27 12.13
CA ASP A 369 -22.93 31.90 12.59
C ASP A 369 -21.87 31.94 11.50
N LEU A 370 -22.04 31.18 10.43
CA LEU A 370 -21.15 31.22 9.28
C LEU A 370 -21.82 31.87 8.07
N GLY A 371 -22.92 32.59 8.27
CA GLY A 371 -23.60 33.29 7.20
C GLY A 371 -24.44 32.41 6.29
N MET A 372 -24.63 31.14 6.64
CA MET A 372 -25.38 30.23 5.79
C MET A 372 -26.86 30.24 6.19
N GLU A 373 -27.68 29.69 5.30
CA GLU A 373 -29.13 29.68 5.48
C GLU A 373 -29.64 28.25 5.30
N VAL A 374 -30.35 27.74 6.29
CA VAL A 374 -30.95 26.41 6.21
C VAL A 374 -32.33 26.58 5.57
N VAL A 375 -32.44 26.17 4.30
CA VAL A 375 -33.69 26.32 3.56
C VAL A 375 -34.60 25.10 3.70
N GLY A 376 -34.16 24.05 4.37
CA GLY A 376 -34.98 22.87 4.55
C GLY A 376 -34.39 21.92 5.57
N THR A 377 -35.24 21.32 6.41
CA THR A 377 -34.77 20.36 7.40
C THR A 377 -35.88 19.34 7.67
N GLY A 378 -35.50 18.26 8.34
CA GLY A 378 -36.45 17.22 8.66
C GLY A 378 -35.80 16.14 9.49
N TYR A 379 -36.65 15.35 10.13
CA TYR A 379 -36.22 14.28 11.01
C TYR A 379 -36.66 12.93 10.48
N GLU A 380 -35.95 11.88 10.91
CA GLU A 380 -36.38 10.51 10.66
C GLU A 380 -37.49 10.09 11.62
N PHE A 381 -37.37 10.47 12.91
CA PHE A 381 -38.22 9.88 13.94
C PHE A 381 -38.60 10.86 15.05
N ALA A 382 -38.52 12.15 14.82
CA ALA A 382 -38.86 13.11 15.86
C ALA A 382 -40.36 13.11 16.12
N HIS A 383 -40.75 13.65 17.27
CA HIS A 383 -42.14 13.80 17.63
C HIS A 383 -42.56 15.26 17.47
N ASN A 384 -43.85 15.52 17.69
CA ASN A 384 -44.36 16.87 17.44
C ASN A 384 -43.75 17.89 18.39
N ASP A 385 -43.32 17.47 19.58
CA ASP A 385 -42.65 18.41 20.48
C ASP A 385 -41.32 18.87 19.93
N ASP A 386 -40.62 18.02 19.17
CA ASP A 386 -39.43 18.47 18.46
C ASP A 386 -39.80 19.46 17.35
N TYR A 387 -40.90 19.21 16.65
CA TYR A 387 -41.30 20.08 15.55
C TYR A 387 -41.77 21.43 16.07
N ASP A 388 -42.34 21.48 17.27
CA ASP A 388 -42.61 22.77 17.91
C ASP A 388 -41.32 23.57 18.03
N ARG A 389 -40.26 22.95 18.56
CA ARG A 389 -38.99 23.64 18.71
C ARG A 389 -38.36 23.95 17.35
N THR A 390 -38.67 23.16 16.32
CA THR A 390 -38.03 23.36 15.02
C THR A 390 -38.52 24.63 14.34
N MET A 391 -39.81 24.93 14.46
CA MET A 391 -40.37 26.11 13.78
C MET A 391 -39.82 27.40 14.36
N LYS A 392 -39.50 27.43 15.66
CA LYS A 392 -38.92 28.63 16.24
C LYS A 392 -37.52 28.89 15.70
N GLU A 393 -36.81 27.85 15.28
CA GLU A 393 -35.45 27.99 14.75
C GLU A 393 -35.40 28.10 13.24
N MET A 394 -36.35 27.51 12.53
CA MET A 394 -36.31 27.53 11.08
C MET A 394 -36.90 28.83 10.54
N GLY A 395 -36.45 29.22 9.35
CA GLY A 395 -36.86 30.47 8.76
C GLY A 395 -38.25 30.39 8.15
N ASP A 396 -38.75 31.57 7.78
CA ASP A 396 -40.04 31.66 7.11
C ASP A 396 -39.99 30.95 5.76
N SER A 397 -41.05 30.22 5.44
CA SER A 397 -41.19 29.52 4.16
C SER A 397 -40.15 28.42 3.97
N THR A 398 -39.57 27.91 5.05
CA THR A 398 -38.70 26.74 4.93
C THR A 398 -39.54 25.52 4.57
N LEU A 399 -38.84 24.49 4.07
CA LEU A 399 -39.47 23.21 3.74
C LEU A 399 -39.21 22.22 4.88
N LEU A 400 -40.26 21.51 5.27
CA LEU A 400 -40.23 20.61 6.43
C LEU A 400 -40.72 19.25 5.98
N TYR A 401 -39.89 18.21 6.20
CA TYR A 401 -40.22 16.86 5.77
C TYR A 401 -39.95 15.89 6.92
N ASP A 402 -40.98 15.12 7.29
CA ASP A 402 -40.89 14.12 8.33
C ASP A 402 -40.86 12.73 7.69
N ASP A 403 -39.90 11.91 8.12
CA ASP A 403 -39.72 10.56 7.58
C ASP A 403 -39.71 10.60 6.06
N VAL A 404 -38.82 11.44 5.53
CA VAL A 404 -38.80 11.69 4.10
C VAL A 404 -38.46 10.41 3.36
N THR A 405 -39.13 10.20 2.22
CA THR A 405 -38.81 9.07 1.37
C THR A 405 -37.58 9.40 0.51
N GLY A 406 -36.91 8.34 0.04
CA GLY A 406 -35.78 8.54 -0.85
C GLY A 406 -36.16 9.34 -2.09
N TYR A 407 -37.31 9.03 -2.67
CA TYR A 407 -37.78 9.78 -3.84
C TYR A 407 -38.04 11.23 -3.50
N GLU A 408 -38.72 11.50 -2.38
CA GLU A 408 -39.02 12.86 -1.99
C GLU A 408 -37.76 13.70 -1.85
N PHE A 409 -36.82 13.23 -1.01
CA PHE A 409 -35.59 13.99 -0.79
C PHE A 409 -34.89 14.29 -2.10
N GLU A 410 -34.80 13.29 -2.97
CA GLU A 410 -34.17 13.51 -4.27
C GLU A 410 -34.89 14.63 -5.03
N GLU A 411 -36.21 14.50 -5.20
CA GLU A 411 -36.96 15.49 -5.98
C GLU A 411 -36.90 16.87 -5.33
N PHE A 412 -37.04 16.93 -4.01
CA PHE A 412 -36.96 18.22 -3.33
C PHE A 412 -35.63 18.90 -3.61
N VAL A 413 -34.54 18.13 -3.63
CA VAL A 413 -33.22 18.71 -3.83
C VAL A 413 -33.06 19.16 -5.28
N LYS A 414 -33.64 18.39 -6.21
CA LYS A 414 -33.52 18.73 -7.63
C LYS A 414 -34.08 20.12 -7.92
N ARG A 415 -35.09 20.56 -7.16
CA ARG A 415 -35.73 21.84 -7.42
C ARG A 415 -35.13 22.97 -6.58
N ILE A 416 -34.90 22.71 -5.29
CA ILE A 416 -34.34 23.75 -4.42
C ILE A 416 -32.90 24.03 -4.79
N LYS A 417 -32.13 23.00 -5.13
CA LYS A 417 -30.75 23.15 -5.57
C LYS A 417 -29.92 23.82 -4.50
N PRO A 418 -29.85 23.25 -3.29
CA PRO A 418 -29.01 23.85 -2.25
C PRO A 418 -27.54 23.72 -2.58
N ASP A 419 -26.74 24.58 -1.93
CA ASP A 419 -25.30 24.53 -2.08
C ASP A 419 -24.65 23.45 -1.23
N LEU A 420 -25.34 22.97 -0.19
CA LEU A 420 -24.80 21.94 0.69
C LEU A 420 -25.95 21.12 1.24
N ILE A 421 -25.71 19.82 1.42
CA ILE A 421 -26.66 18.91 2.04
C ILE A 421 -25.96 18.25 3.23
N GLY A 422 -26.61 18.29 4.38
CA GLY A 422 -26.11 17.59 5.56
C GLY A 422 -27.05 16.49 5.98
N SER A 423 -26.64 15.23 5.77
CA SER A 423 -27.50 14.10 6.10
C SER A 423 -26.67 12.87 6.45
N GLY A 424 -27.19 11.68 6.15
CA GLY A 424 -26.57 10.44 6.58
C GLY A 424 -25.81 9.73 5.48
N ILE A 425 -25.33 8.53 5.82
CA ILE A 425 -24.47 7.78 4.92
C ILE A 425 -25.24 7.22 3.74
N LYS A 426 -26.52 6.88 3.94
CA LYS A 426 -27.33 6.36 2.85
C LYS A 426 -27.69 7.42 1.82
N GLU A 427 -27.57 8.70 2.18
CA GLU A 427 -27.84 9.81 1.28
C GLU A 427 -26.58 10.37 0.64
N LYS A 428 -25.42 10.19 1.28
CA LYS A 428 -24.22 10.95 0.91
C LYS A 428 -23.88 10.79 -0.56
N PHE A 429 -23.71 9.55 -1.00
CA PHE A 429 -23.17 9.31 -2.34
C PHE A 429 -24.20 9.56 -3.44
N ILE A 430 -25.49 9.65 -3.10
CA ILE A 430 -26.49 10.04 -4.08
C ILE A 430 -26.24 11.46 -4.55
N PHE A 431 -26.11 12.39 -3.60
CA PHE A 431 -26.05 13.81 -3.96
C PHE A 431 -24.67 14.23 -4.43
N GLN A 432 -23.61 13.53 -3.98
CA GLN A 432 -22.31 13.78 -4.56
C GLN A 432 -22.32 13.56 -6.06
N LYS A 433 -22.98 12.48 -6.50
CA LYS A 433 -23.08 12.22 -7.94
C LYS A 433 -23.87 13.32 -8.65
N MET A 434 -24.81 13.95 -7.95
CA MET A 434 -25.56 15.07 -8.50
C MET A 434 -24.77 16.37 -8.50
N GLY A 435 -23.54 16.36 -8.01
CA GLY A 435 -22.74 17.57 -7.97
C GLY A 435 -23.08 18.52 -6.84
N ILE A 436 -23.60 18.00 -5.73
CA ILE A 436 -24.01 18.81 -4.60
C ILE A 436 -23.11 18.47 -3.42
N PRO A 437 -22.30 19.40 -2.92
CA PRO A 437 -21.47 19.12 -1.74
C PRO A 437 -22.29 18.53 -0.59
N PHE A 438 -21.73 17.51 0.05
CA PHE A 438 -22.41 16.76 1.09
C PHE A 438 -21.52 16.60 2.31
N ARG A 439 -22.11 16.79 3.50
CA ARG A 439 -21.43 16.55 4.77
C ARG A 439 -22.27 15.60 5.61
N GLU A 440 -21.68 14.50 6.04
CA GLU A 440 -22.36 13.60 6.98
C GLU A 440 -22.61 14.34 8.29
N MET A 441 -23.86 14.38 8.72
CA MET A 441 -24.23 15.06 9.97
C MET A 441 -24.64 14.09 11.07
N HIS A 442 -24.34 12.80 10.91
CA HIS A 442 -24.36 11.88 12.05
C HIS A 442 -22.92 11.64 12.49
N SER A 443 -22.16 10.98 11.61
CA SER A 443 -20.77 10.63 11.89
C SER A 443 -19.82 11.81 11.80
N TRP A 444 -20.30 13.00 11.47
CA TRP A 444 -19.46 14.16 11.16
C TRP A 444 -18.48 13.84 10.04
N ASP A 445 -18.79 12.84 9.21
CA ASP A 445 -17.88 12.39 8.17
C ASP A 445 -16.50 12.10 8.75
N TYR A 446 -16.49 11.42 9.90
CA TYR A 446 -15.28 10.93 10.55
C TYR A 446 -14.36 12.06 11.00
N SER A 447 -14.92 13.25 11.19
CA SER A 447 -14.23 14.41 11.72
C SER A 447 -14.85 14.77 13.07
N GLY A 448 -14.86 16.05 13.42
CA GLY A 448 -15.38 16.49 14.69
C GLY A 448 -14.30 16.48 15.76
N PRO A 449 -14.66 16.87 17.00
CA PRO A 449 -16.01 17.21 17.47
C PRO A 449 -16.60 18.47 16.84
N TYR A 450 -17.92 18.62 16.92
CA TYR A 450 -18.60 19.85 16.50
C TYR A 450 -19.24 20.63 17.64
N HIS A 451 -19.31 20.06 18.85
CA HIS A 451 -19.86 20.78 19.99
C HIS A 451 -18.82 21.74 20.57
N GLY A 452 -19.32 22.84 21.13
CA GLY A 452 -18.48 23.77 21.85
C GLY A 452 -17.70 24.69 20.94
N PHE A 453 -16.84 25.50 21.55
CA PHE A 453 -15.98 26.40 20.79
C PHE A 453 -14.94 25.63 20.00
N ASP A 454 -14.32 24.62 20.60
CA ASP A 454 -13.35 23.82 19.87
C ASP A 454 -14.01 23.04 18.75
N GLY A 455 -15.28 22.66 18.92
CA GLY A 455 -15.98 21.96 17.86
C GLY A 455 -16.38 22.87 16.72
N PHE A 456 -16.65 24.15 17.01
CA PHE A 456 -17.03 25.08 15.96
C PHE A 456 -15.90 25.27 14.96
N ALA A 457 -14.65 25.29 15.44
CA ALA A 457 -13.52 25.44 14.53
C ALA A 457 -13.46 24.29 13.53
N ILE A 458 -13.64 23.06 14.02
CA ILE A 458 -13.63 21.89 13.13
C ILE A 458 -14.84 21.92 12.20
N PHE A 459 -16.01 22.29 12.74
CA PHE A 459 -17.21 22.38 11.93
C PHE A 459 -17.02 23.38 10.78
N ALA A 460 -16.56 24.58 11.11
CA ALA A 460 -16.34 25.57 10.05
C ALA A 460 -15.32 25.08 9.05
N ARG A 461 -14.23 24.47 9.51
CA ARG A 461 -13.26 23.89 8.60
C ARG A 461 -13.91 22.87 7.68
N ASP A 462 -14.79 22.03 8.22
CA ASP A 462 -15.34 20.92 7.45
C ASP A 462 -16.33 21.41 6.39
N MET A 463 -17.21 22.34 6.74
CA MET A 463 -18.14 22.86 5.73
C MET A 463 -17.39 23.56 4.61
N ASP A 464 -16.36 24.34 4.94
CA ASP A 464 -15.61 25.06 3.91
C ASP A 464 -14.87 24.10 2.98
N MET A 465 -14.22 23.07 3.54
CA MET A 465 -13.42 22.18 2.71
C MET A 465 -14.29 21.47 1.67
N THR A 466 -15.52 21.13 2.02
CA THR A 466 -16.39 20.38 1.13
C THR A 466 -17.11 21.28 0.14
N LEU A 467 -17.69 22.38 0.62
CA LEU A 467 -18.47 23.24 -0.25
C LEU A 467 -17.60 23.89 -1.33
N ASN A 468 -16.40 24.33 -0.97
CA ASN A 468 -15.53 25.05 -1.88
C ASN A 468 -14.51 24.15 -2.58
N ASN A 469 -14.69 22.84 -2.53
CA ASN A 469 -13.68 21.93 -3.04
C ASN A 469 -13.61 21.99 -4.56
N PRO A 470 -12.42 21.89 -5.15
CA PRO A 470 -12.32 21.98 -6.62
C PRO A 470 -12.97 20.83 -7.35
N CYS A 471 -13.28 19.72 -6.67
CA CYS A 471 -13.86 18.57 -7.37
C CYS A 471 -15.22 18.91 -7.98
N TRP A 472 -15.95 19.85 -7.38
CA TRP A 472 -17.35 20.08 -7.75
C TRP A 472 -17.52 20.75 -9.10
N LYS A 473 -16.53 21.48 -9.59
CA LYS A 473 -16.64 22.10 -10.90
C LYS A 473 -16.16 21.19 -12.03
N LYS A 474 -15.95 19.90 -11.74
CA LYS A 474 -15.42 18.96 -12.73
C LYS A 474 -16.43 17.87 -13.10
N LEU A 475 -17.70 18.02 -12.70
CA LEU A 475 -18.67 16.96 -12.94
C LEU A 475 -19.01 16.82 -14.42
N GLN A 476 -18.90 17.91 -15.19
CA GLN A 476 -19.26 17.91 -16.61
C GLN A 476 -18.01 17.84 -17.45
N ALA A 477 -17.93 16.82 -18.30
CA ALA A 477 -16.80 16.72 -19.21
C ALA A 477 -16.84 17.87 -20.22
N PRO A 478 -15.68 18.44 -20.57
CA PRO A 478 -15.71 19.62 -21.46
C PRO A 478 -16.32 19.35 -22.83
N TRP A 479 -16.44 18.09 -23.24
CA TRP A 479 -16.96 17.74 -24.56
C TRP A 479 -18.43 17.33 -24.52
N GLU A 480 -19.08 17.45 -23.37
CA GLU A 480 -20.49 17.06 -23.16
C GLU A 480 -20.58 15.55 -22.97
N SER B 2 -8.59 24.41 23.39
CA SER B 2 -8.36 25.59 22.58
C SER B 2 -8.06 25.21 21.14
N GLN B 3 -8.08 26.19 20.25
CA GLN B 3 -7.81 25.99 18.84
C GLN B 3 -6.98 27.15 18.31
N GLN B 4 -6.02 26.83 17.46
CA GLN B 4 -5.29 27.82 16.67
C GLN B 4 -5.91 27.84 15.28
N VAL B 5 -6.40 29.02 14.86
CA VAL B 5 -7.28 29.07 13.70
C VAL B 5 -6.59 28.53 12.45
N ASP B 6 -5.27 28.65 12.35
CA ASP B 6 -4.56 28.23 11.15
C ASP B 6 -4.03 26.81 11.21
N LYS B 7 -4.22 26.11 12.33
CA LYS B 7 -3.81 24.70 12.46
C LYS B 7 -4.85 24.01 13.35
N ILE B 8 -6.04 23.80 12.80
CA ILE B 8 -7.15 23.26 13.57
C ILE B 8 -6.92 21.79 13.86
N LYS B 9 -7.23 21.37 15.09
CA LYS B 9 -7.05 19.99 15.52
C LYS B 9 -8.39 19.28 15.54
N ALA B 10 -8.48 18.13 14.86
CA ALA B 10 -9.62 17.25 15.03
C ALA B 10 -9.45 16.45 16.33
N SER B 11 -10.39 15.52 16.58
CA SER B 11 -10.37 14.79 17.84
C SER B 11 -8.98 14.27 18.16
N TYR B 12 -8.32 13.66 17.18
CA TYR B 12 -6.88 13.45 17.26
C TYR B 12 -6.19 14.54 16.49
N PRO B 13 -5.26 15.32 17.09
CA PRO B 13 -4.71 15.21 18.43
C PRO B 13 -5.28 16.19 19.46
N LEU B 14 -6.47 16.76 19.20
CA LEU B 14 -7.02 17.78 20.08
C LEU B 14 -7.01 17.32 21.53
N PHE B 15 -7.57 16.14 21.80
CA PHE B 15 -7.75 15.70 23.18
C PHE B 15 -6.46 15.24 23.84
N LEU B 16 -5.32 15.32 23.14
CA LEU B 16 -4.03 15.13 23.77
C LEU B 16 -3.49 16.41 24.40
N ASP B 17 -4.15 17.55 24.17
CA ASP B 17 -3.77 18.77 24.87
C ASP B 17 -3.85 18.54 26.38
N GLN B 18 -3.00 19.27 27.11
CA GLN B 18 -2.88 19.01 28.55
C GLN B 18 -4.19 19.26 29.28
N ASP B 19 -4.92 20.32 28.92
CA ASP B 19 -6.14 20.65 29.64
C ASP B 19 -7.21 19.59 29.42
N TYR B 20 -7.27 19.00 28.23
CA TYR B 20 -8.16 17.86 28.02
C TYR B 20 -7.65 16.64 28.76
N LYS B 21 -6.34 16.41 28.74
CA LYS B 21 -5.77 15.27 29.43
C LYS B 21 -6.06 15.35 30.93
N ASP B 22 -5.90 16.53 31.52
CA ASP B 22 -6.21 16.69 32.94
C ASP B 22 -7.69 16.49 33.21
N MET B 23 -8.54 17.02 32.33
CA MET B 23 -9.99 16.84 32.48
C MET B 23 -10.36 15.37 32.43
N LEU B 24 -9.81 14.63 31.46
CA LEU B 24 -10.16 13.22 31.32
C LEU B 24 -9.69 12.43 32.53
N ALA B 25 -8.54 12.78 33.09
CA ALA B 25 -8.06 12.11 34.30
C ALA B 25 -8.95 12.45 35.49
N LYS B 26 -9.44 13.69 35.54
CA LYS B 26 -10.35 14.09 36.62
C LYS B 26 -11.67 13.34 36.52
N LYS B 27 -12.18 13.14 35.30
CA LYS B 27 -13.40 12.35 35.12
C LYS B 27 -13.23 10.93 35.62
N ARG B 28 -12.12 10.29 35.26
CA ARG B 28 -11.89 8.90 35.63
C ARG B 28 -11.80 8.73 37.14
N ASP B 29 -10.93 9.53 37.79
CA ASP B 29 -10.70 9.36 39.21
C ASP B 29 -11.93 9.68 40.05
N GLY B 30 -12.76 10.62 39.58
CA GLY B 30 -13.90 11.07 40.35
C GLY B 30 -15.10 10.15 40.31
N PHE B 31 -15.50 9.69 39.13
CA PHE B 31 -16.82 9.10 38.98
C PHE B 31 -16.87 7.81 38.17
N GLU B 32 -15.74 7.33 37.64
CA GLU B 32 -15.76 6.13 36.82
C GLU B 32 -15.50 4.86 37.63
N GLU B 33 -14.95 4.97 38.83
CA GLU B 33 -14.67 3.81 39.67
C GLU B 33 -13.93 2.75 38.85
N LYS B 34 -12.92 3.21 38.13
CA LYS B 34 -12.17 2.37 37.20
C LYS B 34 -11.29 1.38 37.96
N TYR B 35 -11.13 0.20 37.38
CA TYR B 35 -10.16 -0.74 37.92
C TYR B 35 -8.76 -0.11 37.84
N PRO B 36 -7.89 -0.38 38.80
CA PRO B 36 -6.55 0.21 38.77
C PRO B 36 -5.75 -0.31 37.59
N GLN B 37 -4.80 0.51 37.13
CA GLN B 37 -4.10 0.18 35.90
C GLN B 37 -3.35 -1.14 36.02
N ASP B 38 -2.73 -1.39 37.18
CA ASP B 38 -2.01 -2.66 37.37
C ASP B 38 -2.93 -3.84 37.15
N LYS B 39 -4.18 -3.73 37.57
CA LYS B 39 -5.15 -4.81 37.36
C LYS B 39 -5.50 -4.93 35.88
N ILE B 40 -5.72 -3.80 35.21
CA ILE B 40 -5.99 -3.83 33.77
C ILE B 40 -4.83 -4.48 33.03
N ASP B 41 -3.60 -4.07 33.35
CA ASP B 41 -2.43 -4.69 32.74
C ASP B 41 -2.42 -6.19 32.99
N GLU B 42 -2.64 -6.59 34.24
CA GLU B 42 -2.57 -8.01 34.59
C GLU B 42 -3.59 -8.83 33.80
N VAL B 43 -4.82 -8.32 33.67
CA VAL B 43 -5.83 -9.07 32.96
C VAL B 43 -5.51 -9.12 31.46
N PHE B 44 -5.00 -8.03 30.90
CA PHE B 44 -4.64 -8.04 29.49
C PHE B 44 -3.60 -9.11 29.20
N GLN B 45 -2.52 -9.14 29.98
CA GLN B 45 -1.51 -10.16 29.81
C GLN B 45 -2.13 -11.55 29.88
N TRP B 46 -3.11 -11.71 30.77
CA TRP B 46 -3.81 -12.99 30.89
C TRP B 46 -4.58 -13.33 29.60
N THR B 47 -5.16 -12.32 28.95
CA THR B 47 -5.90 -12.57 27.72
C THR B 47 -5.00 -12.99 26.56
N THR B 48 -3.68 -12.90 26.71
CA THR B 48 -2.74 -13.32 25.66
C THR B 48 -2.19 -14.72 25.90
N THR B 49 -2.58 -15.38 26.98
CA THR B 49 -1.96 -16.64 27.36
C THR B 49 -2.66 -17.83 26.72
N LYS B 50 -1.93 -18.95 26.64
CA LYS B 50 -2.53 -20.21 26.21
C LYS B 50 -3.64 -20.63 27.17
N GLU B 51 -3.46 -20.39 28.46
CA GLU B 51 -4.51 -20.71 29.43
C GLU B 51 -5.80 -20.02 29.06
N TYR B 52 -5.73 -18.72 28.73
CA TYR B 52 -6.93 -18.00 28.31
C TYR B 52 -7.49 -18.58 27.02
N GLN B 53 -6.62 -19.01 26.11
CA GLN B 53 -7.07 -19.55 24.83
C GLN B 53 -7.92 -20.81 25.03
N GLU B 54 -7.51 -21.69 25.95
CA GLU B 54 -8.29 -22.90 26.18
C GLU B 54 -9.68 -22.57 26.71
N LEU B 55 -9.76 -21.65 27.68
CA LEU B 55 -11.06 -21.16 28.12
C LEU B 55 -11.82 -20.53 26.95
N ASN B 56 -11.11 -19.77 26.11
CA ASN B 56 -11.75 -19.10 24.99
C ASN B 56 -12.38 -20.09 24.02
N PHE B 57 -11.67 -21.16 23.69
CA PHE B 57 -12.16 -22.14 22.74
C PHE B 57 -13.18 -23.10 23.32
N GLN B 58 -13.40 -23.08 24.63
CA GLN B 58 -14.48 -23.85 25.24
C GLN B 58 -15.83 -23.18 25.12
N ARG B 59 -15.90 -21.96 24.56
CA ARG B 59 -17.16 -21.27 24.41
C ARG B 59 -18.15 -22.09 23.59
N GLU B 60 -19.43 -22.03 23.98
CA GLU B 60 -20.48 -22.73 23.26
C GLU B 60 -21.65 -21.79 22.97
N ALA B 61 -21.93 -20.87 23.89
CA ALA B 61 -23.09 -19.99 23.76
C ALA B 61 -22.73 -18.58 23.34
N LEU B 62 -21.57 -18.08 23.77
CA LEU B 62 -21.16 -16.71 23.48
C LEU B 62 -20.35 -16.65 22.18
N THR B 63 -20.70 -15.70 21.32
CA THR B 63 -19.90 -15.36 20.14
C THR B 63 -19.41 -13.92 20.31
N VAL B 64 -18.14 -13.70 20.02
CA VAL B 64 -17.52 -12.38 20.18
C VAL B 64 -16.83 -12.02 18.88
N ASN B 65 -17.22 -10.90 18.29
CA ASN B 65 -16.63 -10.40 17.06
C ASN B 65 -16.78 -11.41 15.93
N PRO B 66 -18.01 -11.66 15.48
CA PRO B 66 -18.19 -12.65 14.40
C PRO B 66 -17.58 -12.18 13.09
N ALA B 67 -17.29 -13.15 12.23
CA ALA B 67 -16.79 -12.89 10.89
C ALA B 67 -17.80 -13.38 9.86
N LYS B 68 -19.04 -12.90 9.97
CA LYS B 68 -20.12 -13.28 9.08
C LYS B 68 -21.29 -12.33 9.31
N ALA B 69 -22.24 -12.34 8.37
CA ALA B 69 -23.45 -11.53 8.47
C ALA B 69 -24.66 -12.43 8.19
N CYS B 70 -25.85 -11.82 8.14
CA CYS B 70 -27.08 -12.59 8.01
C CYS B 70 -27.53 -12.65 6.55
N GLN B 71 -28.34 -13.68 6.26
CA GLN B 71 -28.73 -14.05 4.90
C GLN B 71 -29.18 -12.87 4.05
N PRO B 72 -30.18 -12.09 4.48
CA PRO B 72 -30.74 -11.09 3.57
C PRO B 72 -29.71 -10.11 3.01
N LEU B 73 -28.59 -9.88 3.69
CA LEU B 73 -27.55 -9.03 3.13
C LEU B 73 -27.08 -9.57 1.79
N GLY B 74 -26.96 -10.89 1.67
CA GLY B 74 -26.54 -11.49 0.41
C GLY B 74 -27.63 -11.47 -0.64
N ALA B 75 -28.88 -11.68 -0.22
CA ALA B 75 -30.00 -11.60 -1.16
C ALA B 75 -30.08 -10.22 -1.80
N VAL B 76 -29.75 -9.17 -1.04
CA VAL B 76 -29.76 -7.81 -1.58
C VAL B 76 -28.68 -7.65 -2.65
N LEU B 77 -27.44 -8.06 -2.33
CA LEU B 77 -26.36 -7.91 -3.29
C LEU B 77 -26.65 -8.71 -4.57
N CYS B 78 -27.22 -9.90 -4.42
CA CYS B 78 -27.59 -10.71 -5.59
C CYS B 78 -28.61 -9.99 -6.45
N ALA B 79 -29.65 -9.44 -5.83
CA ALA B 79 -30.69 -8.77 -6.59
C ALA B 79 -30.18 -7.52 -7.28
N LEU B 80 -29.24 -6.81 -6.66
CA LEU B 80 -28.68 -5.62 -7.29
C LEU B 80 -28.01 -5.91 -8.61
N GLY B 81 -27.67 -7.17 -8.89
CA GLY B 81 -27.01 -7.56 -10.11
C GLY B 81 -27.91 -7.77 -11.30
N PHE B 82 -29.19 -7.41 -11.19
CA PHE B 82 -30.16 -7.60 -12.25
C PHE B 82 -30.69 -6.26 -12.73
N GLU B 83 -30.98 -6.19 -14.03
CA GLU B 83 -31.29 -4.92 -14.68
C GLU B 83 -32.50 -4.27 -14.05
N LYS B 84 -32.37 -2.99 -13.70
CA LYS B 84 -33.46 -2.18 -13.17
C LYS B 84 -34.26 -2.94 -12.12
N THR B 85 -33.56 -3.63 -11.23
CA THR B 85 -34.18 -4.47 -10.21
C THR B 85 -34.06 -3.80 -8.85
N MET B 86 -35.18 -3.71 -8.13
CA MET B 86 -35.16 -3.17 -6.79
C MET B 86 -35.11 -4.32 -5.78
N PRO B 87 -34.07 -4.40 -4.94
CA PRO B 87 -34.11 -5.37 -3.84
C PRO B 87 -35.19 -4.98 -2.84
N TYR B 88 -35.92 -5.99 -2.36
CA TYR B 88 -37.11 -5.80 -1.54
C TYR B 88 -37.04 -6.83 -0.43
N VAL B 89 -36.98 -6.38 0.82
CA VAL B 89 -36.84 -7.27 1.96
C VAL B 89 -38.15 -7.21 2.74
N HIS B 90 -38.92 -8.30 2.69
CA HIS B 90 -40.17 -8.40 3.43
C HIS B 90 -39.87 -8.56 4.92
N GLY B 91 -40.28 -7.59 5.72
CA GLY B 91 -40.03 -7.64 7.14
C GLY B 91 -39.86 -6.25 7.71
N SER B 92 -38.99 -6.15 8.70
CA SER B 92 -38.78 -4.91 9.44
C SER B 92 -37.78 -4.01 8.74
N GLN B 93 -38.01 -2.69 8.88
CA GLN B 93 -37.24 -1.72 8.12
C GLN B 93 -35.82 -1.53 8.66
N GLY B 94 -35.58 -1.86 9.93
CA GLY B 94 -34.25 -1.63 10.48
C GLY B 94 -33.18 -2.39 9.74
N CYS B 95 -33.46 -3.65 9.39
CA CYS B 95 -32.48 -4.46 8.66
C CYS B 95 -32.06 -3.76 7.37
N VAL B 96 -33.03 -3.22 6.62
CA VAL B 96 -32.72 -2.61 5.34
C VAL B 96 -31.81 -1.41 5.52
N ALA B 97 -32.04 -0.61 6.56
CA ALA B 97 -31.14 0.49 6.85
C ALA B 97 -29.73 -0.01 7.11
N TYR B 98 -29.59 -1.15 7.79
CA TYR B 98 -28.28 -1.71 8.07
C TYR B 98 -27.64 -2.29 6.81
N PHE B 99 -28.42 -2.98 5.96
CA PHE B 99 -27.86 -3.53 4.73
C PHE B 99 -27.31 -2.41 3.83
N ARG B 100 -28.11 -1.36 3.62
CA ARG B 100 -27.68 -0.24 2.79
C ARG B 100 -26.44 0.42 3.36
N SER B 101 -26.49 0.77 4.65
CA SER B 101 -25.35 1.38 5.31
C SER B 101 -24.11 0.50 5.20
N TYR B 102 -24.26 -0.80 5.44
CA TYR B 102 -23.13 -1.72 5.39
C TYR B 102 -22.47 -1.69 4.01
N PHE B 103 -23.28 -1.73 2.95
CA PHE B 103 -22.73 -1.70 1.60
C PHE B 103 -22.30 -0.29 1.20
N ASN B 104 -23.03 0.75 1.66
CA ASN B 104 -22.57 2.12 1.44
C ASN B 104 -21.10 2.25 1.79
N ARG B 105 -20.72 1.79 2.99
CA ARG B 105 -19.40 2.09 3.53
C ARG B 105 -18.31 1.29 2.83
N HIS B 106 -18.64 0.12 2.28
CA HIS B 106 -17.63 -0.68 1.59
C HIS B 106 -17.38 -0.16 0.19
N PHE B 107 -18.44 0.08 -0.59
CA PHE B 107 -18.31 0.52 -1.96
C PHE B 107 -18.22 2.04 -2.09
N ARG B 108 -18.56 2.78 -1.04
CA ARG B 108 -18.62 4.24 -1.11
C ARG B 108 -19.50 4.69 -2.27
N GLU B 109 -20.67 4.05 -2.36
CA GLU B 109 -21.68 4.30 -3.35
C GLU B 109 -23.10 4.18 -2.84
N PRO B 110 -24.07 4.73 -3.58
CA PRO B 110 -25.47 4.52 -3.20
C PRO B 110 -25.83 3.04 -3.29
N VAL B 111 -26.75 2.63 -2.41
CA VAL B 111 -27.26 1.26 -2.38
C VAL B 111 -28.76 1.35 -2.18
N SER B 112 -29.53 0.98 -3.20
CA SER B 112 -30.97 1.12 -3.20
C SER B 112 -31.61 -0.20 -2.76
N CYS B 113 -32.41 -0.13 -1.70
CA CYS B 113 -33.12 -1.28 -1.17
C CYS B 113 -34.26 -0.75 -0.32
N VAL B 114 -35.38 -1.48 -0.31
CA VAL B 114 -36.59 -1.04 0.37
C VAL B 114 -37.08 -2.13 1.32
N SER B 115 -37.92 -1.70 2.24
CA SER B 115 -38.62 -2.55 3.19
C SER B 115 -40.12 -2.35 3.01
N ASP B 116 -40.92 -3.24 3.58
CA ASP B 116 -42.35 -3.02 3.70
C ASP B 116 -42.75 -2.76 5.15
N SER B 117 -41.77 -2.47 6.00
CA SER B 117 -41.99 -1.86 7.32
C SER B 117 -43.08 -2.59 8.10
N MET B 118 -42.79 -3.86 8.40
CA MET B 118 -43.68 -4.64 9.25
C MET B 118 -43.41 -4.29 10.72
N THR B 119 -44.48 -4.13 11.48
CA THR B 119 -44.38 -3.66 12.85
C THR B 119 -45.10 -4.66 13.77
N GLU B 120 -45.49 -4.18 14.96
CA GLU B 120 -46.19 -5.04 15.92
C GLU B 120 -47.51 -5.57 15.36
N ASP B 121 -48.20 -4.78 14.54
CA ASP B 121 -49.46 -5.24 13.99
C ASP B 121 -49.25 -6.42 13.05
N ALA B 122 -48.23 -6.37 12.21
CA ALA B 122 -47.91 -7.49 11.34
C ALA B 122 -47.34 -8.68 12.10
N ALA B 123 -46.81 -8.46 13.31
CA ALA B 123 -46.28 -9.57 14.09
C ALA B 123 -47.35 -10.53 14.57
N VAL B 124 -48.62 -10.15 14.47
CA VAL B 124 -49.72 -11.02 14.88
C VAL B 124 -50.58 -11.45 13.70
N PHE B 125 -50.71 -10.62 12.66
CA PHE B 125 -51.62 -10.91 11.56
C PHE B 125 -50.91 -11.18 10.24
N GLY B 126 -49.58 -11.02 10.20
CA GLY B 126 -48.83 -11.24 8.97
C GLY B 126 -48.63 -9.96 8.19
N GLY B 127 -47.72 -10.03 7.23
CA GLY B 127 -47.35 -8.88 6.42
C GLY B 127 -48.02 -8.83 5.06
N GLN B 128 -49.13 -9.55 4.91
CA GLN B 128 -49.84 -9.57 3.64
C GLN B 128 -50.14 -8.16 3.15
N GLN B 129 -50.74 -7.33 4.01
CA GLN B 129 -51.07 -5.97 3.59
C GLN B 129 -49.82 -5.16 3.33
N ASN B 130 -48.78 -5.36 4.13
CA ASN B 130 -47.50 -4.70 3.86
C ASN B 130 -47.00 -5.06 2.47
N MET B 131 -47.16 -6.32 2.07
CA MET B 131 -46.66 -6.77 0.77
C MET B 131 -47.43 -6.12 -0.37
N LYS B 132 -48.75 -6.04 -0.25
CA LYS B 132 -49.57 -5.49 -1.33
C LYS B 132 -49.32 -4.00 -1.51
N ASP B 133 -49.35 -3.24 -0.42
CA ASP B 133 -49.02 -1.82 -0.52
C ASP B 133 -47.54 -1.61 -0.83
N GLY B 134 -46.67 -2.47 -0.32
CA GLY B 134 -45.25 -2.32 -0.57
C GLY B 134 -44.91 -2.46 -2.04
N LEU B 135 -45.36 -3.55 -2.66
CA LEU B 135 -45.07 -3.78 -4.08
C LEU B 135 -45.62 -2.66 -4.94
N GLN B 136 -46.86 -2.22 -4.66
CA GLN B 136 -47.45 -1.15 -5.45
C GLN B 136 -46.70 0.17 -5.24
N ASN B 137 -46.39 0.50 -3.99
CA ASN B 137 -45.65 1.73 -3.72
C ASN B 137 -44.27 1.69 -4.36
N CYS B 138 -43.60 0.55 -4.28
CA CYS B 138 -42.25 0.45 -4.84
C CYS B 138 -42.26 0.60 -6.35
N LYS B 139 -43.16 -0.13 -7.03
CA LYS B 139 -43.18 -0.07 -8.50
C LYS B 139 -43.48 1.34 -8.99
N ALA B 140 -44.43 2.02 -8.35
CA ALA B 140 -44.84 3.33 -8.82
C ALA B 140 -43.79 4.40 -8.54
N THR B 141 -43.15 4.35 -7.37
CA THR B 141 -42.26 5.42 -6.97
C THR B 141 -40.89 5.32 -7.62
N TYR B 142 -40.32 4.12 -7.64
CA TYR B 142 -38.95 3.92 -8.11
C TYR B 142 -38.86 3.22 -9.46
N LYS B 143 -39.99 2.81 -10.03
CA LYS B 143 -40.07 2.32 -11.40
C LYS B 143 -39.00 1.28 -11.73
N PRO B 144 -38.88 0.21 -10.96
CA PRO B 144 -38.05 -0.91 -11.39
C PRO B 144 -38.76 -1.75 -12.44
N ASP B 145 -37.97 -2.51 -13.19
CA ASP B 145 -38.52 -3.55 -14.07
C ASP B 145 -38.75 -4.86 -13.34
N MET B 146 -38.23 -4.99 -12.11
CA MET B 146 -38.38 -6.22 -11.34
C MET B 146 -38.15 -5.91 -9.88
N ILE B 147 -38.84 -6.66 -9.02
CA ILE B 147 -38.69 -6.56 -7.58
C ILE B 147 -38.32 -7.95 -7.05
N ALA B 148 -37.14 -8.04 -6.44
CA ALA B 148 -36.63 -9.31 -5.93
C ALA B 148 -36.80 -9.32 -4.41
N VAL B 149 -37.62 -10.26 -3.92
CA VAL B 149 -38.10 -10.23 -2.54
C VAL B 149 -37.32 -11.24 -1.69
N SER B 150 -36.82 -10.77 -0.54
CA SER B 150 -36.28 -11.61 0.51
C SER B 150 -37.02 -11.30 1.82
N THR B 151 -36.52 -11.86 2.92
CA THR B 151 -37.18 -11.73 4.21
C THR B 151 -36.18 -11.37 5.30
N THR B 152 -36.64 -10.56 6.26
CA THR B 152 -35.97 -10.40 7.53
C THR B 152 -36.40 -11.52 8.48
N CYS B 153 -35.63 -11.70 9.55
CA CYS B 153 -35.92 -12.81 10.46
C CYS B 153 -37.28 -12.66 11.13
N MET B 154 -37.80 -11.43 11.25
CA MET B 154 -39.16 -11.26 11.75
C MET B 154 -40.15 -11.99 10.86
N ALA B 155 -40.12 -11.71 9.55
CA ALA B 155 -41.06 -12.34 8.63
C ALA B 155 -40.91 -13.86 8.64
N GLU B 156 -39.70 -14.37 8.87
CA GLU B 156 -39.51 -15.81 8.86
C GLU B 156 -40.10 -16.46 10.10
N VAL B 157 -39.95 -15.82 11.26
CA VAL B 157 -40.42 -16.42 12.50
C VAL B 157 -41.94 -16.54 12.49
N ILE B 158 -42.65 -15.48 12.09
CA ILE B 158 -44.11 -15.52 12.11
C ILE B 158 -44.66 -16.42 11.02
N GLY B 159 -43.92 -16.64 9.93
CA GLY B 159 -44.31 -17.60 8.92
C GLY B 159 -44.98 -17.05 7.68
N ASP B 160 -44.69 -15.80 7.30
CA ASP B 160 -45.30 -15.23 6.10
C ASP B 160 -45.00 -16.08 4.88
N ASP B 161 -46.05 -16.45 4.15
CA ASP B 161 -45.92 -17.20 2.90
C ASP B 161 -45.64 -16.20 1.78
N LEU B 162 -44.38 -16.10 1.39
CA LEU B 162 -44.00 -15.15 0.34
C LEU B 162 -44.77 -15.42 -0.95
N ASN B 163 -44.80 -16.69 -1.39
CA ASN B 163 -45.43 -17.01 -2.66
C ASN B 163 -46.91 -16.63 -2.64
N ALA B 164 -47.62 -17.00 -1.58
CA ALA B 164 -49.05 -16.68 -1.49
C ALA B 164 -49.27 -15.16 -1.43
N PHE B 165 -48.43 -14.45 -0.66
CA PHE B 165 -48.60 -13.02 -0.51
C PHE B 165 -48.38 -12.29 -1.83
N ILE B 166 -47.37 -12.71 -2.61
CA ILE B 166 -47.15 -12.12 -3.92
C ILE B 166 -48.30 -12.45 -4.86
N ASN B 167 -48.71 -13.71 -4.89
CA ASN B 167 -49.83 -14.12 -5.74
C ASN B 167 -51.07 -13.30 -5.44
N ASN B 168 -51.36 -13.08 -4.16
CA ASN B 168 -52.54 -12.27 -3.80
C ASN B 168 -52.37 -10.82 -4.23
N SER B 169 -51.15 -10.29 -4.14
CA SER B 169 -50.92 -8.92 -4.58
C SER B 169 -51.28 -8.74 -6.04
N LYS B 170 -50.95 -9.73 -6.88
CA LYS B 170 -51.28 -9.65 -8.29
C LYS B 170 -52.77 -9.88 -8.51
N LYS B 171 -53.34 -10.88 -7.84
CA LYS B 171 -54.76 -11.16 -8.00
C LYS B 171 -55.63 -9.97 -7.63
N GLU B 172 -55.27 -9.27 -6.55
CA GLU B 172 -56.04 -8.12 -6.08
C GLU B 172 -55.67 -6.82 -6.79
N GLY B 173 -54.78 -6.87 -7.78
CA GLY B 173 -54.53 -5.72 -8.63
C GLY B 173 -53.55 -4.70 -8.10
N PHE B 174 -52.76 -5.03 -7.09
CA PHE B 174 -51.77 -4.08 -6.58
C PHE B 174 -50.58 -3.97 -7.52
N ILE B 175 -50.28 -5.02 -8.27
CA ILE B 175 -49.16 -5.00 -9.21
C ILE B 175 -49.54 -5.77 -10.47
N PRO B 176 -49.07 -5.35 -11.63
CA PRO B 176 -49.44 -6.06 -12.85
C PRO B 176 -49.09 -7.54 -12.78
N ASP B 177 -49.96 -8.36 -13.37
CA ASP B 177 -49.79 -9.81 -13.29
C ASP B 177 -48.46 -10.25 -13.89
N GLU B 178 -48.06 -9.65 -15.01
CA GLU B 178 -46.83 -10.03 -15.69
C GLU B 178 -45.60 -9.33 -15.13
N PHE B 179 -45.74 -8.49 -14.13
CA PHE B 179 -44.59 -7.83 -13.53
C PHE B 179 -43.77 -8.85 -12.74
N PRO B 180 -42.49 -9.02 -13.03
CA PRO B 180 -41.74 -10.10 -12.37
C PRO B 180 -41.42 -9.77 -10.92
N VAL B 181 -41.74 -10.71 -10.04
CA VAL B 181 -41.46 -10.57 -8.61
C VAL B 181 -40.88 -11.88 -8.09
N PRO B 182 -39.64 -12.23 -8.44
CA PRO B 182 -39.02 -13.41 -7.83
C PRO B 182 -38.84 -13.22 -6.33
N PHE B 183 -38.77 -14.34 -5.61
CA PHE B 183 -38.73 -14.29 -4.16
C PHE B 183 -37.88 -15.44 -3.64
N ALA B 184 -37.44 -15.30 -2.39
CA ALA B 184 -36.70 -16.34 -1.69
C ALA B 184 -36.80 -16.07 -0.20
N HIS B 185 -36.98 -17.14 0.58
CA HIS B 185 -36.92 -17.05 2.04
C HIS B 185 -35.46 -17.03 2.48
N THR B 186 -35.11 -16.08 3.35
CA THR B 186 -33.71 -15.80 3.72
C THR B 186 -33.60 -15.66 5.23
N PRO B 187 -33.77 -16.75 5.97
CA PRO B 187 -33.79 -16.66 7.44
C PRO B 187 -32.41 -16.38 8.02
N ALA B 188 -32.33 -15.35 8.86
CA ALA B 188 -31.06 -14.93 9.42
C ALA B 188 -30.47 -15.98 10.36
N PHE B 189 -31.32 -16.77 11.01
CA PHE B 189 -30.86 -17.80 11.93
C PHE B 189 -30.42 -19.07 11.21
N VAL B 190 -30.27 -19.03 9.90
CA VAL B 190 -29.77 -20.15 9.11
C VAL B 190 -28.60 -19.64 8.28
N GLY B 191 -27.46 -20.34 8.36
CA GLY B 191 -26.34 -20.02 7.50
C GLY B 191 -25.80 -18.63 7.73
N SER B 192 -25.49 -17.94 6.64
CA SER B 192 -24.90 -16.61 6.72
C SER B 192 -25.30 -15.82 5.48
N HIS B 193 -24.64 -14.68 5.28
CA HIS B 193 -24.97 -13.80 4.16
C HIS B 193 -24.82 -14.49 2.81
N VAL B 194 -23.88 -15.43 2.69
CA VAL B 194 -23.70 -16.10 1.41
C VAL B 194 -24.88 -17.03 1.12
N THR B 195 -25.45 -17.64 2.15
CA THR B 195 -26.63 -18.48 1.95
C THR B 195 -27.78 -17.66 1.38
N GLY B 196 -27.90 -16.40 1.82
CA GLY B 196 -28.92 -15.54 1.25
C GLY B 196 -28.72 -15.31 -0.24
N TRP B 197 -27.46 -15.13 -0.66
CA TRP B 197 -27.15 -14.99 -2.08
C TRP B 197 -27.61 -16.23 -2.85
N ASP B 198 -27.19 -17.40 -2.39
CA ASP B 198 -27.64 -18.66 -2.98
C ASP B 198 -29.16 -18.70 -3.10
N ASN B 199 -29.86 -18.46 -1.98
CA ASN B 199 -31.32 -18.55 -1.97
C ASN B 199 -31.93 -17.58 -2.96
N MET B 200 -31.45 -16.33 -2.98
CA MET B 200 -32.02 -15.33 -3.86
C MET B 200 -31.82 -15.71 -5.33
N PHE B 201 -30.59 -16.07 -5.70
CA PHE B 201 -30.29 -16.40 -7.08
C PHE B 201 -31.18 -17.56 -7.56
N GLU B 202 -31.19 -18.67 -6.82
CA GLU B 202 -31.99 -19.81 -7.23
C GLU B 202 -33.46 -19.42 -7.35
N GLY B 203 -33.93 -18.53 -6.47
CA GLY B 203 -35.29 -18.05 -6.58
C GLY B 203 -35.54 -17.30 -7.89
N ILE B 204 -34.58 -16.47 -8.30
CA ILE B 204 -34.73 -15.74 -9.55
C ILE B 204 -34.61 -16.68 -10.74
N ALA B 205 -33.71 -17.66 -10.65
CA ALA B 205 -33.49 -18.56 -11.78
C ALA B 205 -34.73 -19.40 -12.09
N ARG B 206 -35.39 -19.94 -11.06
CA ARG B 206 -36.58 -20.74 -11.33
C ARG B 206 -37.76 -19.86 -11.77
N TYR B 207 -37.85 -18.63 -11.26
CA TYR B 207 -38.94 -17.75 -11.67
C TYR B 207 -38.99 -17.61 -13.19
N PHE B 208 -37.83 -17.55 -13.84
CA PHE B 208 -37.75 -17.27 -15.27
C PHE B 208 -37.60 -18.53 -16.11
N THR B 209 -37.47 -19.71 -15.50
CA THR B 209 -37.16 -20.92 -16.26
C THR B 209 -37.94 -22.16 -15.85
N LEU B 210 -38.45 -22.24 -14.63
CA LEU B 210 -39.03 -23.51 -14.17
C LEU B 210 -40.19 -23.95 -15.05
N LYS B 211 -41.03 -23.00 -15.48
CA LYS B 211 -42.23 -23.33 -16.25
C LYS B 211 -42.02 -23.28 -17.75
N SER B 212 -40.80 -22.98 -18.22
CA SER B 212 -40.56 -22.78 -19.65
C SER B 212 -39.52 -23.76 -20.21
N MET B 213 -39.32 -24.91 -19.56
CA MET B 213 -38.26 -25.82 -19.96
C MET B 213 -38.56 -26.59 -21.25
N ASP B 214 -39.81 -26.60 -21.71
CA ASP B 214 -40.17 -27.47 -22.83
C ASP B 214 -39.36 -27.13 -24.09
N ASP B 215 -39.29 -25.85 -24.44
CA ASP B 215 -38.59 -25.44 -25.65
C ASP B 215 -37.08 -25.25 -25.44
N LYS B 216 -36.52 -25.81 -24.37
CA LYS B 216 -35.12 -25.59 -24.05
C LYS B 216 -34.27 -26.71 -24.61
N VAL B 217 -33.12 -26.33 -25.18
CA VAL B 217 -32.14 -27.26 -25.71
C VAL B 217 -30.78 -26.87 -25.15
N VAL B 218 -30.14 -27.78 -24.41
CA VAL B 218 -28.85 -27.49 -23.84
C VAL B 218 -27.84 -27.24 -24.95
N GLY B 219 -27.11 -26.13 -24.84
CA GLY B 219 -26.08 -25.79 -25.78
C GLY B 219 -26.55 -25.01 -27.01
N SER B 220 -27.86 -24.82 -27.17
CA SER B 220 -28.37 -24.24 -28.42
C SER B 220 -27.90 -22.81 -28.61
N ASN B 221 -27.61 -22.08 -27.54
CA ASN B 221 -27.17 -20.69 -27.66
C ASN B 221 -25.65 -20.55 -27.64
N LYS B 222 -24.92 -21.66 -27.43
CA LYS B 222 -23.47 -21.70 -27.57
C LYS B 222 -22.76 -20.81 -26.55
N LYS B 223 -23.40 -20.54 -25.41
CA LYS B 223 -22.80 -19.73 -24.36
C LYS B 223 -22.52 -20.58 -23.12
N ILE B 224 -21.77 -19.98 -22.19
CA ILE B 224 -21.54 -20.54 -20.87
C ILE B 224 -22.06 -19.56 -19.83
N ASN B 225 -22.93 -20.03 -18.95
CA ASN B 225 -23.40 -19.22 -17.83
C ASN B 225 -22.32 -19.17 -16.75
N ILE B 226 -22.15 -17.99 -16.15
CA ILE B 226 -21.23 -17.79 -15.03
C ILE B 226 -22.04 -17.25 -13.86
N VAL B 227 -21.98 -17.94 -12.73
CA VAL B 227 -22.65 -17.52 -11.50
C VAL B 227 -21.57 -17.06 -10.52
N PRO B 228 -21.48 -15.76 -10.20
CA PRO B 228 -20.33 -15.27 -9.43
C PRO B 228 -20.43 -15.48 -7.93
N GLY B 229 -21.66 -15.52 -7.41
CA GLY B 229 -21.86 -15.60 -5.98
C GLY B 229 -21.61 -14.26 -5.30
N PHE B 230 -21.63 -14.30 -3.97
CA PHE B 230 -21.39 -13.13 -3.15
C PHE B 230 -20.01 -12.56 -3.46
N GLU B 231 -19.97 -11.38 -4.07
CA GLU B 231 -18.74 -10.80 -4.59
C GLU B 231 -18.75 -9.30 -4.36
N THR B 232 -17.74 -8.79 -3.66
CA THR B 232 -17.68 -7.39 -3.28
C THR B 232 -16.45 -6.68 -3.85
N TYR B 233 -15.78 -7.29 -4.83
CA TYR B 233 -14.68 -6.66 -5.55
C TYR B 233 -15.12 -6.41 -6.99
N LEU B 234 -15.20 -5.13 -7.38
CA LEU B 234 -15.57 -4.79 -8.75
C LEU B 234 -14.64 -5.47 -9.76
N GLY B 235 -13.34 -5.54 -9.44
CA GLY B 235 -12.39 -6.13 -10.35
C GLY B 235 -12.61 -7.60 -10.60
N ASN B 236 -13.31 -8.29 -9.70
CA ASN B 236 -13.56 -9.72 -9.89
C ASN B 236 -14.66 -9.99 -10.90
N PHE B 237 -15.67 -9.12 -10.98
CA PHE B 237 -16.61 -9.21 -12.09
C PHE B 237 -15.93 -8.89 -13.41
N ARG B 238 -15.06 -7.89 -13.42
CA ARG B 238 -14.50 -7.40 -14.67
C ARG B 238 -13.45 -8.35 -15.23
N VAL B 239 -12.67 -8.99 -14.35
CA VAL B 239 -11.61 -9.87 -14.84
C VAL B 239 -12.21 -11.12 -15.49
N ILE B 240 -13.32 -11.62 -14.95
CA ILE B 240 -13.96 -12.81 -15.52
C ILE B 240 -14.50 -12.50 -16.91
N LYS B 241 -15.23 -11.38 -17.04
CA LYS B 241 -15.74 -10.98 -18.34
C LYS B 241 -14.59 -10.71 -19.31
N ARG B 242 -13.51 -10.13 -18.81
CA ARG B 242 -12.37 -9.81 -19.67
C ARG B 242 -11.71 -11.08 -20.20
N MET B 243 -11.42 -12.04 -19.33
CA MET B 243 -10.76 -13.25 -19.76
C MET B 243 -11.61 -14.03 -20.75
N LEU B 244 -12.94 -14.00 -20.60
CA LEU B 244 -13.80 -14.74 -21.51
C LEU B 244 -13.93 -14.05 -22.86
N SER B 245 -14.01 -12.71 -22.86
CA SER B 245 -13.96 -11.97 -24.12
C SER B 245 -12.64 -12.21 -24.83
N GLU B 246 -11.54 -12.20 -24.08
CA GLU B 246 -10.24 -12.48 -24.66
C GLU B 246 -10.21 -13.85 -25.35
N MET B 247 -10.85 -14.85 -24.73
CA MET B 247 -10.90 -16.20 -25.29
C MET B 247 -11.91 -16.35 -26.42
N GLY B 248 -12.71 -15.32 -26.70
CA GLY B 248 -13.79 -15.47 -27.65
C GLY B 248 -14.89 -16.40 -27.20
N VAL B 249 -15.17 -16.43 -25.90
CA VAL B 249 -16.18 -17.33 -25.34
C VAL B 249 -17.46 -16.53 -25.12
N GLY B 250 -18.56 -16.97 -25.73
CA GLY B 250 -19.85 -16.42 -25.40
C GLY B 250 -20.26 -16.83 -24.01
N TYR B 251 -20.79 -15.87 -23.25
CA TYR B 251 -21.09 -16.10 -21.84
C TYR B 251 -22.21 -15.20 -21.40
N SER B 252 -22.87 -15.60 -20.31
CA SER B 252 -23.84 -14.75 -19.62
C SER B 252 -23.45 -14.73 -18.14
N LEU B 253 -23.06 -13.57 -17.64
CA LEU B 253 -22.78 -13.40 -16.21
C LEU B 253 -24.10 -13.16 -15.50
N LEU B 254 -24.58 -14.17 -14.78
CA LEU B 254 -25.90 -14.13 -14.15
C LEU B 254 -25.76 -13.51 -12.76
N SER B 255 -26.31 -12.31 -12.60
CA SER B 255 -26.11 -11.43 -11.45
C SER B 255 -24.82 -10.65 -11.62
N ASP B 256 -24.93 -9.40 -12.09
CA ASP B 256 -23.78 -8.57 -12.43
C ASP B 256 -24.06 -7.16 -11.92
N PRO B 257 -23.67 -6.86 -10.69
CA PRO B 257 -23.87 -5.51 -10.14
C PRO B 257 -22.77 -4.51 -10.48
N GLU B 258 -21.85 -4.88 -11.37
CA GLU B 258 -20.64 -4.11 -11.57
C GLU B 258 -20.95 -2.67 -11.97
N GLU B 259 -21.97 -2.46 -12.80
CA GLU B 259 -22.28 -1.12 -13.25
C GLU B 259 -22.94 -0.30 -12.14
N VAL B 260 -23.96 -0.86 -11.48
CA VAL B 260 -24.72 -0.10 -10.50
C VAL B 260 -23.87 0.23 -9.27
N LEU B 261 -22.79 -0.51 -9.03
CA LEU B 261 -21.90 -0.25 -7.92
C LEU B 261 -20.72 0.64 -8.29
N ASP B 262 -20.76 1.31 -9.45
CA ASP B 262 -19.65 2.14 -9.87
C ASP B 262 -20.11 3.14 -10.94
N THR B 263 -21.23 3.80 -10.69
CA THR B 263 -21.74 4.78 -11.64
C THR B 263 -20.88 6.04 -11.60
N PRO B 264 -20.78 6.74 -12.72
CA PRO B 264 -19.94 7.95 -12.75
C PRO B 264 -20.60 9.09 -11.98
N ALA B 265 -19.75 9.98 -11.47
CA ALA B 265 -20.21 11.25 -10.88
C ALA B 265 -20.14 12.28 -11.99
N ASP B 266 -21.28 12.50 -12.66
CA ASP B 266 -21.36 13.40 -13.81
C ASP B 266 -22.56 14.33 -13.70
N GLY B 267 -23.03 14.58 -12.49
CA GLY B 267 -24.12 15.51 -12.26
C GLY B 267 -25.50 14.90 -12.17
N GLN B 268 -25.64 13.59 -12.32
CA GLN B 268 -26.94 12.95 -12.21
C GLN B 268 -26.81 11.62 -11.48
N PHE B 269 -27.83 11.32 -10.67
CA PHE B 269 -27.88 10.07 -9.91
C PHE B 269 -28.61 9.01 -10.74
N ARG B 270 -28.02 7.83 -10.84
CA ARG B 270 -28.61 6.70 -11.54
C ARG B 270 -28.89 5.59 -10.54
N MET B 271 -30.17 5.42 -10.19
CA MET B 271 -30.54 4.35 -9.26
C MET B 271 -30.19 2.98 -9.82
N TYR B 272 -30.41 2.77 -11.13
CA TYR B 272 -30.15 1.50 -11.77
C TYR B 272 -29.12 1.69 -12.89
N ALA B 273 -28.34 0.63 -13.13
CA ALA B 273 -27.35 0.65 -14.21
C ALA B 273 -26.90 -0.78 -14.50
N GLY B 274 -26.88 -1.14 -15.78
CA GLY B 274 -26.37 -2.43 -16.20
C GLY B 274 -27.18 -3.57 -15.61
N GLY B 275 -26.49 -4.68 -15.34
CA GLY B 275 -27.10 -5.83 -14.71
C GLY B 275 -27.54 -6.88 -15.72
N THR B 276 -27.72 -8.09 -15.22
CA THR B 276 -28.23 -9.16 -16.05
C THR B 276 -29.65 -8.85 -16.49
N THR B 277 -29.94 -9.10 -17.77
CA THR B 277 -31.27 -8.83 -18.29
C THR B 277 -32.20 -10.02 -18.02
N GLN B 278 -33.50 -9.72 -17.98
CA GLN B 278 -34.49 -10.78 -17.82
C GLN B 278 -34.36 -11.81 -18.94
N GLU B 279 -34.03 -11.37 -20.15
CA GLU B 279 -33.91 -12.31 -21.27
C GLU B 279 -32.70 -13.22 -21.10
N GLU B 280 -31.63 -12.73 -20.45
CA GLU B 280 -30.48 -13.59 -20.20
C GLU B 280 -30.83 -14.69 -19.21
N MET B 281 -31.64 -14.38 -18.19
CA MET B 281 -32.12 -15.42 -17.29
C MET B 281 -33.07 -16.37 -18.01
N LYS B 282 -34.02 -15.82 -18.78
CA LYS B 282 -34.95 -16.66 -19.51
C LYS B 282 -34.22 -17.63 -20.43
N ASP B 283 -33.14 -17.16 -21.07
CA ASP B 283 -32.44 -17.95 -22.09
C ASP B 283 -31.32 -18.80 -21.51
N ALA B 284 -31.02 -18.67 -20.21
CA ALA B 284 -29.85 -19.34 -19.66
C ALA B 284 -29.87 -20.86 -19.78
N PRO B 285 -31.01 -21.55 -19.70
CA PRO B 285 -30.97 -23.02 -19.84
C PRO B 285 -30.51 -23.48 -21.21
N ASN B 286 -30.51 -22.60 -22.22
CA ASN B 286 -29.99 -22.94 -23.54
C ASN B 286 -28.46 -22.86 -23.61
N ALA B 287 -27.80 -22.51 -22.51
CA ALA B 287 -26.35 -22.46 -22.49
C ALA B 287 -25.76 -23.87 -22.57
N LEU B 288 -24.49 -23.93 -22.96
CA LEU B 288 -23.78 -25.20 -22.99
C LEU B 288 -23.65 -25.78 -21.58
N ASN B 289 -23.50 -24.93 -20.58
CA ASN B 289 -23.23 -25.36 -19.21
C ASN B 289 -23.24 -24.11 -18.34
N THR B 290 -23.21 -24.33 -17.02
CA THR B 290 -23.13 -23.25 -16.04
C THR B 290 -21.91 -23.47 -15.16
N VAL B 291 -21.09 -22.43 -15.03
CA VAL B 291 -19.91 -22.46 -14.17
C VAL B 291 -20.22 -21.68 -12.90
N LEU B 292 -19.95 -22.28 -11.75
CA LEU B 292 -20.15 -21.65 -10.45
C LEU B 292 -18.81 -21.16 -9.94
N LEU B 293 -18.66 -19.83 -9.82
CA LEU B 293 -17.39 -19.26 -9.42
C LEU B 293 -17.06 -19.54 -7.96
N GLN B 294 -18.09 -19.67 -7.12
CA GLN B 294 -17.91 -19.87 -5.68
C GLN B 294 -18.85 -21.00 -5.26
N PRO B 295 -18.47 -22.26 -5.55
CA PRO B 295 -19.42 -23.36 -5.38
C PRO B 295 -19.80 -23.65 -3.93
N TRP B 296 -18.94 -23.34 -2.97
CA TRP B 296 -19.22 -23.73 -1.59
C TRP B 296 -20.29 -22.89 -0.93
N HIS B 297 -20.82 -21.85 -1.58
CA HIS B 297 -22.03 -21.20 -1.10
C HIS B 297 -23.07 -21.09 -2.22
N LEU B 298 -23.00 -21.98 -3.21
CA LEU B 298 -23.97 -22.03 -4.30
C LEU B 298 -24.55 -23.43 -4.44
N GLU B 299 -24.78 -24.10 -3.31
CA GLU B 299 -25.25 -25.48 -3.35
C GLU B 299 -26.68 -25.56 -3.86
N LYS B 300 -27.56 -24.70 -3.35
CA LYS B 300 -28.95 -24.69 -3.80
C LYS B 300 -29.04 -24.35 -5.29
N THR B 301 -28.28 -23.35 -5.72
CA THR B 301 -28.23 -23.01 -7.15
C THR B 301 -27.83 -24.22 -7.98
N LYS B 302 -26.76 -24.91 -7.56
CA LYS B 302 -26.27 -26.05 -8.34
C LYS B 302 -27.33 -27.13 -8.50
N LYS B 303 -28.08 -27.41 -7.43
CA LYS B 303 -29.12 -28.43 -7.52
C LYS B 303 -30.17 -28.05 -8.56
N PHE B 304 -30.53 -26.77 -8.63
CA PHE B 304 -31.55 -26.35 -9.58
C PHE B 304 -31.02 -26.36 -11.01
N VAL B 305 -29.79 -25.86 -11.21
CA VAL B 305 -29.20 -25.83 -12.54
C VAL B 305 -28.99 -27.23 -13.08
N GLU B 306 -28.67 -28.19 -12.21
CA GLU B 306 -28.49 -29.56 -12.66
C GLU B 306 -29.82 -30.31 -12.74
N GLY B 307 -30.72 -30.06 -11.79
CA GLY B 307 -31.99 -30.76 -11.76
C GLY B 307 -32.98 -30.30 -12.80
N THR B 308 -33.00 -29.00 -13.09
CA THR B 308 -33.99 -28.41 -13.99
C THR B 308 -33.40 -28.02 -15.33
N TRP B 309 -32.27 -27.30 -15.36
CA TRP B 309 -31.63 -26.97 -16.62
C TRP B 309 -30.88 -28.15 -17.23
N LYS B 310 -30.66 -29.21 -16.46
CA LYS B 310 -29.96 -30.41 -16.93
C LYS B 310 -28.52 -30.12 -17.33
N HIS B 311 -27.94 -29.02 -16.86
CA HIS B 311 -26.53 -28.75 -17.10
C HIS B 311 -25.67 -29.67 -16.23
N GLU B 312 -24.46 -29.93 -16.69
CA GLU B 312 -23.49 -30.76 -15.97
C GLU B 312 -22.43 -29.84 -15.39
N VAL B 313 -22.75 -29.22 -14.25
CA VAL B 313 -21.91 -28.20 -13.65
C VAL B 313 -20.54 -28.81 -13.34
N PRO B 314 -19.46 -28.28 -13.91
CA PRO B 314 -18.15 -28.90 -13.70
C PRO B 314 -17.60 -28.61 -12.32
N LYS B 315 -16.73 -29.51 -11.87
CA LYS B 315 -16.13 -29.44 -10.53
C LYS B 315 -14.89 -28.55 -10.62
N LEU B 316 -15.09 -27.26 -10.37
CA LEU B 316 -14.01 -26.28 -10.40
C LEU B 316 -13.93 -25.56 -9.07
N ASN B 317 -12.70 -25.38 -8.57
CA ASN B 317 -12.47 -24.49 -7.45
C ASN B 317 -12.63 -23.05 -7.91
N ILE B 318 -12.73 -22.14 -6.94
CA ILE B 318 -12.77 -20.71 -7.23
C ILE B 318 -11.54 -20.38 -8.06
N PRO B 319 -11.66 -19.56 -9.12
CA PRO B 319 -10.46 -19.27 -9.94
C PRO B 319 -9.53 -18.28 -9.25
N MET B 320 -8.82 -18.79 -8.24
CA MET B 320 -7.86 -18.01 -7.48
C MET B 320 -6.51 -18.68 -7.52
N GLY B 321 -5.46 -17.88 -7.69
CA GLY B 321 -4.12 -18.41 -7.78
C GLY B 321 -3.83 -18.95 -9.16
N LEU B 322 -2.69 -19.64 -9.26
CA LEU B 322 -2.18 -20.09 -10.55
C LEU B 322 -2.85 -21.38 -10.99
N ASP B 323 -2.84 -22.40 -10.13
CA ASP B 323 -3.38 -23.70 -10.53
C ASP B 323 -4.87 -23.63 -10.82
N TRP B 324 -5.63 -22.93 -9.98
CA TRP B 324 -7.09 -22.95 -10.13
C TRP B 324 -7.56 -22.02 -11.25
N THR B 325 -6.80 -20.95 -11.54
CA THR B 325 -7.10 -20.17 -12.74
C THR B 325 -6.80 -20.97 -14.00
N ASP B 326 -5.66 -21.69 -14.00
CA ASP B 326 -5.36 -22.63 -15.08
C ASP B 326 -6.53 -23.56 -15.31
N GLU B 327 -6.93 -24.28 -14.26
CA GLU B 327 -8.00 -25.27 -14.39
C GLU B 327 -9.29 -24.62 -14.87
N PHE B 328 -9.59 -23.42 -14.37
CA PHE B 328 -10.78 -22.70 -14.83
C PHE B 328 -10.72 -22.46 -16.33
N LEU B 329 -9.59 -21.94 -16.82
CA LEU B 329 -9.46 -21.64 -18.23
C LEU B 329 -9.47 -22.91 -19.08
N MET B 330 -8.88 -23.99 -18.58
CA MET B 330 -8.87 -25.24 -19.33
C MET B 330 -10.27 -25.82 -19.44
N LYS B 331 -11.05 -25.77 -18.35
CA LYS B 331 -12.42 -26.29 -18.41
C LYS B 331 -13.29 -25.44 -19.32
N VAL B 332 -13.09 -24.13 -19.32
CA VAL B 332 -13.85 -23.26 -20.22
C VAL B 332 -13.50 -23.57 -21.68
N SER B 333 -12.22 -23.80 -21.95
CA SER B 333 -11.81 -24.16 -23.31
C SER B 333 -12.48 -25.45 -23.76
N GLU B 334 -12.51 -26.46 -22.90
CA GLU B 334 -13.14 -27.73 -23.25
C GLU B 334 -14.62 -27.53 -23.52
N ILE B 335 -15.32 -26.80 -22.65
CA ILE B 335 -16.75 -26.61 -22.81
C ILE B 335 -17.05 -25.81 -24.07
N SER B 336 -16.32 -24.70 -24.27
CA SER B 336 -16.63 -23.79 -25.37
C SER B 336 -15.95 -24.18 -26.67
N GLY B 337 -14.91 -25.00 -26.63
CA GLY B 337 -14.13 -25.30 -27.81
C GLY B 337 -13.19 -24.19 -28.24
N GLN B 338 -13.12 -23.09 -27.50
CA GLN B 338 -12.18 -22.03 -27.82
C GLN B 338 -10.82 -22.35 -27.21
N PRO B 339 -9.72 -22.19 -27.94
CA PRO B 339 -8.40 -22.37 -27.33
C PRO B 339 -8.04 -21.19 -26.44
N ILE B 340 -7.25 -21.47 -25.42
CA ILE B 340 -6.74 -20.39 -24.56
C ILE B 340 -5.80 -19.52 -25.40
N PRO B 341 -6.00 -18.21 -25.46
CA PRO B 341 -5.27 -17.39 -26.42
C PRO B 341 -3.90 -16.97 -25.89
N ALA B 342 -3.08 -16.49 -26.83
CA ALA B 342 -1.71 -16.11 -26.49
C ALA B 342 -1.66 -15.05 -25.40
N SER B 343 -2.70 -14.23 -25.29
CA SER B 343 -2.66 -13.11 -24.35
C SER B 343 -2.79 -13.59 -22.92
N LEU B 344 -3.62 -14.60 -22.66
CA LEU B 344 -3.76 -15.13 -21.31
C LEU B 344 -2.56 -16.00 -20.94
N THR B 345 -2.03 -16.75 -21.90
CA THR B 345 -0.81 -17.50 -21.65
C THR B 345 0.32 -16.58 -21.23
N LYS B 346 0.47 -15.44 -21.91
CA LYS B 346 1.50 -14.49 -21.55
C LYS B 346 1.24 -13.88 -20.19
N GLU B 347 -0.02 -13.52 -19.90
CA GLU B 347 -0.36 -13.02 -18.58
C GLU B 347 0.00 -14.04 -17.50
N ARG B 348 -0.29 -15.32 -17.74
CA ARG B 348 0.11 -16.35 -16.80
C ARG B 348 1.62 -16.33 -16.60
N GLY B 349 2.39 -16.28 -17.69
CA GLY B 349 3.83 -16.25 -17.56
C GLY B 349 4.35 -15.00 -16.88
N ARG B 350 3.58 -13.91 -16.95
CA ARG B 350 3.95 -12.70 -16.21
C ARG B 350 3.70 -12.89 -14.71
N LEU B 351 2.63 -13.57 -14.34
CA LEU B 351 2.41 -13.90 -12.94
C LEU B 351 3.53 -14.80 -12.41
N VAL B 352 3.93 -15.79 -13.19
CA VAL B 352 5.00 -16.67 -12.76
C VAL B 352 6.29 -15.89 -12.59
N ASP B 353 6.59 -15.00 -13.54
CA ASP B 353 7.79 -14.17 -13.42
C ASP B 353 7.78 -13.37 -12.12
N MET B 354 6.62 -12.80 -11.77
CA MET B 354 6.52 -12.06 -10.52
C MET B 354 6.77 -12.97 -9.33
N MET B 355 6.26 -14.20 -9.38
CA MET B 355 6.50 -15.15 -8.29
C MET B 355 7.98 -15.40 -8.12
N THR B 356 8.69 -15.67 -9.23
CA THR B 356 10.12 -15.95 -9.13
C THR B 356 10.89 -14.72 -8.64
N ASP B 357 10.42 -13.51 -9.00
CA ASP B 357 11.12 -12.30 -8.57
C ASP B 357 10.98 -12.06 -7.07
N SER B 358 9.87 -12.49 -6.47
CA SER B 358 9.54 -12.13 -5.11
C SER B 358 9.59 -13.29 -4.13
N HIS B 359 9.99 -14.48 -4.57
CA HIS B 359 9.84 -15.66 -3.74
C HIS B 359 10.76 -15.62 -2.51
N THR B 360 11.87 -14.88 -2.57
CA THR B 360 12.81 -14.91 -1.44
C THR B 360 12.24 -14.18 -0.22
N TRP B 361 11.43 -13.15 -0.42
CA TRP B 361 10.82 -12.42 0.68
C TRP B 361 9.53 -13.05 1.17
N LEU B 362 8.84 -13.81 0.31
CA LEU B 362 7.59 -14.45 0.71
C LEU B 362 7.82 -15.79 1.38
N HIS B 363 8.92 -16.47 1.08
CA HIS B 363 9.12 -17.83 1.53
C HIS B 363 9.05 -17.94 3.05
N GLY B 364 8.29 -18.92 3.53
CA GLY B 364 8.18 -19.19 4.94
C GLY B 364 7.37 -18.19 5.75
N LYS B 365 6.87 -17.14 5.14
CA LYS B 365 6.09 -16.16 5.87
C LYS B 365 4.77 -16.77 6.35
N ARG B 366 4.46 -16.52 7.62
CA ARG B 366 3.32 -17.13 8.29
C ARG B 366 2.16 -16.14 8.36
N PHE B 367 0.95 -16.62 8.05
CA PHE B 367 -0.22 -15.77 7.94
C PHE B 367 -1.39 -16.32 8.73
N ALA B 368 -2.17 -15.41 9.31
CA ALA B 368 -3.51 -15.69 9.79
C ALA B 368 -4.50 -15.03 8.83
N LEU B 369 -5.63 -15.67 8.59
CA LEU B 369 -6.53 -15.18 7.55
C LEU B 369 -7.95 -15.69 7.81
N TRP B 370 -8.93 -14.92 7.34
CA TRP B 370 -10.32 -15.29 7.48
C TRP B 370 -11.13 -14.70 6.33
N GLY B 371 -12.41 -15.08 6.29
CA GLY B 371 -13.30 -14.64 5.25
C GLY B 371 -14.32 -15.72 4.94
N ASP B 372 -14.97 -15.59 3.78
CA ASP B 372 -15.93 -16.58 3.33
C ASP B 372 -15.22 -17.82 2.79
N PRO B 373 -15.93 -18.95 2.71
CA PRO B 373 -15.23 -20.21 2.42
C PRO B 373 -14.47 -20.24 1.11
N ASP B 374 -15.14 -19.91 -0.01
CA ASP B 374 -14.48 -19.98 -1.31
C ASP B 374 -13.30 -19.02 -1.39
N PHE B 375 -13.46 -17.80 -0.86
CA PHE B 375 -12.37 -16.85 -0.83
C PHE B 375 -11.21 -17.36 0.02
N VAL B 376 -11.52 -17.96 1.17
CA VAL B 376 -10.48 -18.39 2.09
C VAL B 376 -9.64 -19.51 1.47
N MET B 377 -10.30 -20.51 0.87
CA MET B 377 -9.54 -21.62 0.31
C MET B 377 -8.72 -21.19 -0.89
N GLY B 378 -9.23 -20.24 -1.69
CA GLY B 378 -8.43 -19.69 -2.77
C GLY B 378 -7.22 -18.94 -2.27
N LEU B 379 -7.39 -18.19 -1.18
CA LEU B 379 -6.26 -17.51 -0.57
C LEU B 379 -5.25 -18.52 -0.01
N VAL B 380 -5.76 -19.57 0.63
CA VAL B 380 -4.88 -20.61 1.16
C VAL B 380 -4.10 -21.26 0.03
N LYS B 381 -4.78 -21.59 -1.08
CA LYS B 381 -4.11 -22.23 -2.20
C LYS B 381 -2.99 -21.35 -2.75
N PHE B 382 -3.26 -20.06 -2.95
CA PHE B 382 -2.25 -19.18 -3.56
C PHE B 382 -1.06 -18.99 -2.64
N LEU B 383 -1.30 -18.87 -1.33
CA LEU B 383 -0.19 -18.74 -0.40
C LEU B 383 0.73 -19.95 -0.48
N LEU B 384 0.16 -21.15 -0.50
CA LEU B 384 0.97 -22.36 -0.66
C LEU B 384 1.80 -22.29 -1.94
N GLU B 385 1.21 -21.77 -3.02
CA GLU B 385 1.93 -21.65 -4.29
C GLU B 385 3.08 -20.65 -4.19
N LEU B 386 2.95 -19.65 -3.33
CA LEU B 386 4.00 -18.66 -3.15
C LEU B 386 5.09 -19.12 -2.19
N GLY B 387 4.92 -20.26 -1.54
CA GLY B 387 5.84 -20.68 -0.50
C GLY B 387 5.56 -20.07 0.85
N CYS B 388 4.36 -19.58 1.08
CA CYS B 388 3.96 -19.05 2.37
C CYS B 388 3.26 -20.13 3.19
N GLU B 389 3.18 -19.90 4.51
CA GLU B 389 2.56 -20.85 5.42
C GLU B 389 1.25 -20.28 5.96
N PRO B 390 0.09 -20.76 5.53
CA PRO B 390 -1.17 -20.26 6.09
C PRO B 390 -1.47 -20.91 7.43
N VAL B 391 -0.97 -20.29 8.51
CA VAL B 391 -0.91 -20.96 9.80
C VAL B 391 -2.30 -21.04 10.43
N HIS B 392 -3.01 -19.92 10.49
CA HIS B 392 -4.34 -19.86 11.08
C HIS B 392 -5.36 -19.56 9.98
N ILE B 393 -6.20 -20.55 9.68
CA ILE B 393 -7.22 -20.44 8.65
C ILE B 393 -8.58 -20.48 9.35
N LEU B 394 -9.30 -19.36 9.32
CA LEU B 394 -10.55 -19.21 10.05
C LEU B 394 -11.67 -18.88 9.09
N CYS B 395 -12.71 -19.71 9.08
CA CYS B 395 -13.91 -19.45 8.28
C CYS B 395 -15.12 -19.64 9.20
N HIS B 396 -15.62 -18.53 9.73
CA HIS B 396 -16.72 -18.61 10.71
C HIS B 396 -17.92 -19.35 10.14
N ASN B 397 -18.24 -19.10 8.86
CA ASN B 397 -19.40 -19.70 8.21
C ASN B 397 -19.02 -20.88 7.33
N GLY B 398 -17.94 -21.59 7.68
CA GLY B 398 -17.57 -22.80 6.99
C GLY B 398 -18.22 -24.02 7.62
N ASN B 399 -18.15 -25.13 6.90
CA ASN B 399 -18.73 -26.39 7.36
C ASN B 399 -17.67 -27.47 7.33
N LYS B 400 -18.01 -28.63 7.89
CA LYS B 400 -17.04 -29.72 8.03
C LYS B 400 -16.57 -30.22 6.67
N ARG B 401 -17.51 -30.38 5.74
CA ARG B 401 -17.16 -30.80 4.39
C ARG B 401 -16.15 -29.85 3.76
N TRP B 402 -16.37 -28.54 3.91
CA TRP B 402 -15.43 -27.56 3.38
C TRP B 402 -14.07 -27.67 4.08
N LYS B 403 -14.09 -27.79 5.42
CA LYS B 403 -12.84 -27.91 6.16
C LYS B 403 -12.05 -29.13 5.72
N LYS B 404 -12.74 -30.22 5.37
CA LYS B 404 -12.02 -31.42 4.94
C LYS B 404 -11.29 -31.18 3.62
N ALA B 405 -11.90 -30.44 2.70
CA ALA B 405 -11.26 -30.18 1.42
C ALA B 405 -10.04 -29.27 1.58
N VAL B 406 -10.15 -28.25 2.43
CA VAL B 406 -9.02 -27.35 2.65
C VAL B 406 -7.87 -28.11 3.33
N ASP B 407 -8.20 -29.01 4.26
CA ASP B 407 -7.16 -29.81 4.90
C ASP B 407 -6.43 -30.67 3.89
N ALA B 408 -7.16 -31.21 2.90
CA ALA B 408 -6.52 -32.00 1.85
C ALA B 408 -5.59 -31.14 1.01
N ILE B 409 -5.96 -29.88 0.76
CA ILE B 409 -5.08 -28.96 0.05
C ILE B 409 -3.82 -28.71 0.86
N LEU B 410 -3.97 -28.46 2.17
CA LEU B 410 -2.81 -28.26 3.02
C LEU B 410 -1.93 -29.50 3.05
N ALA B 411 -2.54 -30.69 3.13
CA ALA B 411 -1.76 -31.92 3.23
C ALA B 411 -0.94 -32.18 1.97
N ALA B 412 -1.31 -31.60 0.85
CA ALA B 412 -0.62 -31.83 -0.42
C ALA B 412 0.54 -30.87 -0.63
N SER B 413 0.94 -30.11 0.39
CA SER B 413 2.04 -29.17 0.26
C SER B 413 2.83 -29.13 1.56
N PRO B 414 4.16 -29.03 1.48
CA PRO B 414 4.95 -28.93 2.71
C PRO B 414 4.70 -27.64 3.48
N TYR B 415 4.21 -26.59 2.82
CA TYR B 415 3.98 -25.32 3.49
C TYR B 415 2.66 -25.28 4.26
N GLY B 416 1.86 -26.35 4.20
CA GLY B 416 0.69 -26.48 5.05
C GLY B 416 0.90 -27.33 6.28
N LYS B 417 2.16 -27.64 6.63
CA LYS B 417 2.42 -28.59 7.71
C LYS B 417 2.06 -28.02 9.08
N ASN B 418 2.19 -26.71 9.25
CA ASN B 418 1.89 -26.06 10.52
C ASN B 418 0.57 -25.32 10.51
N ALA B 419 -0.33 -25.67 9.58
CA ALA B 419 -1.58 -24.97 9.38
C ALA B 419 -2.74 -25.70 10.04
N THR B 420 -3.70 -24.93 10.54
CA THR B 420 -4.92 -25.46 11.12
C THR B 420 -6.10 -24.68 10.54
N VAL B 421 -7.18 -25.40 10.24
CA VAL B 421 -8.40 -24.79 9.72
C VAL B 421 -9.44 -24.76 10.84
N TYR B 422 -10.05 -23.60 11.03
CA TYR B 422 -11.05 -23.41 12.07
C TYR B 422 -12.38 -23.01 11.43
N ILE B 423 -13.45 -23.68 11.85
CA ILE B 423 -14.80 -23.35 11.40
C ILE B 423 -15.65 -23.06 12.63
N GLY B 424 -16.64 -22.18 12.46
CA GLY B 424 -17.50 -21.79 13.55
C GLY B 424 -16.84 -20.93 14.60
N LYS B 425 -15.58 -20.55 14.41
CA LYS B 425 -14.86 -19.72 15.35
C LYS B 425 -14.84 -18.27 14.86
N ASP B 426 -14.70 -17.35 15.80
CA ASP B 426 -14.79 -15.92 15.52
C ASP B 426 -13.43 -15.25 15.72
N LEU B 427 -13.41 -13.93 15.55
CA LEU B 427 -12.17 -13.17 15.60
C LEU B 427 -11.67 -12.97 17.02
N TRP B 428 -12.47 -13.26 18.04
CA TRP B 428 -11.91 -13.34 19.39
C TRP B 428 -11.15 -14.64 19.60
N HIS B 429 -11.60 -15.72 18.97
CA HIS B 429 -10.80 -16.95 18.91
C HIS B 429 -9.49 -16.67 18.20
N LEU B 430 -9.54 -16.00 17.05
CA LEU B 430 -8.33 -15.76 16.28
C LEU B 430 -7.34 -14.89 17.04
N ARG B 431 -7.84 -13.88 17.75
CA ARG B 431 -6.98 -13.02 18.56
C ARG B 431 -6.08 -13.85 19.47
N SER B 432 -6.63 -14.89 20.09
CA SER B 432 -5.81 -15.77 20.93
C SER B 432 -4.74 -16.47 20.10
N LEU B 433 -5.11 -16.96 18.92
CA LEU B 433 -4.17 -17.69 18.09
C LEU B 433 -2.96 -16.84 17.73
N VAL B 434 -3.18 -15.56 17.42
CA VAL B 434 -2.07 -14.70 17.00
C VAL B 434 -1.23 -14.22 18.18
N PHE B 435 -1.69 -14.44 19.41
CA PHE B 435 -0.85 -14.23 20.59
C PHE B 435 -0.05 -15.49 20.93
N THR B 436 -0.73 -16.64 20.94
CA THR B 436 -0.09 -17.89 21.36
C THR B 436 0.79 -18.49 20.27
N ASP B 437 0.41 -18.30 19.01
CA ASP B 437 1.13 -18.87 17.87
C ASP B 437 1.32 -17.76 16.82
N LYS B 438 2.08 -16.75 17.20
CA LYS B 438 2.13 -15.49 16.48
C LYS B 438 2.50 -15.69 15.02
N PRO B 439 1.68 -15.25 14.08
CA PRO B 439 2.10 -15.27 12.67
C PRO B 439 2.87 -14.00 12.32
N ASP B 440 3.23 -13.83 11.05
CA ASP B 440 3.88 -12.60 10.63
C ASP B 440 2.87 -11.53 10.24
N PHE B 441 1.75 -11.92 9.63
CA PHE B 441 0.74 -10.98 9.20
C PHE B 441 -0.64 -11.60 9.34
N MET B 442 -1.64 -10.73 9.35
CA MET B 442 -3.04 -11.12 9.16
C MET B 442 -3.50 -10.68 7.78
N ILE B 443 -4.32 -11.51 7.14
CA ILE B 443 -5.02 -11.14 5.91
C ILE B 443 -6.51 -11.23 6.22
N GLY B 444 -7.18 -10.09 6.26
CA GLY B 444 -8.59 -10.10 6.60
C GLY B 444 -9.22 -8.73 6.37
N ASN B 445 -10.45 -8.60 6.86
CA ASN B 445 -11.22 -7.39 6.65
C ASN B 445 -10.90 -6.36 7.74
N SER B 446 -11.64 -5.25 7.76
CA SER B 446 -11.31 -4.15 8.65
C SER B 446 -11.43 -4.52 10.11
N TYR B 447 -12.23 -5.53 10.45
CA TYR B 447 -12.36 -5.93 11.85
C TYR B 447 -11.03 -6.42 12.42
N GLY B 448 -10.10 -6.83 11.57
CA GLY B 448 -8.80 -7.26 12.03
C GLY B 448 -7.94 -6.14 12.59
N LYS B 449 -8.27 -4.89 12.28
CA LYS B 449 -7.45 -3.79 12.79
C LYS B 449 -7.44 -3.75 14.31
N PHE B 450 -8.50 -4.26 14.94
CA PHE B 450 -8.54 -4.30 16.40
C PHE B 450 -7.71 -5.44 16.97
N ILE B 451 -7.48 -6.51 16.20
CA ILE B 451 -6.52 -7.52 16.63
C ILE B 451 -5.10 -6.99 16.55
N GLN B 452 -4.79 -6.19 15.51
CA GLN B 452 -3.47 -5.60 15.43
C GLN B 452 -3.22 -4.66 16.61
N ARG B 453 -4.22 -3.84 16.95
CA ARG B 453 -4.09 -2.94 18.09
C ARG B 453 -3.80 -3.71 19.37
N ASP B 454 -4.48 -4.85 19.57
CA ASP B 454 -4.24 -5.63 20.78
C ASP B 454 -2.83 -6.18 20.81
N THR B 455 -2.32 -6.65 19.67
CA THR B 455 -0.97 -7.23 19.67
C THR B 455 0.08 -6.16 19.95
N LEU B 456 -0.07 -4.97 19.37
CA LEU B 456 0.88 -3.90 19.64
C LEU B 456 0.92 -3.56 21.13
N HIS B 457 -0.23 -3.63 21.80
CA HIS B 457 -0.27 -3.30 23.22
C HIS B 457 0.58 -4.26 24.04
N LYS B 458 0.65 -5.53 23.65
CA LYS B 458 1.57 -6.45 24.32
C LYS B 458 3.01 -6.01 24.09
N GLY B 459 3.36 -5.64 22.87
CA GLY B 459 4.68 -5.15 22.57
C GLY B 459 4.89 -4.99 21.08
N LYS B 460 5.77 -4.07 20.67
CA LYS B 460 6.03 -3.86 19.26
C LYS B 460 6.51 -5.15 18.60
N GLU B 461 7.34 -5.92 19.30
CA GLU B 461 7.84 -7.17 18.75
C GLU B 461 6.75 -8.22 18.57
N PHE B 462 5.59 -8.02 19.19
CA PHE B 462 4.47 -8.96 19.11
C PHE B 462 3.38 -8.50 18.16
N GLU B 463 3.55 -7.34 17.54
CA GLU B 463 2.52 -6.77 16.69
C GLU B 463 2.36 -7.60 15.41
N VAL B 464 1.11 -7.83 15.02
CA VAL B 464 0.79 -8.55 13.80
C VAL B 464 0.04 -7.61 12.87
N PRO B 465 0.73 -7.05 11.86
CA PRO B 465 0.06 -6.07 10.99
C PRO B 465 -1.02 -6.72 10.13
N LEU B 466 -2.07 -5.93 9.87
CA LEU B 466 -3.18 -6.39 9.05
C LEU B 466 -2.96 -6.02 7.60
N ILE B 467 -3.22 -6.97 6.72
CA ILE B 467 -3.28 -6.75 5.28
C ILE B 467 -4.74 -6.88 4.89
N ARG B 468 -5.32 -5.81 4.34
CA ARG B 468 -6.77 -5.75 4.12
C ARG B 468 -7.11 -6.41 2.80
N ILE B 469 -7.65 -7.63 2.88
CA ILE B 469 -8.19 -8.35 1.74
C ILE B 469 -9.45 -9.07 2.22
N GLY B 470 -10.59 -8.78 1.61
CA GLY B 470 -11.83 -9.39 2.01
C GLY B 470 -12.99 -8.41 2.06
N PHE B 471 -13.93 -8.65 2.98
CA PHE B 471 -15.12 -7.82 3.09
C PHE B 471 -15.62 -7.88 4.52
N PRO B 472 -16.01 -6.74 5.11
CA PRO B 472 -15.96 -5.39 4.54
C PRO B 472 -14.65 -4.68 4.84
N ILE B 473 -14.27 -3.76 3.96
CA ILE B 473 -13.12 -2.88 4.19
C ILE B 473 -13.70 -1.46 4.28
N PHE B 474 -13.71 -0.91 5.51
CA PHE B 474 -14.30 0.38 5.78
C PHE B 474 -13.28 1.48 6.04
N ASP B 475 -12.04 1.15 6.38
CA ASP B 475 -11.07 2.13 6.82
C ASP B 475 -10.00 2.43 5.76
N ARG B 476 -10.21 2.01 4.53
CA ARG B 476 -9.42 2.46 3.39
C ARG B 476 -10.38 2.77 2.26
N HIS B 477 -9.91 3.57 1.30
CA HIS B 477 -10.74 4.05 0.21
C HIS B 477 -10.44 3.29 -1.08
N HIS B 478 -11.49 2.77 -1.71
CA HIS B 478 -11.48 2.31 -3.10
C HIS B 478 -10.73 1.00 -3.30
N LEU B 479 -10.48 0.24 -2.23
CA LEU B 479 -9.95 -1.11 -2.40
C LEU B 479 -11.01 -2.05 -2.97
N HIS B 480 -12.27 -1.65 -2.98
CA HIS B 480 -13.32 -2.44 -3.62
C HIS B 480 -13.14 -2.50 -5.14
N ARG B 481 -12.29 -1.64 -5.71
CA ARG B 481 -11.96 -1.72 -7.12
C ARG B 481 -10.95 -2.82 -7.42
N SER B 482 -10.39 -3.46 -6.40
CA SER B 482 -9.29 -4.39 -6.59
C SER B 482 -9.78 -5.70 -7.23
N THR B 483 -8.84 -6.59 -7.47
CA THR B 483 -9.10 -7.88 -8.09
C THR B 483 -8.40 -8.96 -7.28
N THR B 484 -9.09 -10.08 -7.06
CA THR B 484 -8.50 -11.24 -6.41
C THR B 484 -8.57 -12.50 -7.25
N LEU B 485 -9.41 -12.55 -8.28
CA LEU B 485 -9.54 -13.73 -9.12
C LEU B 485 -8.58 -13.66 -10.31
N GLY B 486 -8.30 -14.83 -10.88
CA GLY B 486 -7.51 -14.91 -12.08
C GLY B 486 -6.07 -14.50 -11.84
N TYR B 487 -5.31 -14.46 -12.95
CA TYR B 487 -3.91 -14.05 -12.88
C TYR B 487 -3.80 -12.61 -12.41
N GLU B 488 -4.72 -11.75 -12.87
CA GLU B 488 -4.71 -10.35 -12.46
C GLU B 488 -4.85 -10.23 -10.96
N GLY B 489 -5.83 -10.93 -10.38
CA GLY B 489 -5.99 -10.90 -8.93
C GLY B 489 -4.81 -11.50 -8.20
N ALA B 490 -4.25 -12.58 -8.75
CA ALA B 490 -3.07 -13.19 -8.15
C ALA B 490 -1.89 -12.23 -8.18
N MET B 491 -1.73 -11.52 -9.29
CA MET B 491 -0.65 -10.53 -9.39
C MET B 491 -0.85 -9.41 -8.38
N GLN B 492 -2.10 -8.95 -8.21
CA GLN B 492 -2.36 -7.89 -7.25
C GLN B 492 -2.11 -8.37 -5.82
N ILE B 493 -2.54 -9.58 -5.50
CA ILE B 493 -2.36 -10.11 -4.15
C ILE B 493 -0.89 -10.31 -3.84
N LEU B 494 -0.12 -10.83 -4.79
CA LEU B 494 1.31 -11.02 -4.59
C LEU B 494 1.99 -9.70 -4.26
N THR B 495 1.76 -8.68 -5.09
CA THR B 495 2.36 -7.36 -4.86
C THR B 495 2.01 -6.83 -3.48
N THR B 496 0.73 -6.92 -3.10
CA THR B 496 0.33 -6.45 -1.79
C THR B 496 1.06 -7.19 -0.68
N LEU B 497 1.19 -8.52 -0.79
CA LEU B 497 1.83 -9.30 0.25
C LEU B 497 3.31 -8.96 0.38
N VAL B 498 4.06 -9.03 -0.73
CA VAL B 498 5.50 -8.81 -0.65
C VAL B 498 5.81 -7.41 -0.13
N ASN B 499 5.04 -6.41 -0.56
CA ASN B 499 5.35 -5.04 -0.17
C ASN B 499 4.93 -4.73 1.26
N SER B 500 3.92 -5.44 1.78
CA SER B 500 3.63 -5.34 3.21
C SER B 500 4.79 -5.90 4.03
N ILE B 501 5.38 -7.01 3.56
CA ILE B 501 6.57 -7.57 4.22
C ILE B 501 7.71 -6.55 4.20
N LEU B 502 7.98 -5.97 3.03
CA LEU B 502 9.09 -5.04 2.90
C LEU B 502 8.81 -3.72 3.64
N GLU B 503 7.56 -3.29 3.67
CA GLU B 503 7.21 -2.10 4.44
C GLU B 503 7.49 -2.32 5.92
N ARG B 504 7.15 -3.51 6.43
CA ARG B 504 7.42 -3.81 7.84
C ARG B 504 8.91 -3.90 8.10
N LEU B 505 9.67 -4.44 7.16
CA LEU B 505 11.13 -4.52 7.34
C LEU B 505 11.76 -3.15 7.38
N ASP B 506 11.31 -2.24 6.52
CA ASP B 506 11.81 -0.87 6.54
C ASP B 506 11.53 -0.20 7.89
N GLU B 507 10.34 -0.45 8.44
CA GLU B 507 9.99 0.15 9.72
C GLU B 507 10.89 -0.36 10.83
N GLU B 508 11.20 -1.65 10.82
CA GLU B 508 12.03 -2.26 11.85
C GLU B 508 13.50 -1.93 11.70
N THR B 509 13.92 -1.45 10.53
CA THR B 509 15.31 -1.07 10.29
C THR B 509 15.47 0.44 10.06
N ARG B 510 14.51 1.24 10.50
CA ARG B 510 14.60 2.68 10.32
C ARG B 510 15.35 3.39 11.44
N GLY B 511 15.70 2.69 12.51
CA GLY B 511 16.36 3.29 13.65
C GLY B 511 17.79 3.68 13.37
N MET B 512 18.07 4.99 13.38
CA MET B 512 19.41 5.47 13.07
C MET B 512 20.42 4.91 14.04
N GLN B 513 21.47 4.29 13.50
CA GLN B 513 22.59 3.74 14.25
C GLN B 513 22.21 2.57 15.14
N ALA B 514 20.95 2.13 15.10
CA ALA B 514 20.50 0.97 15.87
C ALA B 514 20.17 -0.22 14.99
N THR B 515 19.29 -0.03 14.01
CA THR B 515 18.88 -1.10 13.12
C THR B 515 19.03 -0.75 11.64
N ASP B 516 19.44 0.47 11.31
CA ASP B 516 19.44 0.88 9.91
C ASP B 516 20.65 0.36 9.13
N TYR B 517 21.50 -0.47 9.75
CA TYR B 517 22.49 -1.20 8.97
C TYR B 517 21.82 -2.09 7.93
N ASN B 518 20.56 -2.46 8.14
CA ASN B 518 19.81 -3.29 7.21
C ASN B 518 18.72 -2.50 6.49
N HIS B 519 18.83 -1.17 6.46
CA HIS B 519 17.86 -0.32 5.79
C HIS B 519 18.22 -0.13 4.32
N ASP B 520 18.25 -1.25 3.60
CA ASP B 520 18.80 -1.27 2.25
C ASP B 520 17.98 -0.42 1.29
N LEU B 521 18.67 0.24 0.37
CA LEU B 521 17.99 0.92 -0.74
C LEU B 521 17.38 -0.09 -1.70
N VAL B 522 18.05 -1.21 -1.93
CA VAL B 522 17.62 -2.24 -2.86
C VAL B 522 17.10 -3.42 -2.07
N ARG B 523 15.91 -3.90 -2.41
CA ARG B 523 15.35 -5.12 -1.84
C ARG B 523 14.91 -6.04 -2.97
N SER C 5 31.72 -34.44 -18.55
CA SER C 5 31.87 -35.34 -19.68
C SER C 5 33.16 -35.09 -20.47
N ARG C 6 33.98 -34.17 -19.96
CA ARG C 6 35.27 -33.79 -20.56
C ARG C 6 35.21 -33.53 -22.05
N GLU C 7 35.07 -34.59 -22.86
CA GLU C 7 35.07 -34.41 -24.31
C GLU C 7 33.83 -33.66 -24.79
N GLU C 8 32.69 -33.87 -24.14
CA GLU C 8 31.49 -33.12 -24.46
C GLU C 8 31.59 -31.66 -24.02
N VAL C 9 32.49 -31.34 -23.09
CA VAL C 9 32.69 -29.97 -22.67
C VAL C 9 33.51 -29.21 -23.71
N GLU C 10 34.67 -29.74 -24.09
CA GLU C 10 35.44 -29.13 -25.16
C GLU C 10 34.59 -28.94 -26.41
N SER C 11 33.74 -29.93 -26.72
CA SER C 11 32.89 -29.82 -27.89
C SER C 11 31.87 -28.71 -27.74
N LEU C 12 31.35 -28.51 -26.52
CA LEU C 12 30.40 -27.43 -26.29
C LEU C 12 31.05 -26.07 -26.53
N ILE C 13 32.31 -25.92 -26.12
CA ILE C 13 33.00 -24.64 -26.29
C ILE C 13 33.15 -24.30 -27.76
N GLN C 14 33.74 -25.21 -28.54
CA GLN C 14 33.92 -24.96 -29.96
C GLN C 14 32.59 -24.66 -30.64
N GLU C 15 31.54 -25.37 -30.25
CA GLU C 15 30.21 -25.12 -30.82
C GLU C 15 29.76 -23.69 -30.54
N VAL C 16 29.94 -23.24 -29.29
CA VAL C 16 29.47 -21.91 -28.91
C VAL C 16 30.24 -20.83 -29.68
N LEU C 17 31.54 -21.03 -29.87
CA LEU C 17 32.37 -20.02 -30.53
C LEU C 17 32.17 -19.98 -32.03
N GLU C 18 31.37 -20.87 -32.61
CA GLU C 18 31.13 -20.85 -34.04
C GLU C 18 30.31 -19.64 -34.49
N VAL C 19 29.71 -18.89 -33.56
CA VAL C 19 28.93 -17.72 -33.94
C VAL C 19 29.78 -16.45 -34.03
N TYR C 20 30.94 -16.43 -33.39
CA TYR C 20 31.73 -15.21 -33.31
C TYR C 20 32.41 -14.91 -34.65
N PRO C 21 32.69 -13.64 -34.92
CA PRO C 21 33.63 -13.30 -36.00
C PRO C 21 35.02 -13.81 -35.66
N GLU C 22 35.86 -13.89 -36.69
CA GLU C 22 37.13 -14.59 -36.58
C GLU C 22 37.95 -14.07 -35.40
N LYS C 23 38.04 -12.76 -35.24
CA LYS C 23 38.90 -12.19 -34.20
C LYS C 23 38.42 -12.56 -32.80
N ALA C 24 37.13 -12.30 -32.50
CA ALA C 24 36.59 -12.60 -31.19
C ALA C 24 36.73 -14.09 -30.87
N ARG C 25 36.18 -14.93 -31.74
CA ARG C 25 36.42 -16.37 -31.75
C ARG C 25 37.81 -16.77 -31.24
N LYS C 26 38.86 -16.31 -31.91
CA LYS C 26 40.21 -16.69 -31.50
C LYS C 26 40.53 -16.20 -30.09
N ASP C 27 40.13 -14.97 -29.77
CA ASP C 27 40.42 -14.44 -28.43
C ASP C 27 39.60 -15.17 -27.37
N ARG C 28 38.29 -15.33 -27.60
CA ARG C 28 37.44 -15.95 -26.59
C ARG C 28 37.85 -17.39 -26.32
N ASN C 29 38.41 -18.08 -27.32
CA ASN C 29 38.87 -19.44 -27.10
C ASN C 29 40.00 -19.50 -26.07
N LYS C 30 40.73 -18.39 -25.89
CA LYS C 30 41.79 -18.37 -24.89
C LYS C 30 41.24 -18.28 -23.47
N HIS C 31 39.99 -17.80 -23.31
CA HIS C 31 39.39 -17.56 -22.01
C HIS C 31 38.37 -18.64 -21.64
N LEU C 32 38.40 -19.77 -22.33
CA LEU C 32 37.47 -20.87 -22.09
C LEU C 32 38.25 -22.17 -22.04
N ALA C 33 38.22 -22.84 -20.90
CA ALA C 33 39.02 -24.04 -20.69
C ALA C 33 38.23 -25.01 -19.83
N VAL C 34 38.64 -26.28 -19.90
CA VAL C 34 38.05 -27.34 -19.09
C VAL C 34 39.13 -27.75 -18.10
N ASN C 35 38.81 -27.69 -16.81
CA ASN C 35 39.83 -27.85 -15.81
C ASN C 35 40.50 -29.21 -15.93
N ASP C 36 41.64 -29.50 -15.35
CA ASP C 36 42.22 -30.86 -15.55
C ASP C 36 43.15 -31.25 -14.42
N PRO C 37 43.01 -32.44 -13.79
CA PRO C 37 43.82 -32.68 -12.58
C PRO C 37 45.34 -32.64 -12.54
N ALA C 38 45.94 -32.47 -13.66
CA ALA C 38 47.36 -32.42 -13.68
C ALA C 38 47.87 -31.02 -14.09
N VAL C 39 47.35 -29.91 -13.52
CA VAL C 39 47.81 -28.52 -13.85
C VAL C 39 47.87 -27.36 -12.71
N THR C 40 49.09 -26.95 -12.33
CA THR C 40 49.46 -25.96 -11.34
C THR C 40 49.74 -24.59 -11.94
N GLN C 41 50.19 -24.54 -13.18
CA GLN C 41 50.44 -23.29 -13.88
C GLN C 41 49.24 -23.09 -14.81
N SER C 42 48.33 -22.20 -14.43
CA SER C 42 47.11 -22.02 -15.22
C SER C 42 47.39 -21.30 -16.53
N LYS C 43 48.47 -20.53 -16.62
CA LYS C 43 48.84 -19.90 -17.88
C LYS C 43 49.05 -20.93 -18.98
N LYS C 44 49.16 -22.21 -18.64
CA LYS C 44 49.13 -23.29 -19.63
C LYS C 44 47.70 -23.75 -19.91
N CYS C 45 46.70 -23.06 -19.38
CA CYS C 45 45.34 -23.53 -19.48
C CYS C 45 44.36 -22.44 -19.88
N ILE C 46 44.50 -21.23 -19.35
CA ILE C 46 43.55 -20.16 -19.63
C ILE C 46 44.27 -18.82 -19.48
N ILE C 47 43.79 -17.83 -20.23
CA ILE C 47 44.30 -16.46 -20.19
C ILE C 47 43.28 -15.60 -19.46
N SER C 48 43.78 -14.58 -18.76
CA SER C 48 42.91 -13.72 -17.95
C SER C 48 43.49 -12.31 -17.88
N ASN C 49 42.68 -11.39 -17.35
CA ASN C 49 43.07 -10.00 -17.11
C ASN C 49 43.46 -9.31 -18.42
N LYS C 50 42.67 -9.55 -19.47
CA LYS C 50 42.86 -8.93 -20.77
C LYS C 50 41.64 -8.05 -21.07
N LYS C 51 41.81 -7.14 -22.03
CA LYS C 51 40.72 -6.29 -22.46
C LYS C 51 39.54 -7.12 -22.94
N SER C 52 38.34 -6.60 -22.74
CA SER C 52 37.13 -7.24 -23.24
C SER C 52 36.97 -6.98 -24.73
N GLN C 53 36.43 -7.97 -25.44
CA GLN C 53 36.17 -7.79 -26.86
C GLN C 53 34.96 -6.88 -27.05
N PRO C 54 35.03 -5.91 -27.98
CA PRO C 54 33.93 -4.96 -28.13
C PRO C 54 32.64 -5.65 -28.52
N GLY C 55 31.54 -5.17 -27.97
CA GLY C 55 30.22 -5.53 -28.43
C GLY C 55 29.72 -6.90 -28.04
N LEU C 56 30.38 -7.58 -27.09
CA LEU C 56 29.96 -8.93 -26.72
C LEU C 56 29.26 -8.98 -25.36
N MET C 57 28.93 -7.83 -24.78
CA MET C 57 28.15 -7.74 -23.55
C MET C 57 28.88 -8.42 -22.38
N THR C 58 30.08 -7.90 -22.10
CA THR C 58 30.78 -8.29 -20.89
C THR C 58 29.97 -7.89 -19.66
N ILE C 59 30.21 -8.61 -18.57
CA ILE C 59 29.57 -8.31 -17.28
C ILE C 59 30.45 -7.38 -16.44
N ARG C 60 31.66 -7.08 -16.91
CA ARG C 60 32.61 -6.30 -16.14
C ARG C 60 32.11 -4.87 -15.89
N GLY C 61 32.60 -4.29 -14.79
CA GLY C 61 32.54 -2.86 -14.56
C GLY C 61 33.85 -2.19 -14.89
N CYS C 62 34.07 -1.02 -14.27
CA CYS C 62 35.22 -0.18 -14.56
C CYS C 62 36.11 -0.03 -13.33
N ALA C 63 37.24 0.66 -13.52
CA ALA C 63 38.16 0.92 -12.43
C ALA C 63 37.53 1.78 -11.34
N TYR C 64 36.66 2.71 -11.70
CA TYR C 64 35.97 3.52 -10.69
C TYR C 64 35.17 2.64 -9.75
N ALA C 65 34.44 1.67 -10.29
CA ALA C 65 33.74 0.72 -9.43
C ALA C 65 34.72 -0.03 -8.55
N GLY C 66 35.91 -0.33 -9.06
CA GLY C 66 36.89 -1.05 -8.28
C GLY C 66 37.45 -0.25 -7.13
N SER C 67 37.55 1.07 -7.29
CA SER C 67 38.10 1.94 -6.25
C SER C 67 37.01 2.54 -5.36
N LYS C 68 36.04 3.24 -5.97
CA LYS C 68 35.02 3.90 -5.18
C LYS C 68 34.01 2.89 -4.63
N GLY C 69 33.44 2.08 -5.51
CA GLY C 69 32.38 1.18 -5.08
C GLY C 69 32.84 0.08 -4.16
N VAL C 70 34.08 -0.38 -4.32
CA VAL C 70 34.56 -1.58 -3.63
C VAL C 70 35.47 -1.24 -2.45
N VAL C 71 36.53 -0.44 -2.69
CA VAL C 71 37.57 -0.25 -1.70
C VAL C 71 37.29 0.95 -0.79
N TRP C 72 37.11 2.12 -1.38
CA TRP C 72 37.07 3.35 -0.59
C TRP C 72 35.67 3.65 -0.04
N GLY C 73 34.63 3.48 -0.85
CA GLY C 73 33.28 3.83 -0.44
C GLY C 73 32.84 3.26 0.88
N PRO C 74 33.22 2.02 1.23
CA PRO C 74 32.79 1.46 2.51
C PRO C 74 33.34 2.19 3.72
N ILE C 75 34.50 2.83 3.62
CA ILE C 75 35.07 3.49 4.79
C ILE C 75 34.09 4.57 5.25
N LYS C 76 33.60 4.44 6.48
CA LYS C 76 32.33 5.07 6.84
C LYS C 76 32.45 6.51 7.30
N ASP C 77 33.52 6.86 8.03
CA ASP C 77 33.65 8.21 8.59
C ASP C 77 34.41 9.16 7.67
N MET C 78 34.66 8.77 6.42
CA MET C 78 35.18 9.68 5.41
C MET C 78 34.07 10.01 4.40
N ILE C 79 34.24 11.15 3.73
CA ILE C 79 33.36 11.56 2.64
C ILE C 79 34.10 11.30 1.34
N HIS C 80 33.46 10.59 0.42
CA HIS C 80 34.06 10.20 -0.84
C HIS C 80 33.38 10.97 -1.97
N ILE C 81 34.17 11.76 -2.70
CA ILE C 81 33.65 12.60 -3.76
C ILE C 81 33.75 11.83 -5.08
N SER C 82 32.62 11.62 -5.74
CA SER C 82 32.61 11.11 -7.11
C SER C 82 32.86 12.31 -8.01
N HIS C 83 34.10 12.46 -8.47
CA HIS C 83 34.55 13.67 -9.14
C HIS C 83 34.38 13.50 -10.65
N GLY C 84 33.38 14.17 -11.22
CA GLY C 84 33.03 14.01 -12.60
C GLY C 84 31.53 14.22 -12.81
N PRO C 85 31.01 13.78 -13.95
CA PRO C 85 29.56 13.93 -14.19
C PRO C 85 28.76 13.07 -13.23
N VAL C 86 27.44 13.25 -13.29
CA VAL C 86 26.55 12.76 -12.23
C VAL C 86 26.32 11.26 -12.26
N GLY C 87 26.56 10.60 -13.40
CA GLY C 87 26.20 9.20 -13.55
C GLY C 87 26.85 8.24 -12.56
N CYS C 88 28.19 8.20 -12.54
CA CYS C 88 28.90 7.16 -11.80
C CYS C 88 28.44 7.09 -10.35
N GLY C 89 28.32 8.24 -9.70
CA GLY C 89 27.95 8.26 -8.29
C GLY C 89 26.53 7.83 -8.03
N GLN C 90 25.61 8.12 -8.96
CA GLN C 90 24.21 7.78 -8.74
C GLN C 90 23.98 6.29 -8.91
N TYR C 91 24.56 5.70 -9.95
CA TYR C 91 24.35 4.28 -10.22
C TYR C 91 24.95 3.41 -9.11
N SER C 92 26.01 3.88 -8.47
CA SER C 92 26.67 3.13 -7.40
C SER C 92 26.22 3.53 -6.01
N ARG C 93 25.23 4.43 -5.88
CA ARG C 93 24.78 4.85 -4.56
C ARG C 93 24.04 3.70 -3.89
N ALA C 94 24.61 3.17 -2.81
CA ALA C 94 23.95 2.21 -1.93
C ALA C 94 23.52 0.94 -2.66
N GLY C 95 24.11 0.67 -3.83
CA GLY C 95 23.85 -0.59 -4.50
C GLY C 95 24.60 -1.77 -3.94
N ARG C 96 25.68 -1.51 -3.20
CA ARG C 96 26.50 -2.56 -2.61
C ARG C 96 26.33 -2.52 -1.10
N ARG C 97 26.05 -3.67 -0.51
CA ARG C 97 25.64 -3.75 0.89
C ARG C 97 26.83 -3.87 1.84
N ASN C 98 27.78 -2.95 1.72
CA ASN C 98 28.91 -2.89 2.65
C ASN C 98 28.41 -2.26 3.94
N TYR C 99 28.01 -3.12 4.88
CA TYR C 99 27.29 -2.66 6.07
C TYR C 99 28.22 -1.96 7.05
N TYR C 100 27.62 -1.10 7.89
CA TYR C 100 28.39 -0.27 8.82
C TYR C 100 27.48 0.20 9.94
N ILE C 101 28.11 0.59 11.04
CA ILE C 101 27.42 1.20 12.18
C ILE C 101 27.76 2.68 12.20
N GLY C 102 26.74 3.52 12.11
CA GLY C 102 26.99 4.96 12.17
C GLY C 102 25.70 5.75 12.09
N THR C 103 25.86 7.06 12.19
CA THR C 103 24.77 8.03 12.08
C THR C 103 24.95 8.73 10.73
N THR C 104 24.21 8.28 9.73
CA THR C 104 24.47 8.69 8.36
C THR C 104 24.12 10.17 8.16
N GLY C 105 25.01 10.89 7.47
CA GLY C 105 24.87 12.31 7.30
C GLY C 105 25.48 13.15 8.41
N VAL C 106 25.88 12.53 9.51
CA VAL C 106 26.44 13.23 10.67
C VAL C 106 27.91 12.84 10.87
N ASN C 107 28.17 11.56 11.14
CA ASN C 107 29.52 11.05 11.33
C ASN C 107 29.84 9.88 10.41
N ALA C 108 28.89 9.43 9.61
CA ALA C 108 29.12 8.38 8.61
C ALA C 108 28.35 8.74 7.36
N PHE C 109 28.85 8.27 6.19
CA PHE C 109 28.35 8.78 4.93
C PHE C 109 28.32 7.74 3.82
N VAL C 110 28.31 6.45 4.15
CA VAL C 110 28.54 5.41 3.16
C VAL C 110 27.47 5.44 2.08
N THR C 111 26.21 5.53 2.48
CA THR C 111 25.10 5.40 1.52
C THR C 111 24.73 6.71 0.85
N MET C 112 25.45 7.79 1.14
CA MET C 112 25.23 9.06 0.45
C MET C 112 26.05 9.14 -0.84
N ASN C 113 25.69 10.09 -1.68
CA ASN C 113 26.35 10.30 -2.97
C ASN C 113 26.82 11.76 -3.02
N PHE C 114 28.12 11.96 -2.80
CA PHE C 114 28.76 13.26 -2.97
C PHE C 114 29.35 13.32 -4.38
N THR C 115 29.12 14.43 -5.07
CA THR C 115 29.49 14.53 -6.48
C THR C 115 29.73 15.98 -6.85
N SER C 116 30.68 16.20 -7.77
CA SER C 116 30.94 17.53 -8.30
C SER C 116 30.03 17.89 -9.47
N ASP C 117 29.38 16.90 -10.07
CA ASP C 117 28.34 17.12 -11.09
C ASP C 117 28.86 17.97 -12.24
N PHE C 118 29.85 17.40 -12.93
CA PHE C 118 30.50 18.09 -14.04
C PHE C 118 29.49 18.57 -15.06
N GLN C 119 29.50 19.87 -15.31
CA GLN C 119 28.84 20.45 -16.47
C GLN C 119 29.88 20.68 -17.56
N GLU C 120 29.42 21.05 -18.75
CA GLU C 120 30.35 21.22 -19.86
C GLU C 120 31.35 22.33 -19.57
N LYS C 121 30.99 23.29 -18.73
CA LYS C 121 31.93 24.36 -18.38
C LYS C 121 33.17 23.80 -17.69
N ASP C 122 32.97 22.84 -16.78
CA ASP C 122 34.11 22.21 -16.10
C ASP C 122 34.94 21.37 -17.05
N ILE C 123 34.36 20.91 -18.17
CA ILE C 123 35.12 20.19 -19.17
C ILE C 123 36.09 21.13 -19.88
N VAL C 124 35.63 22.34 -20.23
CA VAL C 124 36.48 23.23 -21.02
C VAL C 124 37.45 24.01 -20.12
N PHE C 125 37.03 24.34 -18.89
CA PHE C 125 37.87 25.11 -17.99
C PHE C 125 38.61 24.24 -16.97
N GLY C 126 38.24 22.98 -16.81
CA GLY C 126 38.82 22.15 -15.76
C GLY C 126 38.04 22.25 -14.47
N GLY C 127 38.14 21.19 -13.65
CA GLY C 127 37.39 21.08 -12.43
C GLY C 127 38.17 21.31 -11.15
N ASP C 128 39.44 21.70 -11.22
CA ASP C 128 40.25 21.83 -10.02
C ASP C 128 39.75 22.95 -9.12
N LYS C 129 39.31 24.06 -9.71
CA LYS C 129 38.73 25.14 -8.92
C LYS C 129 37.44 24.68 -8.25
N LYS C 130 36.58 24.01 -9.00
CA LYS C 130 35.33 23.52 -8.44
C LYS C 130 35.59 22.52 -7.31
N LEU C 131 36.61 21.68 -7.45
CA LEU C 131 36.93 20.72 -6.41
C LEU C 131 37.32 21.41 -5.11
N ALA C 132 38.14 22.46 -5.20
CA ALA C 132 38.58 23.18 -4.01
C ALA C 132 37.41 23.86 -3.31
N LYS C 133 36.54 24.52 -4.08
CA LYS C 133 35.33 25.10 -3.49
C LYS C 133 34.45 24.01 -2.92
N LEU C 134 34.39 22.85 -3.59
CA LEU C 134 33.58 21.74 -3.12
C LEU C 134 34.09 21.24 -1.76
N ILE C 135 35.42 21.12 -1.61
CA ILE C 135 35.98 20.64 -0.35
C ILE C 135 35.59 21.58 0.79
N ASP C 136 35.60 22.89 0.53
CA ASP C 136 35.21 23.84 1.58
C ASP C 136 33.76 23.66 1.97
N GLU C 137 32.87 23.46 0.99
CA GLU C 137 31.46 23.26 1.29
C GLU C 137 31.23 21.97 2.07
N VAL C 138 32.01 20.93 1.79
CA VAL C 138 31.93 19.71 2.59
C VAL C 138 32.28 20.00 4.05
N GLU C 139 33.31 20.82 4.28
CA GLU C 139 33.71 21.12 5.65
C GLU C 139 32.63 21.88 6.39
N THR C 140 31.93 22.79 5.71
CA THR C 140 30.88 23.56 6.37
C THR C 140 29.71 22.66 6.77
N LEU C 141 29.27 21.80 5.87
CA LEU C 141 28.01 21.07 6.06
C LEU C 141 28.20 19.72 6.74
N PHE C 142 29.42 19.20 6.79
CA PHE C 142 29.69 17.88 7.38
C PHE C 142 30.95 17.97 8.21
N PRO C 143 30.90 18.74 9.31
CA PRO C 143 32.12 18.99 10.07
C PRO C 143 32.72 17.75 10.71
N LEU C 144 31.93 16.72 10.96
CA LEU C 144 32.42 15.54 11.67
C LEU C 144 33.05 14.51 10.75
N ASN C 145 33.19 14.80 9.46
CA ASN C 145 33.92 13.91 8.58
C ASN C 145 35.39 13.87 8.99
N LYS C 146 36.00 12.70 8.90
CA LYS C 146 37.38 12.49 9.34
C LYS C 146 38.33 12.32 8.16
N GLY C 147 38.00 12.90 7.03
CA GLY C 147 38.81 12.81 5.84
C GLY C 147 37.96 12.75 4.59
N ILE C 148 38.60 13.05 3.46
CA ILE C 148 37.92 13.13 2.17
C ILE C 148 38.74 12.36 1.15
N SER C 149 38.05 11.65 0.26
CA SER C 149 38.69 11.03 -0.89
C SER C 149 38.06 11.58 -2.16
N VAL C 150 38.85 11.61 -3.22
CA VAL C 150 38.44 12.16 -4.51
C VAL C 150 38.53 11.02 -5.52
N GLN C 151 37.38 10.45 -5.89
CA GLN C 151 37.32 9.34 -6.83
C GLN C 151 37.16 9.91 -8.23
N SER C 152 38.22 9.83 -9.03
CA SER C 152 38.21 10.42 -10.36
C SER C 152 37.39 9.56 -11.31
N GLU C 153 36.46 10.20 -12.02
CA GLU C 153 35.71 9.57 -13.08
C GLU C 153 36.37 9.87 -14.43
N CYS C 154 35.88 9.19 -15.46
CA CYS C 154 36.52 9.21 -16.79
C CYS C 154 37.06 10.56 -17.23
N PRO C 155 36.32 11.66 -17.14
CA PRO C 155 36.80 12.92 -17.73
C PRO C 155 38.02 13.53 -17.05
N ILE C 156 38.27 13.23 -15.77
CA ILE C 156 39.24 13.99 -14.99
C ILE C 156 40.62 13.94 -15.65
N GLY C 157 41.12 12.73 -15.88
CA GLY C 157 42.43 12.59 -16.50
C GLY C 157 42.44 13.03 -17.96
N LEU C 158 41.34 12.83 -18.67
CA LEU C 158 41.30 13.15 -20.10
C LEU C 158 41.42 14.65 -20.35
N ILE C 159 41.03 15.49 -19.40
CA ILE C 159 41.07 16.93 -19.58
C ILE C 159 42.28 17.57 -18.89
N GLY C 160 43.08 16.79 -18.18
CA GLY C 160 44.30 17.30 -17.60
C GLY C 160 44.18 17.96 -16.25
N ASP C 161 43.11 17.69 -15.51
CA ASP C 161 43.02 18.19 -14.14
C ASP C 161 44.12 17.57 -13.28
N ASP C 162 44.50 18.30 -12.22
CA ASP C 162 45.50 17.83 -11.27
C ASP C 162 44.84 17.82 -9.89
N ILE C 163 44.21 16.70 -9.54
CA ILE C 163 43.55 16.58 -8.26
C ILE C 163 44.54 16.39 -7.13
N GLU C 164 45.76 15.92 -7.42
CA GLU C 164 46.76 15.75 -6.38
C GLU C 164 47.25 17.10 -5.87
N SER C 165 47.35 18.09 -6.76
CA SER C 165 47.69 19.44 -6.31
C SER C 165 46.58 20.01 -5.43
N VAL C 166 45.32 19.84 -5.83
CA VAL C 166 44.21 20.31 -5.00
C VAL C 166 44.22 19.58 -3.66
N SER C 167 44.48 18.28 -3.67
CA SER C 167 44.49 17.52 -2.42
C SER C 167 45.59 18.01 -1.49
N LYS C 168 46.79 18.24 -2.03
CA LYS C 168 47.90 18.70 -1.20
C LYS C 168 47.63 20.09 -0.62
N VAL C 169 47.17 21.01 -1.47
CA VAL C 169 46.94 22.38 -1.02
C VAL C 169 45.84 22.43 0.04
N LYS C 170 44.65 21.92 -0.30
CA LYS C 170 43.54 21.96 0.64
C LYS C 170 43.82 21.14 1.88
N GLY C 171 44.55 20.02 1.74
CA GLY C 171 44.91 19.24 2.92
C GLY C 171 45.69 20.04 3.94
N ALA C 172 46.71 20.77 3.47
CA ALA C 172 47.50 21.59 4.37
C ALA C 172 46.68 22.76 4.90
N GLU C 173 45.96 23.46 4.01
CA GLU C 173 45.17 24.61 4.44
C GLU C 173 44.18 24.20 5.53
N LEU C 174 43.57 23.02 5.41
CA LEU C 174 42.55 22.56 6.33
C LEU C 174 43.06 21.60 7.40
N SER C 175 44.29 21.12 7.28
CA SER C 175 44.80 20.08 8.18
C SER C 175 43.92 18.84 8.12
N LYS C 176 43.64 18.39 6.90
CA LYS C 176 42.72 17.29 6.65
C LYS C 176 43.36 16.26 5.73
N THR C 177 42.99 15.01 5.93
CA THR C 177 43.39 13.94 5.02
C THR C 177 42.49 14.00 3.79
N ILE C 178 43.07 14.36 2.65
CA ILE C 178 42.36 14.45 1.38
C ILE C 178 43.11 13.57 0.39
N VAL C 179 42.50 12.45 0.02
CA VAL C 179 43.16 11.42 -0.78
C VAL C 179 42.73 11.59 -2.22
N PRO C 180 43.66 11.88 -3.16
CA PRO C 180 43.32 11.84 -4.58
C PRO C 180 43.44 10.42 -5.11
N VAL C 181 42.43 9.98 -5.86
CA VAL C 181 42.39 8.64 -6.42
C VAL C 181 42.14 8.76 -7.91
N ARG C 182 43.08 8.25 -8.71
CA ARG C 182 42.98 8.34 -10.17
C ARG C 182 42.48 7.01 -10.73
N CYS C 183 41.20 6.75 -10.46
CA CYS C 183 40.55 5.51 -10.85
C CYS C 183 39.64 5.70 -12.06
N GLU C 184 40.02 6.58 -12.98
CA GLU C 184 39.20 6.85 -14.15
C GLU C 184 38.80 5.55 -14.82
N GLY C 185 37.51 5.45 -15.17
CA GLY C 185 36.94 4.19 -15.63
C GLY C 185 37.63 3.62 -16.86
N PHE C 186 38.25 4.48 -17.67
CA PHE C 186 38.95 4.00 -18.85
C PHE C 186 40.30 3.37 -18.53
N ARG C 187 40.77 3.48 -17.29
CA ARG C 187 42.03 2.89 -16.91
C ARG C 187 41.87 1.38 -16.70
N GLY C 188 42.84 0.62 -17.19
CA GLY C 188 42.79 -0.82 -17.02
C GLY C 188 41.74 -1.45 -17.92
N VAL C 189 41.34 -2.66 -17.52
CA VAL C 189 40.41 -3.48 -18.29
C VAL C 189 39.17 -3.85 -17.50
N SER C 190 39.07 -3.45 -16.23
CA SER C 190 38.00 -3.91 -15.36
C SER C 190 38.07 -3.25 -13.98
N GLN C 191 37.26 -3.73 -13.04
CA GLN C 191 37.36 -3.27 -11.66
C GLN C 191 38.72 -3.57 -11.05
N SER C 192 39.46 -4.54 -11.60
CA SER C 192 40.66 -5.02 -10.94
C SER C 192 41.68 -3.90 -10.75
N LEU C 193 41.91 -3.09 -11.79
CA LEU C 193 42.88 -2.01 -11.65
C LEU C 193 42.43 -0.97 -10.64
N GLY C 194 41.12 -0.79 -10.49
CA GLY C 194 40.62 0.11 -9.47
C GLY C 194 41.02 -0.34 -8.07
N HIS C 195 41.02 -1.65 -7.84
CA HIS C 195 41.57 -2.19 -6.60
C HIS C 195 43.01 -1.71 -6.40
N HIS C 196 43.87 -1.97 -7.39
CA HIS C 196 45.29 -1.67 -7.27
C HIS C 196 45.52 -0.17 -7.12
N ILE C 197 44.88 0.62 -7.97
CA ILE C 197 44.98 2.08 -7.84
C ILE C 197 44.57 2.51 -6.44
N ALA C 198 43.50 1.93 -5.91
CA ALA C 198 42.98 2.35 -4.62
C ALA C 198 43.92 1.94 -3.49
N ASN C 199 44.48 0.73 -3.56
CA ASN C 199 45.46 0.30 -2.56
C ASN C 199 46.61 1.29 -2.47
N ASP C 200 47.17 1.68 -3.61
CA ASP C 200 48.29 2.62 -3.61
C ASP C 200 47.87 3.98 -3.05
N ALA C 201 46.62 4.36 -3.24
CA ALA C 201 46.13 5.60 -2.64
C ALA C 201 46.13 5.51 -1.13
N VAL C 202 45.73 4.36 -0.59
CA VAL C 202 45.76 4.15 0.86
C VAL C 202 47.20 4.23 1.36
N ARG C 203 48.11 3.52 0.68
CA ARG C 203 49.51 3.53 1.08
C ARG C 203 50.10 4.94 1.02
N ASP C 204 49.90 5.64 -0.10
CA ASP C 204 50.59 6.90 -0.32
C ASP C 204 50.04 8.04 0.54
N TRP C 205 48.78 7.96 0.96
CA TRP C 205 48.11 9.10 1.58
C TRP C 205 47.49 8.84 2.94
N VAL C 206 47.40 7.58 3.38
CA VAL C 206 46.74 7.29 4.65
C VAL C 206 47.64 6.45 5.55
N LEU C 207 48.20 5.39 4.99
CA LEU C 207 48.80 4.34 5.82
C LEU C 207 50.04 4.83 6.56
N GLY C 208 50.75 5.83 6.03
CA GLY C 208 51.94 6.32 6.68
C GLY C 208 51.71 7.32 7.78
N LYS C 209 50.45 7.64 8.10
CA LYS C 209 50.16 8.74 9.01
C LYS C 209 50.74 8.49 10.40
N ARG C 210 50.72 7.24 10.87
CA ARG C 210 51.15 6.93 12.22
C ARG C 210 52.40 6.05 12.27
N ASP C 211 53.23 6.12 11.23
CA ASP C 211 54.51 5.43 11.26
C ASP C 211 55.33 5.89 12.45
N GLU C 212 55.23 7.12 12.82
CA GLU C 212 56.07 7.52 13.89
C GLU C 212 55.27 7.74 15.12
N ASP C 213 54.25 6.96 15.22
CA ASP C 213 53.38 6.98 16.34
C ASP C 213 53.63 5.67 17.08
N THR C 214 53.59 5.70 18.40
CA THR C 214 53.79 4.53 19.20
N PHE C 216 49.81 3.78 20.95
CA PHE C 216 48.95 2.60 20.79
C PHE C 216 49.48 1.44 21.62
N ALA C 217 48.59 0.82 22.40
CA ALA C 217 48.96 -0.27 23.29
C ALA C 217 48.75 -1.60 22.56
N SER C 218 49.85 -2.19 22.08
CA SER C 218 49.78 -3.41 21.30
C SER C 218 49.78 -4.65 22.18
N THR C 219 49.21 -5.72 21.66
CA THR C 219 49.22 -7.03 22.29
C THR C 219 49.74 -8.03 21.27
N PRO C 220 50.19 -9.21 21.72
CA PRO C 220 50.69 -10.21 20.76
C PRO C 220 49.61 -10.81 19.87
N TYR C 221 48.34 -10.51 20.14
CA TYR C 221 47.23 -11.08 19.39
C TYR C 221 46.52 -10.06 18.51
N ASP C 222 47.17 -8.93 18.22
CA ASP C 222 46.58 -7.94 17.33
C ASP C 222 46.59 -8.44 15.90
N VAL C 223 45.50 -8.21 15.18
CA VAL C 223 45.32 -8.73 13.85
C VAL C 223 44.37 -7.81 13.10
N ALA C 224 44.39 -7.89 11.77
CA ALA C 224 43.53 -7.07 10.94
C ALA C 224 42.85 -7.95 9.90
N ILE C 225 41.58 -7.66 9.63
CA ILE C 225 40.82 -8.34 8.59
C ILE C 225 40.98 -7.51 7.32
N ILE C 226 41.70 -8.05 6.34
CA ILE C 226 42.04 -7.36 5.11
C ILE C 226 41.21 -7.96 3.98
N GLY C 227 40.50 -7.12 3.25
CA GLY C 227 39.73 -7.57 2.11
C GLY C 227 38.44 -8.27 2.45
N ASP C 228 37.70 -7.75 3.45
CA ASP C 228 36.33 -8.19 3.71
C ASP C 228 35.49 -6.92 3.83
N TYR C 229 34.47 -6.82 2.98
CA TYR C 229 33.70 -5.59 2.84
C TYR C 229 32.33 -5.67 3.51
N ASN C 230 32.15 -6.64 4.40
CA ASN C 230 30.99 -6.70 5.29
C ASN C 230 29.69 -6.68 4.52
N ILE C 231 29.61 -7.47 3.46
CA ILE C 231 28.39 -7.61 2.67
C ILE C 231 27.35 -8.29 3.56
N GLY C 232 26.30 -7.57 3.91
CA GLY C 232 25.28 -8.13 4.79
C GLY C 232 25.77 -8.47 6.18
N GLY C 233 26.95 -7.98 6.56
CA GLY C 233 27.52 -8.29 7.85
C GLY C 233 28.59 -9.36 7.84
N ASP C 234 29.10 -9.73 6.67
CA ASP C 234 30.05 -10.84 6.56
C ASP C 234 31.23 -10.68 7.49
N ALA C 235 31.73 -9.45 7.64
CA ALA C 235 32.92 -9.22 8.46
C ALA C 235 32.60 -9.28 9.95
N TRP C 236 31.41 -8.82 10.35
CA TRP C 236 31.02 -8.91 11.75
C TRP C 236 30.88 -10.36 12.19
N SER C 237 30.27 -11.20 11.34
CA SER C 237 30.14 -12.61 11.67
C SER C 237 31.46 -13.37 11.49
N SER C 238 32.50 -12.70 11.01
CA SER C 238 33.86 -13.24 11.01
C SER C 238 34.67 -12.74 12.19
N ARG C 239 34.57 -11.44 12.49
CA ARG C 239 35.24 -10.86 13.65
C ARG C 239 34.84 -11.58 14.93
N ILE C 240 33.57 -11.94 15.06
CA ILE C 240 33.09 -12.57 16.29
C ILE C 240 33.88 -13.83 16.58
N LEU C 241 34.14 -14.64 15.56
CA LEU C 241 34.88 -15.89 15.76
C LEU C 241 36.33 -15.62 16.12
N LEU C 242 36.95 -14.63 15.47
CA LEU C 242 38.36 -14.35 15.71
C LEU C 242 38.59 -13.86 17.14
N GLU C 243 37.68 -13.05 17.67
CA GLU C 243 37.82 -12.54 19.02
C GLU C 243 37.38 -13.56 20.06
N GLU C 244 36.44 -14.44 19.70
CA GLU C 244 36.16 -15.59 20.55
C GLU C 244 37.39 -16.49 20.65
N MET C 245 38.20 -16.54 19.60
CA MET C 245 39.44 -17.31 19.61
C MET C 245 40.56 -16.64 20.38
N GLY C 246 40.35 -15.43 20.88
CA GLY C 246 41.33 -14.73 21.69
C GLY C 246 42.06 -13.59 20.99
N LEU C 247 41.78 -13.36 19.72
CA LEU C 247 42.47 -12.33 18.97
C LEU C 247 41.80 -10.97 19.15
N ARG C 248 42.53 -9.92 18.83
CA ARG C 248 42.01 -8.55 18.87
C ARG C 248 42.07 -7.99 17.45
N CYS C 249 40.90 -7.82 16.84
CA CYS C 249 40.82 -7.30 15.47
C CYS C 249 40.96 -5.79 15.54
N VAL C 250 42.17 -5.29 15.25
CA VAL C 250 42.43 -3.86 15.33
C VAL C 250 41.70 -3.12 14.23
N ALA C 251 41.58 -3.71 13.04
CA ALA C 251 41.05 -3.00 11.88
C ALA C 251 40.26 -3.94 10.99
N GLN C 252 39.33 -3.35 10.23
CA GLN C 252 38.52 -4.05 9.24
C GLN C 252 38.61 -3.27 7.93
N TRP C 253 39.27 -3.86 6.93
CA TRP C 253 39.46 -3.23 5.63
C TRP C 253 38.48 -3.84 4.63
N SER C 254 37.52 -3.05 4.12
CA SER C 254 37.15 -1.72 4.58
C SER C 254 35.70 -1.76 5.07
N GLY C 255 35.13 -2.96 5.10
CA GLY C 255 33.76 -3.15 5.57
C GLY C 255 33.58 -2.60 6.97
N ASP C 256 32.72 -1.60 7.12
CA ASP C 256 32.49 -0.95 8.41
C ASP C 256 33.79 -0.38 8.97
N GLY C 257 34.70 -0.01 8.08
CA GLY C 257 36.00 0.47 8.50
C GLY C 257 36.01 1.98 8.71
N SER C 258 36.81 2.39 9.70
CA SER C 258 37.07 3.80 9.95
C SER C 258 38.50 4.12 9.53
N ILE C 259 38.74 5.39 9.19
CA ILE C 259 40.07 5.79 8.76
C ILE C 259 41.08 5.51 9.87
N SER C 260 40.68 5.72 11.13
CA SER C 260 41.60 5.46 12.24
C SER C 260 42.01 3.98 12.30
N GLU C 261 41.07 3.07 12.04
CA GLU C 261 41.40 1.66 11.96
C GLU C 261 42.47 1.42 10.91
N ILE C 262 42.29 1.98 9.71
CA ILE C 262 43.29 1.87 8.66
C ILE C 262 44.65 2.32 9.18
N GLU C 263 44.69 3.50 9.81
CA GLU C 263 45.95 4.07 10.26
C GLU C 263 46.62 3.23 11.35
N LEU C 264 45.85 2.48 12.11
CA LEU C 264 46.41 1.63 13.15
C LEU C 264 46.85 0.26 12.65
N THR C 265 46.51 -0.09 11.41
CA THR C 265 46.83 -1.43 10.92
C THR C 265 48.32 -1.74 10.89
N PRO C 266 49.23 -0.80 10.63
CA PRO C 266 50.66 -1.13 10.68
C PRO C 266 51.15 -1.57 12.04
N LYS C 267 50.29 -1.54 13.06
CA LYS C 267 50.68 -1.91 14.42
C LYS C 267 50.34 -3.35 14.77
N VAL C 268 49.70 -4.10 13.86
CA VAL C 268 49.21 -5.43 14.20
C VAL C 268 50.30 -6.47 13.97
N LYS C 269 50.08 -7.67 14.47
CA LYS C 269 51.05 -8.76 14.33
C LYS C 269 50.80 -9.61 13.10
N LEU C 270 49.60 -9.53 12.51
CA LEU C 270 49.21 -10.46 11.45
C LEU C 270 48.08 -9.84 10.64
N ASN C 271 48.16 -10.00 9.32
CA ASN C 271 47.11 -9.54 8.42
C ASN C 271 46.39 -10.76 7.85
N LEU C 272 45.08 -10.83 8.08
CA LEU C 272 44.25 -11.93 7.60
C LEU C 272 43.55 -11.46 6.33
N VAL C 273 43.92 -12.06 5.21
CA VAL C 273 43.45 -11.62 3.90
C VAL C 273 42.35 -12.58 3.44
N HIS C 274 41.12 -12.08 3.36
CA HIS C 274 40.04 -12.86 2.76
C HIS C 274 40.08 -12.71 1.25
N CYS C 275 39.83 -11.49 0.75
CA CYS C 275 39.88 -11.23 -0.68
C CYS C 275 41.31 -10.94 -1.07
N TYR C 276 42.00 -11.97 -1.57
CA TYR C 276 43.36 -11.80 -2.07
C TYR C 276 43.40 -10.80 -3.23
N ARG C 277 42.48 -10.94 -4.19
CA ARG C 277 42.55 -10.16 -5.42
C ARG C 277 42.59 -8.67 -5.14
N SER C 278 41.66 -8.17 -4.33
CA SER C 278 41.51 -6.73 -4.15
C SER C 278 42.50 -6.12 -3.17
N MET C 279 43.14 -6.93 -2.33
CA MET C 279 43.93 -6.40 -1.23
C MET C 279 45.33 -6.99 -1.09
N ASN C 280 45.74 -7.90 -1.98
CA ASN C 280 47.09 -8.45 -1.88
C ASN C 280 48.15 -7.37 -2.07
N TYR C 281 47.80 -6.27 -2.74
CA TYR C 281 48.77 -5.21 -2.98
C TYR C 281 49.21 -4.57 -1.68
N ILE C 282 48.25 -4.05 -0.90
CA ILE C 282 48.57 -3.39 0.35
C ILE C 282 49.14 -4.39 1.36
N SER C 283 48.76 -5.67 1.25
CA SER C 283 49.29 -6.68 2.15
C SER C 283 50.78 -6.87 1.92
N ARG C 284 51.19 -7.03 0.66
CA ARG C 284 52.61 -7.16 0.34
C ARG C 284 53.38 -5.94 0.79
N HIS C 285 52.80 -4.75 0.63
CA HIS C 285 53.49 -3.53 1.02
C HIS C 285 53.71 -3.48 2.54
N MET C 286 52.71 -3.92 3.31
CA MET C 286 52.85 -3.88 4.76
C MET C 286 53.89 -4.88 5.26
N GLU C 287 54.04 -5.99 4.55
CA GLU C 287 55.11 -6.94 4.90
C GLU C 287 56.48 -6.32 4.64
N GLU C 288 56.66 -5.70 3.48
CA GLU C 288 57.95 -5.12 3.13
C GLU C 288 58.35 -4.02 4.11
N LYS C 289 57.42 -3.11 4.39
CA LYS C 289 57.77 -1.91 5.14
C LYS C 289 57.67 -2.08 6.65
N TYR C 290 56.68 -2.83 7.14
CA TYR C 290 56.44 -2.98 8.56
C TYR C 290 56.73 -4.38 9.07
N GLY C 291 57.14 -5.30 8.20
CA GLY C 291 57.44 -6.65 8.61
C GLY C 291 56.24 -7.48 9.02
N ILE C 292 55.03 -7.01 8.73
CA ILE C 292 53.80 -7.71 9.12
C ILE C 292 53.54 -8.86 8.14
N PRO C 293 53.50 -10.11 8.59
CA PRO C 293 53.13 -11.20 7.69
C PRO C 293 51.62 -11.23 7.43
N TRP C 294 51.25 -11.86 6.32
CA TRP C 294 49.85 -12.01 5.96
C TRP C 294 49.60 -13.43 5.48
N MET C 295 48.34 -13.86 5.64
CA MET C 295 47.93 -15.19 5.23
C MET C 295 46.51 -15.13 4.67
N GLU C 296 46.24 -15.98 3.69
CA GLU C 296 44.90 -16.10 3.13
C GLU C 296 44.06 -17.04 3.98
N TYR C 297 42.77 -16.73 4.11
CA TYR C 297 41.84 -17.59 4.82
C TYR C 297 40.51 -17.61 4.10
N ASN C 298 39.62 -18.48 4.57
CA ASN C 298 38.34 -18.73 3.91
C ASN C 298 37.31 -19.06 4.97
N PHE C 299 36.25 -18.26 5.05
CA PHE C 299 35.21 -18.41 6.06
C PHE C 299 33.87 -18.78 5.44
N PHE C 300 33.88 -19.42 4.27
CA PHE C 300 32.65 -19.89 3.63
C PHE C 300 32.44 -21.36 4.00
N GLY C 301 31.46 -21.60 4.88
CA GLY C 301 31.11 -22.95 5.26
C GLY C 301 31.92 -23.44 6.44
N PRO C 302 31.42 -24.48 7.12
CA PRO C 302 32.12 -24.95 8.33
C PRO C 302 33.47 -25.58 8.03
N THR C 303 33.59 -26.35 6.94
CA THR C 303 34.86 -27.00 6.64
C THR C 303 35.97 -25.97 6.48
N LYS C 304 35.76 -24.97 5.61
CA LYS C 304 36.79 -23.97 5.39
C LYS C 304 36.99 -23.07 6.60
N THR C 305 35.92 -22.81 7.37
CA THR C 305 36.03 -21.93 8.52
C THR C 305 36.84 -22.59 9.63
N ILE C 306 36.54 -23.86 9.92
CA ILE C 306 37.31 -24.61 10.91
C ILE C 306 38.78 -24.64 10.51
N GLU C 307 39.06 -24.98 9.26
CA GLU C 307 40.44 -25.05 8.78
C GLU C 307 41.14 -23.69 8.91
N SER C 308 40.46 -22.62 8.54
CA SER C 308 41.05 -21.28 8.66
C SER C 308 41.36 -20.96 10.12
N LEU C 309 40.40 -21.20 11.01
CA LEU C 309 40.62 -20.90 12.42
C LEU C 309 41.86 -21.62 12.94
N ARG C 310 42.03 -22.89 12.59
CA ARG C 310 43.18 -23.66 13.07
C ARG C 310 44.48 -23.13 12.48
N ALA C 311 44.49 -22.80 11.19
CA ALA C 311 45.67 -22.23 10.57
C ALA C 311 46.02 -20.89 11.18
N ILE C 312 45.01 -20.04 11.43
CA ILE C 312 45.26 -18.75 12.06
C ILE C 312 45.82 -18.94 13.46
N ALA C 313 45.22 -19.86 14.24
CA ALA C 313 45.66 -20.08 15.60
C ALA C 313 47.08 -20.63 15.65
N ALA C 314 47.48 -21.42 14.65
CA ALA C 314 48.82 -21.98 14.63
C ALA C 314 49.89 -20.90 14.55
N LYS C 315 49.52 -19.68 14.17
CA LYS C 315 50.48 -18.58 14.12
C LYS C 315 50.76 -17.98 15.49
N PHE C 316 50.00 -18.35 16.52
CA PHE C 316 50.17 -17.78 17.85
C PHE C 316 50.55 -18.88 18.84
N ASP C 317 50.28 -18.67 20.12
CA ASP C 317 50.75 -19.59 21.15
C ASP C 317 49.66 -20.59 21.52
N GLU C 318 49.98 -21.47 22.47
CA GLU C 318 49.08 -22.57 22.80
C GLU C 318 47.76 -22.07 23.36
N SER C 319 47.75 -20.87 23.96
CA SER C 319 46.51 -20.37 24.54
C SER C 319 45.50 -20.01 23.47
N ILE C 320 45.96 -19.44 22.34
CA ILE C 320 45.05 -19.15 21.24
C ILE C 320 44.59 -20.45 20.59
N GLN C 321 45.47 -21.45 20.52
CA GLN C 321 45.08 -22.73 19.94
C GLN C 321 44.06 -23.45 20.82
N LYS C 322 44.15 -23.29 22.14
CA LYS C 322 43.16 -23.89 23.03
C LYS C 322 41.79 -23.25 22.84
N LYS C 323 41.75 -21.91 22.78
CA LYS C 323 40.49 -21.21 22.54
C LYS C 323 39.93 -21.58 21.17
N CYS C 324 40.80 -21.77 20.18
CA CYS C 324 40.36 -22.18 18.85
C CYS C 324 39.49 -23.44 18.92
N GLU C 325 39.95 -24.44 19.69
CA GLU C 325 39.18 -25.67 19.82
C GLU C 325 37.90 -25.46 20.63
N GLU C 326 37.93 -24.51 21.56
CA GLU C 326 36.71 -24.16 22.28
C GLU C 326 35.67 -23.53 21.35
N VAL C 327 36.13 -22.72 20.39
CA VAL C 327 35.21 -22.12 19.43
C VAL C 327 34.64 -23.20 18.51
N ILE C 328 35.52 -24.03 17.96
CA ILE C 328 35.08 -25.12 17.09
C ILE C 328 34.08 -26.00 17.81
N ALA C 329 34.35 -26.33 19.07
CA ALA C 329 33.44 -27.18 19.83
C ALA C 329 32.12 -26.46 20.12
N LYS C 330 32.17 -25.15 20.34
CA LYS C 330 30.94 -24.41 20.66
C LYS C 330 29.97 -24.43 19.49
N TYR C 331 30.44 -24.09 18.30
CA TYR C 331 29.56 -23.97 17.14
C TYR C 331 29.31 -25.30 16.45
N LYS C 332 30.04 -26.36 16.81
CA LYS C 332 29.86 -27.65 16.17
C LYS C 332 28.40 -28.10 16.10
N PRO C 333 27.66 -28.18 17.21
CA PRO C 333 26.25 -28.62 17.10
C PRO C 333 25.40 -27.70 16.24
N GLU C 334 25.78 -26.43 16.11
CA GLU C 334 24.94 -25.48 15.38
C GLU C 334 25.02 -25.71 13.88
N TRP C 335 26.23 -25.80 13.32
CA TRP C 335 26.34 -26.05 11.89
C TRP C 335 26.02 -27.49 11.54
N GLU C 336 26.15 -28.43 12.49
CA GLU C 336 25.74 -29.79 12.24
C GLU C 336 24.21 -29.88 12.08
N ALA C 337 23.47 -29.08 12.84
CA ALA C 337 22.02 -29.05 12.67
C ALA C 337 21.64 -28.44 11.32
N VAL C 338 22.41 -27.46 10.85
CA VAL C 338 22.15 -26.85 9.56
C VAL C 338 22.30 -27.88 8.44
N VAL C 339 23.40 -28.62 8.45
CA VAL C 339 23.62 -29.62 7.40
C VAL C 339 22.61 -30.76 7.52
N ALA C 340 22.33 -31.19 8.75
CA ALA C 340 21.39 -32.28 8.96
C ALA C 340 20.02 -31.96 8.37
N LYS C 341 19.64 -30.68 8.36
CA LYS C 341 18.35 -30.27 7.84
C LYS C 341 18.40 -29.96 6.35
N TYR C 342 19.45 -29.31 5.87
CA TYR C 342 19.50 -28.79 4.51
C TYR C 342 20.31 -29.63 3.55
N ARG C 343 21.30 -30.37 4.03
CA ARG C 343 22.06 -31.23 3.12
C ARG C 343 21.16 -32.24 2.41
N PRO C 344 20.24 -32.93 3.08
CA PRO C 344 19.34 -33.84 2.35
C PRO C 344 18.57 -33.16 1.24
N ARG C 345 18.22 -31.89 1.42
CA ARG C 345 17.40 -31.17 0.45
C ARG C 345 18.21 -30.58 -0.69
N LEU C 346 19.55 -30.67 -0.65
CA LEU C 346 20.40 -30.09 -1.67
C LEU C 346 21.41 -31.05 -2.27
N GLU C 347 21.60 -32.24 -1.70
CA GLU C 347 22.65 -33.13 -2.16
C GLU C 347 22.47 -33.49 -3.64
N GLY C 348 23.59 -33.67 -4.32
CA GLY C 348 23.59 -34.10 -5.70
C GLY C 348 23.19 -33.05 -6.71
N LYS C 349 22.89 -31.83 -6.28
CA LYS C 349 22.44 -30.79 -7.20
C LYS C 349 23.63 -29.97 -7.68
N ARG C 350 23.60 -29.62 -8.96
CA ARG C 350 24.74 -29.04 -9.66
C ARG C 350 24.60 -27.53 -9.76
N VAL C 351 25.71 -26.84 -9.55
CA VAL C 351 25.74 -25.38 -9.45
C VAL C 351 26.71 -24.83 -10.49
N MET C 352 26.36 -23.70 -11.09
CA MET C 352 27.26 -22.92 -11.92
C MET C 352 27.41 -21.53 -11.32
N LEU C 353 28.65 -21.06 -11.22
CA LEU C 353 28.95 -19.77 -10.62
C LEU C 353 29.57 -18.84 -11.65
N TYR C 354 29.27 -17.55 -11.53
CA TYR C 354 30.02 -16.51 -12.22
C TYR C 354 29.95 -15.26 -11.37
N ILE C 355 31.08 -14.85 -10.79
CA ILE C 355 31.13 -13.69 -9.93
C ILE C 355 32.38 -12.89 -10.29
N GLY C 356 33.02 -12.25 -9.31
CA GLY C 356 33.99 -11.21 -9.58
C GLY C 356 35.44 -11.59 -9.52
N GLY C 357 36.01 -11.71 -8.31
CA GLY C 357 37.44 -11.91 -8.18
C GLY C 357 37.87 -12.84 -7.06
N LEU C 358 36.92 -13.41 -6.33
CA LEU C 358 37.27 -14.27 -5.20
C LEU C 358 36.24 -15.38 -5.03
N ARG C 359 34.96 -14.99 -4.94
CA ARG C 359 33.93 -15.95 -4.58
C ARG C 359 33.74 -17.08 -5.58
N PRO C 360 34.05 -16.94 -6.87
CA PRO C 360 33.90 -18.09 -7.78
C PRO C 360 34.64 -19.34 -7.30
N ARG C 361 35.73 -19.19 -6.54
CA ARG C 361 36.39 -20.33 -5.92
C ARG C 361 36.16 -20.40 -4.42
N HIS C 362 35.92 -19.27 -3.76
CA HIS C 362 35.91 -19.20 -2.31
C HIS C 362 34.68 -19.85 -1.70
N VAL C 363 33.56 -19.93 -2.44
CA VAL C 363 32.33 -20.47 -1.90
C VAL C 363 32.12 -21.95 -2.28
N ILE C 364 33.04 -22.54 -3.04
CA ILE C 364 32.88 -23.93 -3.44
C ILE C 364 32.75 -24.82 -2.21
N GLY C 365 33.68 -24.68 -1.26
CA GLY C 365 33.66 -25.51 -0.07
C GLY C 365 32.33 -25.49 0.67
N ALA C 366 31.65 -24.35 0.68
CA ALA C 366 30.37 -24.26 1.38
C ALA C 366 29.29 -25.05 0.64
N TYR C 367 29.28 -25.00 -0.70
CA TYR C 367 28.32 -25.79 -1.46
C TYR C 367 28.53 -27.28 -1.22
N GLU C 368 29.78 -27.74 -1.18
CA GLU C 368 30.04 -29.16 -0.97
C GLU C 368 29.70 -29.58 0.45
N ASP C 369 29.82 -28.67 1.42
CA ASP C 369 29.36 -28.96 2.77
C ASP C 369 27.86 -29.21 2.81
N LEU C 370 27.12 -28.87 1.75
CA LEU C 370 25.71 -29.18 1.63
C LEU C 370 25.44 -30.26 0.58
N GLY C 371 26.48 -30.99 0.18
CA GLY C 371 26.32 -32.06 -0.78
C GLY C 371 26.19 -31.63 -2.21
N MET C 372 26.39 -30.35 -2.52
CA MET C 372 26.23 -29.85 -3.87
C MET C 372 27.56 -29.91 -4.61
N GLU C 373 27.48 -29.76 -5.93
CA GLU C 373 28.64 -29.87 -6.82
C GLU C 373 28.69 -28.66 -7.73
N VAL C 374 29.83 -27.97 -7.74
CA VAL C 374 30.04 -26.83 -8.63
C VAL C 374 30.59 -27.36 -9.94
N VAL C 375 29.74 -27.38 -10.98
CA VAL C 375 30.14 -27.92 -12.28
C VAL C 375 30.72 -26.85 -13.20
N GLY C 376 30.73 -25.59 -12.77
CA GLY C 376 31.29 -24.52 -13.59
C GLY C 376 31.44 -23.23 -12.80
N THR C 377 32.55 -22.51 -13.02
CA THR C 377 32.78 -21.24 -12.34
C THR C 377 33.62 -20.34 -13.25
N GLY C 378 33.68 -19.07 -12.88
CA GLY C 378 34.45 -18.11 -13.64
C GLY C 378 34.41 -16.75 -12.98
N TYR C 379 35.35 -15.90 -13.39
CA TYR C 379 35.50 -14.57 -12.84
C TYR C 379 35.27 -13.51 -13.91
N GLU C 380 34.92 -12.30 -13.45
CA GLU C 380 34.86 -11.14 -14.33
C GLU C 380 36.25 -10.57 -14.59
N PHE C 381 37.11 -10.53 -13.55
CA PHE C 381 38.34 -9.76 -13.65
C PHE C 381 39.51 -10.37 -12.89
N ALA C 382 39.49 -11.68 -12.62
CA ALA C 382 40.57 -12.30 -11.89
C ALA C 382 41.83 -12.38 -12.75
N HIS C 383 42.95 -12.60 -12.07
CA HIS C 383 44.24 -12.79 -12.72
C HIS C 383 44.61 -14.27 -12.67
N ASN C 384 45.76 -14.60 -13.27
CA ASN C 384 46.16 -16.00 -13.35
C ASN C 384 46.48 -16.59 -11.98
N ASP C 385 46.89 -15.76 -11.01
CA ASP C 385 47.14 -16.28 -9.67
C ASP C 385 45.85 -16.71 -8.99
N ASP C 386 44.72 -16.06 -9.30
CA ASP C 386 43.44 -16.56 -8.82
C ASP C 386 43.10 -17.89 -9.48
N TYR C 387 43.37 -18.02 -10.78
CA TYR C 387 43.03 -19.24 -11.50
C TYR C 387 43.90 -20.41 -11.05
N ASP C 388 45.13 -20.15 -10.63
CA ASP C 388 45.92 -21.19 -9.98
C ASP C 388 45.17 -21.75 -8.78
N ARG C 389 44.67 -20.86 -7.92
CA ARG C 389 43.91 -21.29 -6.74
C ARG C 389 42.58 -21.93 -7.12
N THR C 390 42.02 -21.54 -8.26
CA THR C 390 40.70 -22.07 -8.65
C THR C 390 40.78 -23.54 -9.02
N MET C 391 41.86 -23.95 -9.71
CA MET C 391 41.94 -25.32 -10.19
C MET C 391 42.01 -26.32 -9.05
N LYS C 392 42.67 -25.96 -7.94
CA LYS C 392 42.75 -26.85 -6.80
C LYS C 392 41.41 -27.03 -6.11
N GLU C 393 40.53 -26.04 -6.23
CA GLU C 393 39.22 -26.10 -5.60
C GLU C 393 38.16 -26.71 -6.51
N MET C 394 38.30 -26.53 -7.82
CA MET C 394 37.32 -27.03 -8.76
C MET C 394 37.56 -28.50 -9.10
N GLY C 395 36.49 -29.18 -9.49
CA GLY C 395 36.57 -30.60 -9.78
C GLY C 395 37.14 -30.90 -11.16
N ASP C 396 37.41 -32.18 -11.38
CA ASP C 396 37.93 -32.64 -12.66
C ASP C 396 36.91 -32.39 -13.76
N SER C 397 37.39 -31.92 -14.91
CA SER C 397 36.57 -31.69 -16.10
C SER C 397 35.51 -30.61 -15.88
N THR C 398 35.72 -29.72 -14.91
CA THR C 398 34.84 -28.58 -14.75
C THR C 398 35.00 -27.62 -15.93
N LEU C 399 34.03 -26.73 -16.08
CA LEU C 399 34.08 -25.70 -17.11
C LEU C 399 34.54 -24.39 -16.48
N LEU C 400 35.47 -23.71 -17.16
CA LEU C 400 36.13 -22.51 -16.65
C LEU C 400 36.01 -21.42 -17.69
N TYR C 401 35.44 -20.28 -17.31
CA TYR C 401 35.21 -19.16 -18.22
C TYR C 401 35.69 -17.87 -17.58
N ASP C 402 36.57 -17.16 -18.29
CA ASP C 402 37.08 -15.87 -17.86
C ASP C 402 36.43 -14.77 -18.69
N ASP C 403 35.93 -13.74 -18.02
CA ASP C 403 35.23 -12.64 -18.68
C ASP C 403 34.17 -13.17 -19.64
N VAL C 404 33.29 -14.02 -19.11
CA VAL C 404 32.33 -14.71 -19.95
C VAL C 404 31.40 -13.69 -20.60
N THR C 405 31.07 -13.92 -21.88
CA THR C 405 30.11 -13.09 -22.57
C THR C 405 28.69 -13.52 -22.21
N GLY C 406 27.75 -12.60 -22.41
CA GLY C 406 26.35 -12.93 -22.18
C GLY C 406 25.89 -14.11 -23.01
N TYR C 407 26.29 -14.14 -24.28
CA TYR C 407 25.94 -15.26 -25.14
C TYR C 407 26.54 -16.56 -24.63
N GLU C 408 27.84 -16.51 -24.26
CA GLU C 408 28.51 -17.71 -23.78
C GLU C 408 27.79 -18.29 -22.56
N PHE C 409 27.60 -17.47 -21.53
CA PHE C 409 26.96 -17.96 -20.31
C PHE C 409 25.60 -18.57 -20.62
N GLU C 410 24.80 -17.89 -21.45
CA GLU C 410 23.50 -18.42 -21.83
C GLU C 410 23.63 -19.79 -22.48
N GLU C 411 24.46 -19.89 -23.53
CA GLU C 411 24.60 -21.16 -24.24
C GLU C 411 25.19 -22.24 -23.34
N PHE C 412 26.20 -21.89 -22.55
CA PHE C 412 26.77 -22.87 -21.63
C PHE C 412 25.70 -23.43 -20.70
N VAL C 413 24.79 -22.58 -20.22
CA VAL C 413 23.80 -23.02 -19.25
C VAL C 413 22.72 -23.88 -19.92
N LYS C 414 22.32 -23.54 -21.14
CA LYS C 414 21.29 -24.33 -21.80
C LYS C 414 21.70 -25.78 -21.96
N ARG C 415 23.00 -26.05 -22.10
CA ARG C 415 23.45 -27.42 -22.32
C ARG C 415 23.84 -28.12 -21.03
N ILE C 416 24.55 -27.45 -20.12
CA ILE C 416 24.92 -28.08 -18.86
C ILE C 416 23.69 -28.30 -17.99
N LYS C 417 22.77 -27.33 -17.98
CA LYS C 417 21.51 -27.44 -17.26
C LYS C 417 21.75 -27.65 -15.77
N PRO C 418 22.42 -26.71 -15.11
CA PRO C 418 22.60 -26.83 -13.66
C PRO C 418 21.28 -26.66 -12.93
N ASP C 419 21.26 -27.15 -11.69
CA ASP C 419 20.08 -26.98 -10.85
C ASP C 419 20.02 -25.60 -10.19
N LEU C 420 21.16 -24.91 -10.12
CA LEU C 420 21.24 -23.60 -9.50
C LEU C 420 22.33 -22.79 -10.18
N ILE C 421 22.11 -21.49 -10.28
CA ILE C 421 23.10 -20.56 -10.80
C ILE C 421 23.34 -19.49 -9.75
N GLY C 422 24.61 -19.23 -9.44
CA GLY C 422 24.98 -18.16 -8.55
C GLY C 422 25.77 -17.09 -9.27
N SER C 423 25.16 -15.92 -9.49
CA SER C 423 25.84 -14.85 -10.20
C SER C 423 25.31 -13.49 -9.78
N GLY C 424 25.32 -12.51 -10.70
CA GLY C 424 25.01 -11.14 -10.38
C GLY C 424 23.62 -10.71 -10.83
N ILE C 425 23.34 -9.42 -10.62
CA ILE C 425 22.01 -8.88 -10.87
C ILE C 425 21.71 -8.84 -12.36
N LYS C 426 22.72 -8.64 -13.20
CA LYS C 426 22.48 -8.59 -14.65
C LYS C 426 22.18 -9.97 -15.21
N GLU C 427 22.50 -11.04 -14.48
CA GLU C 427 22.21 -12.40 -14.93
C GLU C 427 20.94 -12.98 -14.31
N LYS C 428 20.52 -12.46 -13.16
CA LYS C 428 19.50 -13.14 -12.35
C LYS C 428 18.24 -13.41 -13.15
N PHE C 429 17.64 -12.35 -13.73
CA PHE C 429 16.33 -12.49 -14.33
C PHE C 429 16.38 -13.18 -15.68
N ILE C 430 17.56 -13.31 -16.29
CA ILE C 430 17.69 -14.09 -17.51
C ILE C 430 17.36 -15.56 -17.23
N PHE C 431 18.01 -16.13 -16.22
CA PHE C 431 17.92 -17.56 -15.98
C PHE C 431 16.67 -17.95 -15.21
N GLN C 432 16.11 -17.04 -14.40
CA GLN C 432 14.82 -17.30 -13.78
C GLN C 432 13.76 -17.57 -14.84
N LYS C 433 13.75 -16.77 -15.91
CA LYS C 433 12.81 -16.99 -17.00
C LYS C 433 13.07 -18.31 -17.69
N MET C 434 14.32 -18.78 -17.69
CA MET C 434 14.66 -20.08 -18.24
C MET C 434 14.27 -21.22 -17.30
N GLY C 435 13.69 -20.92 -16.14
CA GLY C 435 13.29 -21.94 -15.20
C GLY C 435 14.41 -22.53 -14.38
N ILE C 436 15.48 -21.77 -14.15
CA ILE C 436 16.65 -22.24 -13.42
C ILE C 436 16.79 -21.43 -12.14
N PRO C 437 16.67 -22.04 -10.97
CA PRO C 437 16.85 -21.29 -9.72
C PRO C 437 18.15 -20.50 -9.70
N PHE C 438 18.06 -19.25 -9.22
CA PHE C 438 19.16 -18.31 -9.23
C PHE C 438 19.31 -17.66 -7.86
N ARG C 439 20.56 -17.56 -7.39
CA ARG C 439 20.89 -16.86 -6.16
C ARG C 439 21.96 -15.82 -6.48
N GLU C 440 21.69 -14.56 -6.13
CA GLU C 440 22.69 -13.52 -6.27
C GLU C 440 23.86 -13.81 -5.34
N MET C 441 25.07 -13.87 -5.90
CA MET C 441 26.27 -14.14 -5.12
C MET C 441 27.17 -12.93 -4.98
N HIS C 442 26.66 -11.73 -5.31
CA HIS C 442 27.31 -10.50 -4.88
C HIS C 442 26.56 -9.95 -3.67
N SER C 443 25.32 -9.52 -3.90
CA SER C 443 24.50 -8.90 -2.87
C SER C 443 23.92 -9.91 -1.88
N TRP C 444 24.19 -11.20 -2.06
CA TRP C 444 23.53 -12.25 -1.30
C TRP C 444 22.01 -12.19 -1.46
N ASP C 445 21.55 -11.58 -2.54
CA ASP C 445 20.11 -11.38 -2.76
C ASP C 445 19.46 -10.73 -1.54
N TYR C 446 20.14 -9.72 -1.00
CA TYR C 446 19.62 -8.92 0.10
C TYR C 446 19.42 -9.75 1.36
N SER C 447 20.14 -10.87 1.46
CA SER C 447 20.16 -11.70 2.64
C SER C 447 21.57 -11.71 3.23
N GLY C 448 21.97 -12.81 3.84
CA GLY C 448 23.28 -12.89 4.46
C GLY C 448 23.25 -12.40 5.89
N PRO C 449 24.41 -12.42 6.58
CA PRO C 449 25.74 -12.78 6.07
C PRO C 449 25.88 -14.24 5.67
N TYR C 450 26.92 -14.54 4.89
CA TYR C 450 27.28 -15.90 4.52
C TYR C 450 28.61 -16.36 5.12
N HIS C 451 29.40 -15.45 5.68
CA HIS C 451 30.67 -15.82 6.30
C HIS C 451 30.44 -16.43 7.67
N GLY C 452 31.32 -17.36 8.05
CA GLY C 452 31.31 -17.90 9.39
C GLY C 452 30.25 -18.96 9.61
N PHE C 453 30.16 -19.39 10.87
CA PHE C 453 29.14 -20.37 11.25
C PHE C 453 27.75 -19.76 11.19
N ASP C 454 27.58 -18.53 11.69
CA ASP C 454 26.27 -17.88 11.63
C ASP C 454 25.88 -17.61 10.17
N GLY C 455 26.85 -17.34 9.31
CA GLY C 455 26.53 -17.11 7.90
C GLY C 455 26.17 -18.38 7.16
N PHE C 456 26.74 -19.51 7.57
CA PHE C 456 26.43 -20.77 6.90
C PHE C 456 24.97 -21.14 7.06
N ALA C 457 24.39 -20.88 8.23
CA ALA C 457 22.98 -21.17 8.43
C ALA C 457 22.12 -20.37 7.46
N ILE C 458 22.41 -19.09 7.30
CA ILE C 458 21.67 -18.25 6.37
C ILE C 458 21.89 -18.72 4.93
N PHE C 459 23.14 -19.04 4.59
CA PHE C 459 23.47 -19.52 3.25
C PHE C 459 22.68 -20.78 2.92
N ALA C 460 22.74 -21.79 3.79
CA ALA C 460 22.00 -23.02 3.54
C ALA C 460 20.51 -22.76 3.44
N ARG C 461 19.97 -21.91 4.31
CA ARG C 461 18.56 -21.53 4.21
C ARG C 461 18.25 -20.94 2.85
N ASP C 462 19.14 -20.08 2.35
CA ASP C 462 18.87 -19.34 1.11
C ASP C 462 18.92 -20.27 -0.11
N MET C 463 19.92 -21.15 -0.17
CA MET C 463 19.98 -22.09 -1.29
C MET C 463 18.76 -23.01 -1.31
N ASP C 464 18.34 -23.48 -0.15
CA ASP C 464 17.21 -24.39 -0.09
C ASP C 464 15.91 -23.70 -0.49
N MET C 465 15.68 -22.47 0.01
CA MET C 465 14.41 -21.81 -0.26
C MET C 465 14.22 -21.59 -1.76
N THR C 466 15.30 -21.31 -2.48
CA THR C 466 15.20 -20.99 -3.90
C THR C 466 15.17 -22.24 -4.76
N LEU C 467 16.09 -23.18 -4.51
CA LEU C 467 16.19 -24.35 -5.36
C LEU C 467 14.94 -25.21 -5.28
N ASN C 468 14.37 -25.36 -4.09
CA ASN C 468 13.21 -26.23 -3.89
C ASN C 468 11.89 -25.48 -3.92
N ASN C 469 11.89 -24.24 -4.42
CA ASN C 469 10.70 -23.42 -4.34
C ASN C 469 9.61 -23.94 -5.28
N PRO C 470 8.34 -23.86 -4.89
CA PRO C 470 7.29 -24.38 -5.78
C PRO C 470 7.11 -23.59 -7.08
N CYS C 471 7.63 -22.37 -7.16
CA CYS C 471 7.44 -21.58 -8.38
C CYS C 471 8.06 -22.25 -9.59
N TRP C 472 9.12 -23.04 -9.39
CA TRP C 472 9.90 -23.56 -10.52
C TRP C 472 9.17 -24.64 -11.30
N LYS C 473 8.20 -25.31 -10.70
CA LYS C 473 7.43 -26.33 -11.41
C LYS C 473 6.22 -25.76 -12.13
N LYS C 474 6.12 -24.43 -12.23
CA LYS C 474 4.96 -23.78 -12.84
C LYS C 474 5.31 -22.98 -14.09
N LEU C 475 6.52 -23.13 -14.64
CA LEU C 475 6.91 -22.31 -15.78
C LEU C 475 6.12 -22.69 -17.04
N GLN C 476 5.68 -23.94 -17.12
CA GLN C 476 5.00 -24.45 -18.32
C GLN C 476 3.50 -24.52 -18.06
N ALA C 477 2.73 -23.85 -18.91
CA ALA C 477 1.27 -23.92 -18.81
C ALA C 477 0.81 -25.34 -19.15
N PRO C 478 -0.18 -25.87 -18.42
CA PRO C 478 -0.59 -27.26 -18.67
C PRO C 478 -1.12 -27.51 -20.08
N TRP C 479 -1.53 -26.46 -20.81
CA TRP C 479 -2.09 -26.63 -22.14
C TRP C 479 -1.10 -26.31 -23.26
N GLU C 480 0.16 -26.00 -22.93
CA GLU C 480 1.16 -25.62 -23.91
C GLU C 480 2.31 -26.63 -23.99
N ALA C 481 2.07 -27.88 -23.64
CA ALA C 481 3.11 -28.89 -23.72
C ALA C 481 3.04 -29.64 -25.04
N SER D 2 25.42 -16.85 17.33
CA SER D 2 24.82 -18.18 17.31
C SER D 2 23.55 -18.19 16.45
N GLN D 3 23.08 -19.40 16.14
CA GLN D 3 21.88 -19.60 15.34
C GLN D 3 21.10 -20.78 15.89
N GLN D 4 19.78 -20.64 15.95
CA GLN D 4 18.87 -21.75 16.21
C GLN D 4 18.34 -22.23 14.86
N VAL D 5 18.54 -23.52 14.57
CA VAL D 5 18.38 -24.02 13.22
C VAL D 5 16.96 -23.79 12.70
N ASP D 6 15.97 -23.79 13.59
CA ASP D 6 14.57 -23.69 13.18
C ASP D 6 14.04 -22.26 13.17
N LYS D 7 14.86 -21.28 13.54
CA LYS D 7 14.49 -19.86 13.48
C LYS D 7 15.76 -19.07 13.14
N ILE D 8 16.21 -19.21 11.89
CA ILE D 8 17.47 -18.61 11.47
C ILE D 8 17.30 -17.10 11.36
N LYS D 9 18.30 -16.36 11.83
CA LYS D 9 18.29 -14.90 11.81
C LYS D 9 19.19 -14.39 10.69
N ALA D 10 18.64 -13.52 9.85
CA ALA D 10 19.45 -12.77 8.89
C ALA D 10 20.14 -11.63 9.61
N SER D 11 20.84 -10.77 8.85
CA SER D 11 21.61 -9.68 9.46
C SER D 11 20.76 -8.92 10.46
N TYR D 12 19.53 -8.56 10.08
CA TYR D 12 18.52 -8.14 11.05
C TYR D 12 17.61 -9.32 11.36
N PRO D 13 17.45 -9.73 12.62
CA PRO D 13 17.97 -9.13 13.85
C PRO D 13 19.20 -9.82 14.43
N LEU D 14 19.93 -10.60 13.63
CA LEU D 14 21.05 -11.37 14.17
C LEU D 14 21.99 -10.49 15.00
N PHE D 15 22.44 -9.38 14.42
CA PHE D 15 23.47 -8.55 15.06
C PHE D 15 22.95 -7.75 16.25
N LEU D 16 21.68 -7.88 16.60
CA LEU D 16 21.16 -7.34 17.84
C LEU D 16 21.37 -8.27 19.03
N ASP D 17 21.83 -9.50 18.79
CA ASP D 17 22.16 -10.40 19.89
C ASP D 17 23.23 -9.75 20.77
N GLN D 18 23.21 -10.11 22.05
CA GLN D 18 24.05 -9.41 23.02
C GLN D 18 25.53 -9.54 22.67
N ASP D 19 25.97 -10.73 22.23
CA ASP D 19 27.39 -10.92 21.96
C ASP D 19 27.85 -10.11 20.76
N TYR D 20 26.99 -9.94 19.76
CA TYR D 20 27.32 -9.04 18.65
C TYR D 20 27.29 -7.59 19.11
N LYS D 21 26.31 -7.23 19.92
CA LYS D 21 26.21 -5.88 20.44
C LYS D 21 27.46 -5.51 21.23
N ASP D 22 27.91 -6.42 22.10
CA ASP D 22 29.13 -6.17 22.86
C ASP D 22 30.34 -6.10 21.93
N MET D 23 30.40 -6.98 20.93
CA MET D 23 31.52 -6.97 20.00
C MET D 23 31.59 -5.63 19.26
N LEU D 24 30.44 -5.15 18.78
CA LEU D 24 30.42 -3.91 18.02
C LEU D 24 30.83 -2.72 18.89
N ALA D 25 30.44 -2.73 20.17
CA ALA D 25 30.82 -1.65 21.07
C ALA D 25 32.32 -1.64 21.33
N LYS D 26 32.93 -2.82 21.44
CA LYS D 26 34.38 -2.90 21.64
C LYS D 26 35.12 -2.40 20.41
N LYS D 27 34.63 -2.72 19.21
CA LYS D 27 35.27 -2.22 17.99
C LYS D 27 35.26 -0.70 17.97
N ARG D 28 34.11 -0.09 18.27
CA ARG D 28 34.00 1.36 18.25
C ARG D 28 34.93 2.00 19.27
N ASP D 29 34.83 1.57 20.54
CA ASP D 29 35.62 2.19 21.58
C ASP D 29 37.11 1.94 21.40
N GLY D 30 37.48 0.80 20.82
CA GLY D 30 38.86 0.43 20.69
C GLY D 30 39.62 1.11 19.58
N PHE D 31 39.04 1.15 18.37
CA PHE D 31 39.82 1.49 17.19
C PHE D 31 39.14 2.47 16.23
N GLU D 32 37.91 2.91 16.51
CA GLU D 32 37.22 3.80 15.59
C GLU D 32 37.42 5.27 15.92
N GLU D 33 37.87 5.60 17.12
CA GLU D 33 38.06 7.00 17.53
C GLU D 33 36.84 7.84 17.20
N LYS D 34 35.68 7.29 17.55
CA LYS D 34 34.40 7.89 17.22
C LYS D 34 34.18 9.17 18.01
N TYR D 35 33.49 10.12 17.39
CA TYR D 35 33.02 11.28 18.12
C TYR D 35 32.04 10.84 19.21
N PRO D 36 32.03 11.49 20.36
CA PRO D 36 31.10 11.06 21.42
C PRO D 36 29.66 11.29 21.00
N GLN D 37 28.77 10.48 21.57
CA GLN D 37 27.38 10.48 21.12
C GLN D 37 26.73 11.85 21.30
N ASP D 38 27.02 12.53 22.41
CA ASP D 38 26.46 13.86 22.62
C ASP D 38 26.81 14.81 21.49
N LYS D 39 28.04 14.70 20.97
CA LYS D 39 28.45 15.53 19.85
C LYS D 39 27.69 15.15 18.58
N ILE D 40 27.52 13.86 18.33
CA ILE D 40 26.73 13.41 17.19
C ILE D 40 25.31 13.95 17.28
N ASP D 41 24.68 13.79 18.45
CA ASP D 41 23.34 14.34 18.65
C ASP D 41 23.31 15.84 18.39
N GLU D 42 24.28 16.56 18.95
CA GLU D 42 24.31 18.02 18.78
C GLU D 42 24.41 18.40 17.31
N VAL D 43 25.28 17.72 16.56
CA VAL D 43 25.45 18.06 15.14
C VAL D 43 24.21 17.68 14.36
N PHE D 44 23.60 16.53 14.67
CA PHE D 44 22.38 16.13 13.98
C PHE D 44 21.29 17.18 14.14
N GLN D 45 21.02 17.58 15.39
CA GLN D 45 20.02 18.61 15.63
C GLN D 45 20.35 19.88 14.83
N TRP D 46 21.64 20.20 14.72
CA TRP D 46 22.04 21.36 13.94
C TRP D 46 21.70 21.19 12.47
N THR D 47 21.83 19.98 11.92
CA THR D 47 21.52 19.78 10.50
C THR D 47 20.03 19.93 10.20
N THR D 48 19.17 20.03 11.21
CA THR D 48 17.74 20.21 11.02
C THR D 48 17.29 21.67 11.16
N THR D 49 18.21 22.59 11.40
CA THR D 49 17.85 23.96 11.72
C THR D 49 17.77 24.83 10.46
N LYS D 50 17.04 25.94 10.58
CA LYS D 50 17.01 26.92 9.51
C LYS D 50 18.40 27.46 9.21
N GLU D 51 19.21 27.63 10.25
CA GLU D 51 20.59 28.09 10.06
C GLU D 51 21.34 27.15 9.10
N TYR D 52 21.22 25.84 9.33
CA TYR D 52 21.88 24.88 8.45
C TYR D 52 21.34 24.94 7.04
N GLN D 53 20.03 25.20 6.89
CA GLN D 53 19.44 25.27 5.56
C GLN D 53 20.04 26.40 4.74
N GLU D 54 20.27 27.55 5.38
CA GLU D 54 20.84 28.70 4.68
C GLU D 54 22.25 28.38 4.17
N LEU D 55 23.09 27.80 5.02
CA LEU D 55 24.38 27.31 4.56
C LEU D 55 24.20 26.26 3.47
N ASN D 56 23.22 25.37 3.64
CA ASN D 56 23.01 24.30 2.67
C ASN D 56 22.67 24.86 1.29
N PHE D 57 21.79 25.85 1.23
CA PHE D 57 21.36 26.40 -0.05
C PHE D 57 22.38 27.35 -0.66
N GLN D 58 23.45 27.70 0.07
CA GLN D 58 24.53 28.49 -0.51
C GLN D 58 25.53 27.64 -1.29
N ARG D 59 25.35 26.32 -1.31
CA ARG D 59 26.24 25.45 -2.07
C ARG D 59 26.25 25.86 -3.54
N GLU D 60 27.42 25.78 -4.16
CA GLU D 60 27.57 26.06 -5.58
C GLU D 60 28.34 24.95 -6.28
N ALA D 61 29.29 24.35 -5.59
CA ALA D 61 30.16 23.34 -6.18
C ALA D 61 29.81 21.92 -5.76
N LEU D 62 29.33 21.73 -4.53
CA LEU D 62 29.02 20.40 -4.02
C LEU D 62 27.56 20.03 -4.31
N THR D 63 27.36 18.82 -4.81
CA THR D 63 26.04 18.22 -4.93
C THR D 63 26.00 16.98 -4.04
N VAL D 64 24.92 16.83 -3.29
CA VAL D 64 24.77 15.74 -2.34
C VAL D 64 23.43 15.06 -2.61
N ASN D 65 23.46 13.76 -2.91
CA ASN D 65 22.26 12.99 -3.17
C ASN D 65 21.48 13.59 -4.32
N PRO D 66 22.00 13.50 -5.54
CA PRO D 66 21.28 14.06 -6.69
C PRO D 66 20.01 13.28 -7.00
N ALA D 67 19.09 13.97 -7.68
CA ALA D 67 17.87 13.35 -8.16
C ALA D 67 17.84 13.35 -9.69
N LYS D 68 18.87 12.78 -10.30
CA LYS D 68 19.01 12.73 -11.75
C LYS D 68 20.13 11.76 -12.08
N ALA D 69 20.19 11.37 -13.37
CA ALA D 69 21.25 10.51 -13.86
C ALA D 69 21.85 11.09 -15.14
N CYS D 70 22.75 10.37 -15.79
CA CYS D 70 23.47 10.89 -16.95
C CYS D 70 22.80 10.45 -18.24
N GLN D 71 23.02 11.24 -19.30
CA GLN D 71 22.32 11.11 -20.57
C GLN D 71 22.21 9.68 -21.07
N PRO D 72 23.32 8.95 -21.23
CA PRO D 72 23.24 7.64 -21.91
C PRO D 72 22.27 6.67 -21.29
N LEU D 73 21.94 6.81 -20.00
CA LEU D 73 20.91 5.97 -19.40
C LEU D 73 19.58 6.14 -20.13
N GLY D 74 19.26 7.37 -20.54
CA GLY D 74 18.01 7.60 -21.26
C GLY D 74 18.08 7.11 -22.69
N ALA D 75 19.23 7.27 -23.34
CA ALA D 75 19.40 6.75 -24.69
C ALA D 75 19.21 5.24 -24.73
N VAL D 76 19.63 4.53 -23.68
CA VAL D 76 19.45 3.09 -23.63
C VAL D 76 17.97 2.74 -23.53
N LEU D 77 17.25 3.39 -22.61
CA LEU D 77 15.83 3.11 -22.46
C LEU D 77 15.06 3.42 -23.75
N CYS D 78 15.41 4.51 -24.42
CA CYS D 78 14.76 4.86 -25.69
C CYS D 78 15.01 3.78 -26.74
N ALA D 79 16.27 3.32 -26.86
CA ALA D 79 16.60 2.32 -27.86
C ALA D 79 15.92 0.99 -27.58
N LEU D 80 15.73 0.65 -26.29
CA LEU D 80 15.04 -0.60 -25.95
C LEU D 80 13.61 -0.63 -26.47
N GLY D 81 13.04 0.52 -26.81
CA GLY D 81 11.67 0.58 -27.29
C GLY D 81 11.48 0.25 -28.76
N PHE D 82 12.51 -0.23 -29.45
CA PHE D 82 12.46 -0.52 -30.88
C PHE D 82 12.68 -2.00 -31.13
N GLU D 83 12.01 -2.51 -32.16
CA GLU D 83 11.96 -3.95 -32.42
C GLU D 83 13.36 -4.51 -32.65
N LYS D 84 13.69 -5.58 -31.93
CA LYS D 84 14.96 -6.29 -32.07
C LYS D 84 16.14 -5.33 -32.16
N THR D 85 16.13 -4.30 -31.32
CA THR D 85 17.16 -3.27 -31.31
C THR D 85 18.07 -3.48 -30.11
N MET D 86 19.38 -3.49 -30.36
CA MET D 86 20.36 -3.57 -29.29
C MET D 86 20.86 -2.18 -28.95
N PRO D 87 20.68 -1.71 -27.71
CA PRO D 87 21.35 -0.46 -27.31
C PRO D 87 22.85 -0.66 -27.25
N TYR D 88 23.58 0.33 -27.77
CA TYR D 88 25.03 0.24 -27.96
C TYR D 88 25.63 1.57 -27.53
N VAL D 89 26.48 1.56 -26.51
CA VAL D 89 27.04 2.78 -25.96
C VAL D 89 28.52 2.81 -26.31
N HIS D 90 28.90 3.71 -27.21
CA HIS D 90 30.28 3.86 -27.62
C HIS D 90 31.09 4.51 -26.49
N GLY D 91 32.03 3.77 -25.94
CA GLY D 91 32.86 4.30 -24.87
C GLY D 91 33.26 3.17 -23.91
N SER D 92 33.35 3.54 -22.64
CA SER D 92 33.86 2.63 -21.62
C SER D 92 32.77 1.72 -21.09
N GLN D 93 33.16 0.49 -20.75
CA GLN D 93 32.22 -0.57 -20.41
C GLN D 93 31.59 -0.40 -19.04
N GLY D 94 32.23 0.33 -18.12
CA GLY D 94 31.69 0.47 -16.79
C GLY D 94 30.30 1.08 -16.79
N CYS D 95 30.09 2.12 -17.60
CA CYS D 95 28.80 2.77 -17.67
C CYS D 95 27.70 1.77 -18.01
N VAL D 96 27.96 0.90 -18.99
CA VAL D 96 26.93 -0.04 -19.45
C VAL D 96 26.57 -1.01 -18.33
N ALA D 97 27.55 -1.46 -17.55
CA ALA D 97 27.24 -2.31 -16.40
C ALA D 97 26.33 -1.57 -15.43
N TYR D 98 26.58 -0.28 -15.23
CA TYR D 98 25.74 0.51 -14.33
C TYR D 98 24.36 0.75 -14.93
N PHE D 99 24.28 1.03 -16.23
CA PHE D 99 22.98 1.25 -16.85
C PHE D 99 22.10 0.01 -16.70
N ARG D 100 22.63 -1.16 -17.05
CA ARG D 100 21.84 -2.39 -16.94
C ARG D 100 21.44 -2.65 -15.49
N SER D 101 22.40 -2.60 -14.58
CA SER D 101 22.11 -2.82 -13.17
C SER D 101 21.03 -1.86 -12.69
N TYR D 102 21.15 -0.58 -13.04
CA TYR D 102 20.17 0.42 -12.61
C TYR D 102 18.77 0.05 -13.07
N PHE D 103 18.64 -0.37 -14.33
CA PHE D 103 17.33 -0.78 -14.85
C PHE D 103 16.94 -2.18 -14.38
N ASN D 104 17.90 -3.10 -14.26
CA ASN D 104 17.59 -4.42 -13.69
C ASN D 104 16.77 -4.27 -12.42
N ARG D 105 17.25 -3.42 -11.50
CA ARG D 105 16.67 -3.37 -10.16
C ARG D 105 15.31 -2.70 -10.13
N HIS D 106 15.04 -1.81 -11.09
CA HIS D 106 13.75 -1.13 -11.12
C HIS D 106 12.67 -2.01 -11.74
N PHE D 107 12.96 -2.62 -12.89
CA PHE D 107 12.00 -3.48 -13.58
C PHE D 107 12.05 -4.93 -13.14
N ARG D 108 13.11 -5.34 -12.43
CA ARG D 108 13.30 -6.74 -12.04
C ARG D 108 13.23 -7.64 -13.28
N GLU D 109 13.92 -7.21 -14.33
CA GLU D 109 13.97 -7.88 -15.57
C GLU D 109 15.33 -7.77 -16.27
N PRO D 110 15.60 -8.65 -17.23
CA PRO D 110 16.82 -8.49 -18.00
C PRO D 110 16.83 -7.15 -18.73
N VAL D 111 18.02 -6.60 -18.92
CA VAL D 111 18.22 -5.36 -19.64
C VAL D 111 19.44 -5.58 -20.53
N SER D 112 19.21 -5.65 -21.84
CA SER D 112 20.27 -5.95 -22.79
C SER D 112 20.86 -4.65 -23.32
N CYS D 113 22.17 -4.49 -23.15
CA CYS D 113 22.89 -3.31 -23.62
C CYS D 113 24.35 -3.68 -23.72
N VAL D 114 25.04 -3.11 -24.69
CA VAL D 114 26.40 -3.50 -24.99
C VAL D 114 27.31 -2.28 -25.00
N SER D 115 28.60 -2.54 -24.83
CA SER D 115 29.66 -1.55 -24.91
C SER D 115 30.65 -1.99 -25.97
N ASP D 116 31.53 -1.06 -26.39
CA ASP D 116 32.69 -1.42 -27.19
C ASP D 116 33.99 -1.26 -26.42
N SER D 117 33.91 -1.13 -25.09
CA SER D 117 35.03 -1.30 -24.19
C SER D 117 36.27 -0.51 -24.63
N MET D 118 36.11 0.81 -24.65
CA MET D 118 37.23 1.71 -24.92
C MET D 118 38.05 1.88 -23.65
N THR D 119 39.37 1.85 -23.80
CA THR D 119 40.28 1.90 -22.66
C THR D 119 41.29 3.03 -22.86
N GLU D 120 42.42 2.93 -22.17
CA GLU D 120 43.45 3.96 -22.28
C GLU D 120 43.97 4.07 -23.70
N ASP D 121 44.01 2.95 -24.43
CA ASP D 121 44.48 2.97 -25.81
C ASP D 121 43.54 3.75 -26.72
N ALA D 122 42.23 3.65 -26.50
CA ALA D 122 41.31 4.43 -27.33
C ALA D 122 41.45 5.92 -27.05
N ALA D 123 42.00 6.30 -25.90
CA ALA D 123 42.24 7.68 -25.56
C ALA D 123 43.35 8.33 -26.39
N VAL D 124 44.11 7.61 -27.17
CA VAL D 124 45.06 8.33 -28.00
C VAL D 124 44.84 8.21 -29.54
N PHE D 125 44.03 7.29 -30.00
CA PHE D 125 43.79 7.13 -31.37
C PHE D 125 42.33 7.17 -31.68
N GLY D 126 41.48 7.13 -30.70
CA GLY D 126 40.06 7.07 -30.90
C GLY D 126 39.54 5.65 -30.87
N GLY D 127 38.21 5.55 -30.79
CA GLY D 127 37.55 4.27 -30.66
C GLY D 127 37.06 3.73 -31.99
N GLN D 128 37.64 4.22 -33.09
CA GLN D 128 37.25 3.75 -34.41
C GLN D 128 37.28 2.23 -34.49
N GLN D 129 38.40 1.62 -34.11
CA GLN D 129 38.52 0.17 -34.20
C GLN D 129 37.54 -0.51 -33.24
N ASN D 130 37.32 0.08 -32.06
CA ASN D 130 36.31 -0.45 -31.15
C ASN D 130 34.94 -0.48 -31.83
N MET D 131 34.62 0.56 -32.60
CA MET D 131 33.33 0.62 -33.27
C MET D 131 33.23 -0.44 -34.37
N LYS D 132 34.29 -0.62 -35.16
CA LYS D 132 34.24 -1.56 -36.27
C LYS D 132 34.11 -2.98 -35.76
N ASP D 133 34.95 -3.37 -34.80
CA ASP D 133 34.82 -4.70 -34.21
C ASP D 133 33.57 -4.80 -33.34
N GLY D 134 33.17 -3.71 -32.68
CA GLY D 134 31.98 -3.75 -31.84
C GLY D 134 30.72 -4.03 -32.62
N LEU D 135 30.49 -3.26 -33.69
CA LEU D 135 29.30 -3.46 -34.50
C LEU D 135 29.25 -4.86 -35.09
N GLN D 136 30.39 -5.35 -35.60
CA GLN D 136 30.41 -6.68 -36.18
C GLN D 136 30.18 -7.76 -35.13
N ASN D 137 30.85 -7.64 -33.98
CA ASN D 137 30.67 -8.62 -32.92
C ASN D 137 29.23 -8.61 -32.40
N CYS D 138 28.65 -7.42 -32.25
CA CYS D 138 27.31 -7.31 -31.72
C CYS D 138 26.29 -7.93 -32.67
N LYS D 139 26.38 -7.58 -33.96
CA LYS D 139 25.41 -8.07 -34.93
C LYS D 139 25.46 -9.59 -35.03
N ALA D 140 26.67 -10.16 -35.05
CA ALA D 140 26.79 -11.60 -35.26
C ALA D 140 26.36 -12.38 -34.03
N THR D 141 26.70 -11.90 -32.83
CA THR D 141 26.49 -12.67 -31.62
C THR D 141 25.05 -12.58 -31.13
N TYR D 142 24.47 -11.38 -31.12
CA TYR D 142 23.16 -11.16 -30.54
C TYR D 142 22.07 -10.92 -31.58
N LYS D 143 22.42 -10.90 -32.86
CA LYS D 143 21.46 -10.87 -33.95
C LYS D 143 20.33 -9.85 -33.77
N PRO D 144 20.68 -8.57 -33.54
CA PRO D 144 19.66 -7.53 -33.61
C PRO D 144 19.35 -7.17 -35.06
N ASP D 145 18.18 -6.57 -35.25
CA ASP D 145 17.85 -5.95 -36.52
C ASP D 145 18.32 -4.51 -36.61
N MET D 146 18.77 -3.93 -35.49
CA MET D 146 19.22 -2.55 -35.45
C MET D 146 20.10 -2.37 -34.24
N ILE D 147 21.08 -1.48 -34.37
CA ILE D 147 21.99 -1.12 -33.28
C ILE D 147 21.90 0.40 -33.13
N ALA D 148 21.47 0.85 -31.96
CA ALA D 148 21.28 2.26 -31.67
C ALA D 148 22.44 2.73 -30.80
N VAL D 149 23.25 3.64 -31.32
CA VAL D 149 24.53 4.00 -30.72
C VAL D 149 24.38 5.31 -29.95
N SER D 150 24.84 5.31 -28.71
CA SER D 150 25.00 6.52 -27.90
C SER D 150 26.46 6.57 -27.44
N THR D 151 26.76 7.51 -26.55
CA THR D 151 28.14 7.72 -26.13
C THR D 151 28.24 7.79 -24.61
N THR D 152 29.37 7.29 -24.12
CA THR D 152 29.87 7.52 -22.77
C THR D 152 30.65 8.84 -22.76
N CYS D 153 30.81 9.41 -21.56
CA CYS D 153 31.44 10.73 -21.47
C CYS D 153 32.91 10.68 -21.89
N MET D 154 33.56 9.52 -21.75
CA MET D 154 34.91 9.36 -22.29
C MET D 154 34.93 9.60 -23.79
N ALA D 155 34.05 8.91 -24.53
CA ALA D 155 34.02 9.08 -25.98
C ALA D 155 33.73 10.53 -26.36
N GLU D 156 32.95 11.24 -25.55
CA GLU D 156 32.63 12.62 -25.87
C GLU D 156 33.82 13.54 -25.65
N VAL D 157 34.58 13.32 -24.58
CA VAL D 157 35.70 14.22 -24.27
C VAL D 157 36.77 14.13 -25.36
N ILE D 158 37.13 12.90 -25.76
CA ILE D 158 38.19 12.75 -26.75
C ILE D 158 37.74 13.17 -28.14
N GLY D 159 36.44 13.13 -28.42
CA GLY D 159 35.90 13.69 -29.64
C GLY D 159 35.62 12.71 -30.76
N ASP D 160 35.34 11.44 -30.46
CA ASP D 160 35.05 10.47 -31.50
C ASP D 160 33.88 10.93 -32.35
N ASP D 161 34.08 10.92 -33.67
CA ASP D 161 33.02 11.27 -34.63
C ASP D 161 32.18 10.02 -34.88
N LEU D 162 31.01 9.96 -34.22
CA LEU D 162 30.15 8.78 -34.35
C LEU D 162 29.78 8.52 -35.81
N ASN D 163 29.34 9.57 -36.51
CA ASN D 163 28.88 9.39 -37.89
C ASN D 163 29.99 8.85 -38.77
N ALA D 164 31.20 9.42 -38.67
CA ALA D 164 32.31 8.95 -39.48
C ALA D 164 32.70 7.53 -39.12
N PHE D 165 32.70 7.21 -37.83
CA PHE D 165 33.12 5.87 -37.39
C PHE D 165 32.15 4.81 -37.89
N ILE D 166 30.85 5.09 -37.84
CA ILE D 166 29.87 4.14 -38.35
C ILE D 166 29.99 4.00 -39.86
N ASN D 167 30.11 5.13 -40.56
CA ASN D 167 30.27 5.09 -42.01
C ASN D 167 31.48 4.25 -42.40
N ASN D 168 32.60 4.41 -41.68
CA ASN D 168 33.79 3.63 -41.99
C ASN D 168 33.57 2.15 -41.70
N SER D 169 32.84 1.83 -40.64
CA SER D 169 32.56 0.43 -40.33
C SER D 169 31.81 -0.24 -41.47
N LYS D 170 30.87 0.48 -42.09
CA LYS D 170 30.13 -0.08 -43.22
C LYS D 170 31.00 -0.13 -44.47
N LYS D 171 31.76 0.94 -44.73
CA LYS D 171 32.59 1.01 -45.92
C LYS D 171 33.59 -0.15 -45.96
N GLU D 172 34.21 -0.44 -44.83
CA GLU D 172 35.22 -1.50 -44.74
C GLU D 172 34.61 -2.87 -44.50
N GLY D 173 33.29 -2.99 -44.51
CA GLY D 173 32.64 -4.28 -44.52
C GLY D 173 32.42 -4.94 -43.17
N PHE D 174 32.51 -4.20 -42.07
CA PHE D 174 32.25 -4.82 -40.77
C PHE D 174 30.77 -5.07 -40.55
N ILE D 175 29.91 -4.29 -41.20
CA ILE D 175 28.46 -4.51 -41.12
C ILE D 175 27.85 -4.20 -42.47
N PRO D 176 26.77 -4.91 -42.81
CA PRO D 176 26.11 -4.65 -44.11
C PRO D 176 25.69 -3.20 -44.24
N ASP D 177 25.78 -2.69 -45.47
CA ASP D 177 25.48 -1.28 -45.72
C ASP D 177 24.08 -0.90 -45.28
N GLU D 178 23.11 -1.77 -45.55
CA GLU D 178 21.72 -1.47 -45.24
C GLU D 178 21.34 -1.78 -43.79
N PHE D 179 22.26 -2.28 -42.99
CA PHE D 179 21.96 -2.55 -41.59
C PHE D 179 21.79 -1.24 -40.84
N PRO D 180 20.64 -0.99 -40.20
CA PRO D 180 20.43 0.34 -39.61
C PRO D 180 21.23 0.53 -38.33
N VAL D 181 21.96 1.63 -38.28
CA VAL D 181 22.77 1.99 -37.11
C VAL D 181 22.54 3.46 -36.78
N PRO D 182 21.37 3.83 -36.26
CA PRO D 182 21.17 5.20 -35.79
C PRO D 182 22.10 5.51 -34.63
N PHE D 183 22.40 6.79 -34.45
CA PHE D 183 23.35 7.20 -33.43
C PHE D 183 22.94 8.54 -32.84
N ALA D 184 23.50 8.84 -31.68
CA ALA D 184 23.30 10.13 -31.04
C ALA D 184 24.45 10.37 -30.07
N HIS D 185 24.95 11.59 -30.04
CA HIS D 185 25.91 11.98 -29.02
C HIS D 185 25.17 12.27 -27.74
N THR D 186 25.63 11.69 -26.62
CA THR D 186 24.91 11.73 -25.35
C THR D 186 25.89 12.08 -24.24
N PRO D 187 26.37 13.32 -24.20
CA PRO D 187 27.40 13.69 -23.22
C PRO D 187 26.81 13.78 -21.82
N ALA D 188 27.46 13.09 -20.88
CA ALA D 188 26.95 13.04 -19.51
C ALA D 188 27.04 14.38 -18.81
N PHE D 189 27.99 15.22 -19.20
CA PHE D 189 28.13 16.53 -18.58
C PHE D 189 27.17 17.58 -19.15
N VAL D 190 26.18 17.15 -19.92
CA VAL D 190 25.13 18.03 -20.43
C VAL D 190 23.78 17.45 -20.03
N GLY D 191 22.95 18.27 -19.38
CA GLY D 191 21.59 17.86 -19.08
C GLY D 191 21.55 16.68 -18.12
N SER D 192 20.65 15.74 -18.41
CA SER D 192 20.44 14.59 -17.55
C SER D 192 20.01 13.40 -18.40
N HIS D 193 19.55 12.34 -17.74
CA HIS D 193 19.15 11.13 -18.42
C HIS D 193 18.05 11.37 -19.44
N VAL D 194 17.17 12.34 -19.18
CA VAL D 194 16.07 12.59 -20.12
C VAL D 194 16.59 13.24 -21.39
N THR D 195 17.64 14.05 -21.30
CA THR D 195 18.26 14.62 -22.50
C THR D 195 18.80 13.51 -23.40
N GLY D 196 19.33 12.45 -22.80
CA GLY D 196 19.76 11.31 -23.60
C GLY D 196 18.63 10.67 -24.36
N TRP D 197 17.46 10.54 -23.72
CA TRP D 197 16.29 10.00 -24.41
C TRP D 197 15.96 10.86 -25.63
N ASP D 198 15.81 12.17 -25.42
CA ASP D 198 15.58 13.09 -26.53
C ASP D 198 16.63 12.92 -27.63
N ASN D 199 17.92 12.97 -27.27
CA ASN D 199 18.97 12.88 -28.28
C ASN D 199 18.89 11.58 -29.05
N MET D 200 18.69 10.45 -28.35
CA MET D 200 18.63 9.16 -29.03
C MET D 200 17.44 9.11 -29.98
N PHE D 201 16.25 9.47 -29.49
CA PHE D 201 15.06 9.39 -30.32
C PHE D 201 15.22 10.21 -31.59
N GLU D 202 15.60 11.49 -31.44
CA GLU D 202 15.77 12.34 -32.61
C GLU D 202 16.80 11.75 -33.56
N GLY D 203 17.84 11.09 -33.02
CA GLY D 203 18.78 10.41 -33.88
C GLY D 203 18.15 9.27 -34.67
N ILE D 204 17.26 8.51 -34.02
CA ILE D 204 16.59 7.42 -34.73
C ILE D 204 15.60 7.98 -35.75
N ALA D 205 14.91 9.05 -35.39
CA ALA D 205 13.93 9.63 -36.31
C ALA D 205 14.61 10.18 -37.55
N ARG D 206 15.78 10.78 -37.39
CA ARG D 206 16.51 11.29 -38.55
C ARG D 206 17.02 10.15 -39.43
N TYR D 207 17.46 9.06 -38.81
CA TYR D 207 18.03 7.96 -39.58
C TYR D 207 17.03 7.42 -40.60
N PHE D 208 15.76 7.34 -40.24
CA PHE D 208 14.76 6.68 -41.07
C PHE D 208 13.95 7.63 -41.95
N THR D 209 14.13 8.94 -41.83
CA THR D 209 13.26 9.86 -42.56
C THR D 209 13.96 11.06 -43.20
N LEU D 210 15.13 11.47 -42.74
CA LEU D 210 15.69 12.75 -43.21
C LEU D 210 15.87 12.75 -44.72
N LYS D 211 16.31 11.64 -45.29
CA LYS D 211 16.62 11.57 -46.71
C LYS D 211 15.46 11.08 -47.57
N SER D 212 14.29 10.80 -46.97
CA SER D 212 13.17 10.22 -47.69
C SER D 212 11.92 11.08 -47.65
N MET D 213 12.08 12.40 -47.43
CA MET D 213 10.93 13.27 -47.24
C MET D 213 10.17 13.55 -48.54
N ASP D 214 10.75 13.24 -49.70
CA ASP D 214 10.15 13.63 -50.97
C ASP D 214 8.76 13.04 -51.13
N ASP D 215 8.61 11.73 -50.92
CA ASP D 215 7.34 11.04 -51.13
C ASP D 215 6.41 11.13 -49.91
N LYS D 216 6.67 12.05 -48.99
CA LYS D 216 5.89 12.13 -47.76
C LYS D 216 4.75 13.12 -47.88
N VAL D 217 3.59 12.73 -47.37
CA VAL D 217 2.39 13.57 -47.34
C VAL D 217 1.85 13.55 -45.92
N VAL D 218 1.77 14.73 -45.29
CA VAL D 218 1.25 14.82 -43.93
C VAL D 218 -0.19 14.35 -43.90
N GLY D 219 -0.50 13.42 -42.97
CA GLY D 219 -1.84 12.91 -42.81
C GLY D 219 -2.18 11.73 -43.70
N SER D 220 -1.30 11.36 -44.63
CA SER D 220 -1.66 10.37 -45.64
C SER D 220 -1.94 9.00 -45.02
N ASN D 221 -1.35 8.68 -43.87
CA ASN D 221 -1.61 7.39 -43.22
C ASN D 221 -2.69 7.46 -42.16
N LYS D 222 -3.20 8.66 -41.86
CA LYS D 222 -4.35 8.83 -40.97
C LYS D 222 -4.08 8.36 -39.55
N LYS D 223 -2.82 8.38 -39.13
CA LYS D 223 -2.44 8.00 -37.78
C LYS D 223 -1.92 9.22 -37.02
N ILE D 224 -1.77 9.05 -35.71
CA ILE D 224 -1.14 10.04 -34.86
C ILE D 224 0.08 9.39 -34.22
N ASN D 225 1.24 10.03 -34.36
CA ASN D 225 2.44 9.57 -33.68
C ASN D 225 2.41 9.98 -32.22
N ILE D 226 2.82 9.08 -31.35
CA ILE D 226 2.93 9.33 -29.92
C ILE D 226 4.37 9.09 -29.50
N VAL D 227 4.99 10.10 -28.91
CA VAL D 227 6.36 10.01 -28.39
C VAL D 227 6.28 10.01 -26.86
N PRO D 228 6.59 8.89 -26.19
CA PRO D 228 6.34 8.82 -24.75
C PRO D 228 7.43 9.47 -23.90
N GLY D 229 8.65 9.50 -24.41
CA GLY D 229 9.76 9.99 -23.64
C GLY D 229 10.23 8.99 -22.60
N PHE D 230 11.13 9.44 -21.75
CA PHE D 230 11.66 8.61 -20.67
C PHE D 230 10.54 8.16 -19.76
N GLU D 231 10.21 6.88 -19.79
CA GLU D 231 9.02 6.37 -19.10
C GLU D 231 9.36 4.99 -18.52
N THR D 232 9.20 4.85 -17.20
CA THR D 232 9.58 3.64 -16.49
C THR D 232 8.39 2.98 -15.79
N TYR D 233 7.16 3.34 -16.16
CA TYR D 233 5.97 2.66 -15.70
C TYR D 233 5.35 1.92 -16.88
N LEU D 234 5.32 0.59 -16.81
CA LEU D 234 4.73 -0.20 -17.88
C LEU D 234 3.29 0.23 -18.14
N GLY D 235 2.53 0.53 -17.09
CA GLY D 235 1.14 0.92 -17.24
C GLY D 235 0.94 2.20 -18.02
N ASN D 236 1.98 3.05 -18.10
CA ASN D 236 1.85 4.30 -18.84
C ASN D 236 1.94 4.07 -20.34
N PHE D 237 2.75 3.09 -20.78
CA PHE D 237 2.70 2.69 -22.18
C PHE D 237 1.35 2.07 -22.52
N ARG D 238 0.83 1.24 -21.60
CA ARG D 238 -0.38 0.47 -21.88
C ARG D 238 -1.64 1.33 -21.83
N VAL D 239 -1.70 2.31 -20.94
CA VAL D 239 -2.91 3.11 -20.83
C VAL D 239 -3.09 3.99 -22.05
N ILE D 240 -2.00 4.50 -22.61
CA ILE D 240 -2.08 5.36 -23.79
C ILE D 240 -2.58 4.58 -24.99
N LYS D 241 -2.01 3.40 -25.22
CA LYS D 241 -2.47 2.56 -26.31
C LYS D 241 -3.92 2.15 -26.10
N ARG D 242 -4.30 1.89 -24.86
CA ARG D 242 -5.67 1.46 -24.56
C ARG D 242 -6.66 2.57 -24.86
N MET D 243 -6.39 3.78 -24.37
CA MET D 243 -7.32 4.89 -24.59
C MET D 243 -7.45 5.21 -26.07
N LEU D 244 -6.37 5.07 -26.85
CA LEU D 244 -6.44 5.38 -28.27
C LEU D 244 -7.18 4.30 -29.05
N SER D 245 -6.97 3.03 -28.71
CA SER D 245 -7.77 1.96 -29.29
C SER D 245 -9.24 2.13 -28.94
N GLU D 246 -9.53 2.49 -27.68
CA GLU D 246 -10.91 2.74 -27.27
C GLU D 246 -11.56 3.80 -28.14
N MET D 247 -10.81 4.84 -28.51
CA MET D 247 -11.33 5.91 -29.34
C MET D 247 -11.36 5.54 -30.82
N GLY D 248 -10.82 4.39 -31.20
CA GLY D 248 -10.68 4.07 -32.61
C GLY D 248 -9.69 4.94 -33.35
N VAL D 249 -8.62 5.37 -32.69
CA VAL D 249 -7.64 6.27 -33.27
C VAL D 249 -6.46 5.45 -33.76
N GLY D 250 -6.13 5.61 -35.04
CA GLY D 250 -4.88 5.04 -35.54
C GLY D 250 -3.69 5.81 -34.99
N TYR D 251 -2.68 5.07 -34.55
CA TYR D 251 -1.55 5.67 -33.87
C TYR D 251 -0.31 4.82 -34.08
N SER D 252 0.85 5.47 -33.90
CA SER D 252 2.13 4.78 -33.83
C SER D 252 2.84 5.25 -32.57
N LEU D 253 3.03 4.35 -31.61
CA LEU D 253 3.78 4.65 -30.40
C LEU D 253 5.27 4.47 -30.70
N LEU D 254 5.98 5.58 -30.85
CA LEU D 254 7.37 5.56 -31.28
C LEU D 254 8.29 5.41 -30.07
N SER D 255 8.92 4.24 -29.97
CA SER D 255 9.66 3.80 -28.79
C SER D 255 8.70 3.17 -27.79
N ASP D 256 8.63 1.84 -27.77
CA ASP D 256 7.66 1.12 -26.94
C ASP D 256 8.36 -0.08 -26.31
N PRO D 257 8.93 0.09 -25.12
CA PRO D 257 9.60 -1.01 -24.43
C PRO D 257 8.69 -1.91 -23.61
N GLU D 258 7.38 -1.74 -23.74
CA GLU D 258 6.44 -2.39 -22.84
C GLU D 258 6.59 -3.92 -22.87
N GLU D 259 6.82 -4.49 -24.05
CA GLU D 259 6.93 -5.94 -24.16
C GLU D 259 8.26 -6.45 -23.62
N VAL D 260 9.37 -5.85 -24.05
CA VAL D 260 10.68 -6.35 -23.67
C VAL D 260 10.96 -6.17 -22.18
N LEU D 261 10.25 -5.26 -21.53
CA LEU D 261 10.41 -5.04 -20.10
C LEU D 261 9.44 -5.86 -19.26
N ASP D 262 8.77 -6.85 -19.86
CA ASP D 262 7.77 -7.63 -19.14
C ASP D 262 7.52 -8.96 -19.85
N THR D 263 8.60 -9.65 -20.24
CA THR D 263 8.45 -10.92 -20.91
C THR D 263 8.02 -12.00 -19.90
N PRO D 264 7.25 -12.99 -20.34
CA PRO D 264 6.79 -14.03 -19.41
C PRO D 264 7.91 -14.97 -19.00
N ALA D 265 7.76 -15.53 -17.80
CA ALA D 265 8.65 -16.59 -17.33
C ALA D 265 8.01 -17.92 -17.73
N ASP D 266 8.44 -18.44 -18.88
CA ASP D 266 7.86 -19.65 -19.44
C ASP D 266 8.93 -20.65 -19.89
N GLY D 267 10.11 -20.59 -19.30
CA GLY D 267 11.16 -21.54 -19.61
C GLY D 267 12.13 -21.10 -20.68
N GLN D 268 11.96 -19.91 -21.26
CA GLN D 268 12.89 -19.44 -22.27
C GLN D 268 13.12 -17.94 -22.09
N PHE D 269 14.37 -17.53 -22.34
CA PHE D 269 14.75 -16.12 -22.28
C PHE D 269 14.58 -15.50 -23.66
N ARG D 270 13.92 -14.33 -23.70
CA ARG D 270 13.73 -13.58 -24.94
C ARG D 270 14.47 -12.26 -24.83
N MET D 271 15.61 -12.14 -25.52
CA MET D 271 16.35 -10.88 -25.49
C MET D 271 15.52 -9.74 -26.04
N TYR D 272 14.76 -9.98 -27.11
CA TYR D 272 13.96 -8.96 -27.75
C TYR D 272 12.49 -9.35 -27.71
N ALA D 273 11.61 -8.34 -27.67
CA ALA D 273 10.17 -8.57 -27.70
C ALA D 273 9.47 -7.26 -28.02
N GLY D 274 8.53 -7.30 -28.95
CA GLY D 274 7.69 -6.17 -29.31
C GLY D 274 8.51 -4.99 -29.82
N GLY D 275 8.02 -3.80 -29.52
CA GLY D 275 8.73 -2.58 -29.84
C GLY D 275 8.26 -1.95 -31.14
N THR D 276 8.60 -0.66 -31.30
CA THR D 276 8.33 0.04 -32.54
C THR D 276 9.13 -0.58 -33.67
N THR D 277 8.49 -0.75 -34.82
CA THR D 277 9.18 -1.31 -35.97
C THR D 277 9.94 -0.22 -36.71
N GLN D 278 10.99 -0.64 -37.44
CA GLN D 278 11.71 0.29 -38.29
C GLN D 278 10.76 0.97 -39.25
N GLU D 279 9.75 0.23 -39.71
CA GLU D 279 8.82 0.74 -40.70
C GLU D 279 7.90 1.80 -40.11
N GLU D 280 7.56 1.68 -38.82
CA GLU D 280 6.75 2.73 -38.20
C GLU D 280 7.52 4.03 -38.13
N MET D 281 8.83 3.96 -37.91
CA MET D 281 9.67 5.14 -37.98
C MET D 281 9.76 5.66 -39.41
N LYS D 282 9.97 4.77 -40.38
CA LYS D 282 10.05 5.19 -41.78
C LYS D 282 8.80 5.95 -42.18
N ASP D 283 7.62 5.47 -41.77
CA ASP D 283 6.35 5.98 -42.23
C ASP D 283 5.81 7.10 -41.34
N ALA D 284 6.48 7.41 -40.24
CA ALA D 284 5.91 8.36 -39.27
C ALA D 284 5.64 9.76 -39.84
N PRO D 285 6.42 10.29 -40.78
CA PRO D 285 6.10 11.63 -41.31
C PRO D 285 4.77 11.69 -42.05
N ASN D 286 4.21 10.55 -42.45
CA ASN D 286 2.90 10.51 -43.09
C ASN D 286 1.75 10.60 -42.10
N ALA D 287 2.04 10.68 -40.80
CA ALA D 287 0.99 10.79 -39.80
C ALA D 287 0.31 12.17 -39.87
N LEU D 288 -0.89 12.24 -39.30
CA LEU D 288 -1.58 13.52 -39.21
C LEU D 288 -0.80 14.51 -38.36
N ASN D 289 -0.13 14.02 -37.33
CA ASN D 289 0.56 14.89 -36.37
C ASN D 289 1.33 14.02 -35.39
N THR D 290 2.17 14.67 -34.60
CA THR D 290 2.96 13.99 -33.57
C THR D 290 2.66 14.62 -32.22
N VAL D 291 2.27 13.78 -31.26
CA VAL D 291 1.99 14.23 -29.90
C VAL D 291 3.16 13.85 -29.01
N LEU D 292 3.64 14.82 -28.23
CA LEU D 292 4.73 14.60 -27.30
C LEU D 292 4.15 14.48 -25.90
N LEU D 293 4.25 13.29 -25.31
CA LEU D 293 3.66 13.06 -24.00
C LEU D 293 4.41 13.81 -22.91
N GLN D 294 5.71 14.03 -23.08
CA GLN D 294 6.54 14.68 -22.07
C GLN D 294 7.36 15.74 -22.79
N PRO D 295 6.75 16.88 -23.12
CA PRO D 295 7.42 17.85 -23.98
C PRO D 295 8.64 18.50 -23.35
N TRP D 296 8.68 18.61 -22.03
CA TRP D 296 9.77 19.36 -21.40
C TRP D 296 11.11 18.63 -21.41
N HIS D 297 11.18 17.40 -21.89
CA HIS D 297 12.49 16.82 -22.20
C HIS D 297 12.51 16.24 -23.62
N LEU D 298 11.67 16.77 -24.50
CA LEU D 298 11.62 16.36 -25.91
C LEU D 298 11.77 17.56 -26.83
N GLU D 299 12.61 18.51 -26.46
CA GLU D 299 12.74 19.74 -27.24
C GLU D 299 13.41 19.47 -28.58
N LYS D 300 14.52 18.72 -28.58
CA LYS D 300 15.21 18.41 -29.83
C LYS D 300 14.30 17.63 -30.77
N THR D 301 13.58 16.64 -30.24
CA THR D 301 12.63 15.89 -31.05
C THR D 301 11.59 16.82 -31.68
N LYS D 302 11.02 17.73 -30.89
CA LYS D 302 9.97 18.59 -31.38
C LYS D 302 10.45 19.39 -32.59
N LYS D 303 11.68 19.91 -32.52
CA LYS D 303 12.20 20.70 -33.63
C LYS D 303 12.32 19.88 -34.90
N PHE D 304 12.68 18.59 -34.78
CA PHE D 304 12.85 17.77 -35.98
C PHE D 304 11.51 17.42 -36.61
N VAL D 305 10.53 17.00 -35.80
CA VAL D 305 9.22 16.66 -36.33
C VAL D 305 8.54 17.88 -36.94
N GLU D 306 8.81 19.07 -36.40
CA GLU D 306 8.24 20.28 -36.98
C GLU D 306 9.08 20.80 -38.14
N GLY D 307 10.40 20.70 -38.04
CA GLY D 307 11.28 21.21 -39.06
C GLY D 307 11.36 20.33 -40.30
N THR D 308 11.31 19.01 -40.12
CA THR D 308 11.47 18.06 -41.20
C THR D 308 10.17 17.36 -41.58
N TRP D 309 9.44 16.83 -40.60
CA TRP D 309 8.15 16.19 -40.89
C TRP D 309 7.04 17.20 -41.16
N LYS D 310 7.26 18.48 -40.84
CA LYS D 310 6.27 19.55 -41.02
C LYS D 310 5.01 19.33 -40.19
N HIS D 311 5.07 18.50 -39.16
CA HIS D 311 3.91 18.34 -38.29
C HIS D 311 3.74 19.56 -37.41
N GLU D 312 2.50 19.81 -36.99
CA GLU D 312 2.17 20.93 -36.13
C GLU D 312 1.92 20.37 -34.72
N VAL D 313 3.00 20.13 -34.00
CA VAL D 313 2.93 19.47 -32.71
C VAL D 313 2.07 20.29 -31.76
N PRO D 314 0.97 19.74 -31.23
CA PRO D 314 0.08 20.55 -30.40
C PRO D 314 0.66 20.82 -29.02
N LYS D 315 0.20 21.92 -28.42
CA LYS D 315 0.70 22.36 -27.11
C LYS D 315 -0.12 21.65 -26.04
N LEU D 316 0.34 20.48 -25.62
CA LEU D 316 -0.33 19.66 -24.62
C LEU D 316 0.61 19.40 -23.47
N ASN D 317 0.10 19.55 -22.25
CA ASN D 317 0.82 19.09 -21.07
C ASN D 317 0.80 17.57 -21.05
N ILE D 318 1.65 17.00 -20.18
CA ILE D 318 1.64 15.56 -19.94
C ILE D 318 0.22 15.17 -19.54
N PRO D 319 -0.33 14.06 -20.04
CA PRO D 319 -1.71 13.67 -19.67
C PRO D 319 -1.80 13.06 -18.28
N MET D 320 -1.70 13.93 -17.27
CA MET D 320 -1.77 13.52 -15.88
C MET D 320 -2.89 14.30 -15.19
N GLY D 321 -3.66 13.61 -14.36
CA GLY D 321 -4.75 14.25 -13.68
C GLY D 321 -5.98 14.38 -14.56
N LEU D 322 -6.94 15.16 -14.06
CA LEU D 322 -8.24 15.25 -14.70
C LEU D 322 -8.23 16.25 -15.86
N ASP D 323 -7.76 17.47 -15.62
CA ASP D 323 -7.80 18.50 -16.65
C ASP D 323 -6.92 18.14 -17.85
N TRP D 324 -5.70 17.67 -17.58
CA TRP D 324 -4.75 17.45 -18.67
C TRP D 324 -5.03 16.16 -19.43
N THR D 325 -5.65 15.17 -18.80
CA THR D 325 -6.14 14.02 -19.56
C THR D 325 -7.30 14.44 -20.46
N ASP D 326 -8.21 15.26 -19.94
CA ASP D 326 -9.27 15.84 -20.76
C ASP D 326 -8.69 16.52 -22.01
N GLU D 327 -7.77 17.46 -21.79
CA GLU D 327 -7.20 18.19 -22.92
C GLU D 327 -6.51 17.25 -23.91
N PHE D 328 -5.81 16.24 -23.40
CA PHE D 328 -5.19 15.26 -24.29
C PHE D 328 -6.21 14.57 -25.17
N LEU D 329 -7.31 14.11 -24.57
CA LEU D 329 -8.33 13.40 -25.34
C LEU D 329 -9.04 14.32 -26.32
N MET D 330 -9.28 15.57 -25.92
CA MET D 330 -9.96 16.50 -26.82
C MET D 330 -9.08 16.85 -28.02
N LYS D 331 -7.78 17.06 -27.79
CA LYS D 331 -6.89 17.37 -28.90
C LYS D 331 -6.74 16.16 -29.83
N VAL D 332 -6.73 14.95 -29.27
CA VAL D 332 -6.68 13.75 -30.10
C VAL D 332 -7.95 13.63 -30.93
N SER D 333 -9.10 13.94 -30.33
CA SER D 333 -10.36 13.90 -31.06
C SER D 333 -10.34 14.87 -32.23
N GLU D 334 -9.87 16.10 -31.99
CA GLU D 334 -9.81 17.11 -33.04
C GLU D 334 -8.90 16.66 -34.18
N ILE D 335 -7.70 16.17 -33.84
CA ILE D 335 -6.74 15.77 -34.87
C ILE D 335 -7.28 14.59 -35.65
N SER D 336 -7.80 13.58 -34.96
CA SER D 336 -8.20 12.33 -35.59
C SER D 336 -9.62 12.38 -36.14
N GLY D 337 -10.44 13.30 -35.68
CA GLY D 337 -11.85 13.32 -36.04
C GLY D 337 -12.67 12.25 -35.35
N GLN D 338 -12.08 11.46 -34.46
CA GLN D 338 -12.82 10.47 -33.69
C GLN D 338 -13.43 11.12 -32.46
N PRO D 339 -14.70 10.87 -32.15
CA PRO D 339 -15.27 11.38 -30.91
C PRO D 339 -14.79 10.60 -29.70
N ILE D 340 -14.75 11.29 -28.57
CA ILE D 340 -14.45 10.61 -27.30
C ILE D 340 -15.58 9.64 -26.97
N PRO D 341 -15.31 8.37 -26.73
CA PRO D 341 -16.37 7.39 -26.60
C PRO D 341 -16.96 7.34 -25.19
N ALA D 342 -18.12 6.68 -25.10
CA ALA D 342 -18.84 6.58 -23.84
C ALA D 342 -17.99 5.94 -22.75
N SER D 343 -17.05 5.07 -23.12
CA SER D 343 -16.29 4.33 -22.12
C SER D 343 -15.28 5.22 -21.41
N LEU D 344 -14.65 6.15 -22.14
CA LEU D 344 -13.71 7.07 -21.50
C LEU D 344 -14.45 8.16 -20.72
N THR D 345 -15.59 8.63 -21.23
CA THR D 345 -16.39 9.57 -20.47
C THR D 345 -16.79 8.97 -19.13
N LYS D 346 -17.22 7.71 -19.13
CA LYS D 346 -17.58 7.05 -17.88
C LYS D 346 -16.37 6.86 -16.98
N GLU D 347 -15.23 6.45 -17.56
CA GLU D 347 -14.01 6.34 -16.76
C GLU D 347 -13.67 7.68 -16.12
N ARG D 348 -13.79 8.78 -16.88
CA ARG D 348 -13.57 10.10 -16.31
C ARG D 348 -14.50 10.35 -15.14
N GLY D 349 -15.80 10.08 -15.31
CA GLY D 349 -16.74 10.27 -14.24
C GLY D 349 -16.49 9.35 -13.06
N ARG D 350 -15.86 8.20 -13.30
CA ARG D 350 -15.50 7.32 -12.20
C ARG D 350 -14.34 7.91 -11.40
N LEU D 351 -13.39 8.56 -12.09
CA LEU D 351 -12.32 9.26 -11.39
C LEU D 351 -12.87 10.42 -10.56
N VAL D 352 -13.82 11.17 -11.12
CA VAL D 352 -14.40 12.28 -10.38
C VAL D 352 -15.11 11.78 -9.14
N ASP D 353 -15.86 10.69 -9.27
CA ASP D 353 -16.56 10.11 -8.12
C ASP D 353 -15.57 9.75 -7.02
N MET D 354 -14.43 9.18 -7.38
CA MET D 354 -13.40 8.86 -6.38
C MET D 354 -12.89 10.13 -5.71
N MET D 355 -12.72 11.20 -6.49
CA MET D 355 -12.26 12.46 -5.90
C MET D 355 -13.25 12.97 -4.86
N THR D 356 -14.55 12.98 -5.20
CA THR D 356 -15.55 13.45 -4.24
C THR D 356 -15.60 12.55 -3.01
N ASP D 357 -15.39 11.25 -3.19
CA ASP D 357 -15.44 10.33 -2.06
C ASP D 357 -14.29 10.54 -1.09
N SER D 358 -13.13 10.97 -1.58
CA SER D 358 -11.91 11.00 -0.79
C SER D 358 -11.41 12.42 -0.49
N HIS D 359 -12.17 13.45 -0.85
CA HIS D 359 -11.65 14.81 -0.74
C HIS D 359 -11.48 15.28 0.70
N THR D 360 -12.23 14.71 1.66
CA THR D 360 -12.14 15.22 3.03
C THR D 360 -10.83 14.81 3.69
N TRP D 361 -10.27 13.66 3.33
CA TRP D 361 -8.99 13.24 3.87
C TRP D 361 -7.81 13.81 3.11
N LEU D 362 -7.99 14.17 1.84
CA LEU D 362 -6.90 14.72 1.04
C LEU D 362 -6.75 16.23 1.25
N HIS D 363 -7.84 16.92 1.59
CA HIS D 363 -7.83 18.37 1.61
C HIS D 363 -6.76 18.92 2.53
N GLY D 364 -6.01 19.90 2.03
CA GLY D 364 -4.99 20.59 2.80
C GLY D 364 -3.74 19.80 3.08
N LYS D 365 -3.66 18.54 2.67
CA LYS D 365 -2.48 17.74 2.95
C LYS D 365 -1.27 18.31 2.21
N ARG D 366 -0.16 18.44 2.93
CA ARG D 366 1.03 19.10 2.42
C ARG D 366 2.05 18.05 1.98
N PHE D 367 2.64 18.25 0.82
CA PHE D 367 3.53 17.27 0.20
C PHE D 367 4.84 17.91 -0.21
N ALA D 368 5.92 17.14 -0.05
CA ALA D 368 7.18 17.39 -0.72
C ALA D 368 7.33 16.34 -1.81
N LEU D 369 7.90 16.72 -2.94
CA LEU D 369 7.91 15.81 -4.08
C LEU D 369 9.02 16.19 -5.05
N TRP D 370 9.51 15.18 -5.78
CA TRP D 370 10.56 15.42 -6.77
C TRP D 370 10.44 14.40 -7.89
N GLY D 371 11.24 14.60 -8.93
CA GLY D 371 11.23 13.74 -10.09
C GLY D 371 11.62 14.53 -11.33
N ASP D 372 11.31 13.94 -12.49
CA ASP D 372 11.57 14.59 -13.76
C ASP D 372 10.55 15.68 -14.02
N PRO D 373 10.86 16.62 -14.93
CA PRO D 373 10.02 17.83 -15.04
C PRO D 373 8.57 17.53 -15.40
N ASP D 374 8.32 16.78 -16.48
CA ASP D 374 6.95 16.52 -16.90
C ASP D 374 6.19 15.75 -15.83
N PHE D 375 6.83 14.74 -15.24
CA PHE D 375 6.19 13.99 -14.17
C PHE D 375 5.86 14.90 -12.98
N VAL D 376 6.79 15.78 -12.60
CA VAL D 376 6.59 16.61 -11.42
C VAL D 376 5.44 17.58 -11.63
N MET D 377 5.38 18.23 -12.79
CA MET D 377 4.31 19.20 -13.02
C MET D 377 2.96 18.51 -13.16
N GLY D 378 2.92 17.30 -13.70
CA GLY D 378 1.68 16.53 -13.72
C GLY D 378 1.22 16.15 -12.33
N LEU D 379 2.16 15.77 -11.46
CA LEU D 379 1.84 15.47 -10.07
C LEU D 379 1.37 16.73 -9.35
N VAL D 380 2.04 17.86 -9.58
CA VAL D 380 1.62 19.12 -8.97
C VAL D 380 0.20 19.46 -9.39
N LYS D 381 -0.09 19.34 -10.68
CA LYS D 381 -1.42 19.68 -11.18
C LYS D 381 -2.49 18.82 -10.53
N PHE D 382 -2.25 17.50 -10.44
CA PHE D 382 -3.26 16.61 -9.90
C PHE D 382 -3.47 16.89 -8.40
N LEU D 383 -2.40 17.15 -7.66
CA LEU D 383 -2.55 17.47 -6.24
C LEU D 383 -3.42 18.70 -6.05
N LEU D 384 -3.18 19.74 -6.83
CA LEU D 384 -4.04 20.93 -6.77
C LEU D 384 -5.49 20.56 -7.04
N GLU D 385 -5.72 19.66 -8.01
CA GLU D 385 -7.08 19.24 -8.31
C GLU D 385 -7.70 18.47 -7.15
N LEU D 386 -6.89 17.80 -6.34
CA LEU D 386 -7.39 17.06 -5.19
C LEU D 386 -7.61 17.92 -3.96
N GLY D 387 -7.20 19.19 -4.00
CA GLY D 387 -7.24 20.02 -2.82
C GLY D 387 -6.05 19.83 -1.90
N CYS D 388 -4.95 19.29 -2.42
CA CYS D 388 -3.72 19.14 -1.67
C CYS D 388 -2.80 20.33 -1.94
N GLU D 389 -1.81 20.51 -1.06
CA GLU D 389 -0.86 21.61 -1.18
C GLU D 389 0.52 21.08 -1.52
N PRO D 390 1.01 21.26 -2.76
CA PRO D 390 2.37 20.82 -3.08
C PRO D 390 3.41 21.81 -2.58
N VAL D 391 3.86 21.62 -1.34
CA VAL D 391 4.61 22.67 -0.65
C VAL D 391 6.03 22.76 -1.18
N HIS D 392 6.73 21.64 -1.27
CA HIS D 392 8.11 21.61 -1.75
C HIS D 392 8.14 20.84 -3.07
N ILE D 393 8.39 21.56 -4.16
CA ILE D 393 8.46 21.00 -5.50
C ILE D 393 9.90 21.10 -5.97
N LEU D 394 10.57 19.96 -6.11
CA LEU D 394 12.00 19.91 -6.42
C LEU D 394 12.21 19.14 -7.71
N CYS D 395 12.85 19.79 -8.69
CA CYS D 395 13.19 19.15 -9.95
C CYS D 395 14.67 19.47 -10.22
N HIS D 396 15.54 18.52 -9.88
CA HIS D 396 16.98 18.74 -9.98
C HIS D 396 17.37 19.10 -11.41
N ASN D 397 16.78 18.42 -12.40
CA ASN D 397 17.11 18.62 -13.81
C ASN D 397 16.08 19.50 -14.52
N GLY D 398 15.42 20.42 -13.78
CA GLY D 398 14.53 21.37 -14.38
C GLY D 398 15.25 22.66 -14.78
N ASN D 399 14.56 23.48 -15.57
CA ASN D 399 15.11 24.72 -16.07
C ASN D 399 14.16 25.88 -15.76
N LYS D 400 14.64 27.10 -16.03
CA LYS D 400 13.90 28.29 -15.66
C LYS D 400 12.56 28.39 -16.39
N ARG D 401 12.55 28.09 -17.69
CA ARG D 401 11.29 28.09 -18.43
C ARG D 401 10.27 27.17 -17.78
N TRP D 402 10.70 25.95 -17.43
CA TRP D 402 9.78 24.98 -16.82
C TRP D 402 9.29 25.48 -15.48
N LYS D 403 10.21 25.98 -14.64
CA LYS D 403 9.80 26.49 -13.33
C LYS D 403 8.77 27.61 -13.47
N LYS D 404 8.91 28.43 -14.50
CA LYS D 404 7.96 29.51 -14.71
C LYS D 404 6.57 28.98 -15.04
N ALA D 405 6.52 27.90 -15.83
CA ALA D 405 5.22 27.32 -16.18
C ALA D 405 4.55 26.70 -14.96
N VAL D 406 5.33 26.01 -14.11
CA VAL D 406 4.76 25.41 -12.91
C VAL D 406 4.30 26.49 -11.94
N ASP D 407 5.06 27.59 -11.83
CA ASP D 407 4.65 28.69 -10.96
C ASP D 407 3.32 29.29 -11.41
N ALA D 408 3.10 29.37 -12.73
CA ALA D 408 1.82 29.87 -13.23
C ALA D 408 0.69 28.92 -12.88
N ILE D 409 0.96 27.60 -12.91
CA ILE D 409 -0.04 26.63 -12.51
C ILE D 409 -0.37 26.78 -11.02
N LEU D 410 0.67 26.94 -10.19
CA LEU D 410 0.44 27.16 -8.77
C LEU D 410 -0.35 28.44 -8.51
N ALA D 411 -0.02 29.51 -9.23
CA ALA D 411 -0.66 30.80 -9.01
C ALA D 411 -2.14 30.78 -9.38
N ALA D 412 -2.57 29.84 -10.21
CA ALA D 412 -3.96 29.77 -10.66
C ALA D 412 -4.84 28.96 -9.71
N SER D 413 -4.34 28.60 -8.53
CA SER D 413 -5.11 27.82 -7.57
C SER D 413 -4.79 28.27 -6.16
N PRO D 414 -5.78 28.30 -5.26
CA PRO D 414 -5.49 28.67 -3.87
C PRO D 414 -4.62 27.67 -3.15
N TYR D 415 -4.56 26.42 -3.60
CA TYR D 415 -3.76 25.39 -2.94
C TYR D 415 -2.29 25.44 -3.32
N GLY D 416 -1.91 26.35 -4.22
CA GLY D 416 -0.52 26.61 -4.51
C GLY D 416 0.06 27.81 -3.78
N LYS D 417 -0.64 28.33 -2.78
CA LYS D 417 -0.23 29.58 -2.13
C LYS D 417 1.04 29.40 -1.31
N ASN D 418 1.24 28.23 -0.71
CA ASN D 418 2.40 27.98 0.14
C ASN D 418 3.45 27.12 -0.56
N ALA D 419 3.42 27.06 -1.88
CA ALA D 419 4.27 26.17 -2.66
C ALA D 419 5.48 26.92 -3.21
N THR D 420 6.60 26.20 -3.28
CA THR D 420 7.82 26.72 -3.88
C THR D 420 8.39 25.67 -4.83
N VAL D 421 8.87 26.14 -5.97
CA VAL D 421 9.48 25.29 -6.98
C VAL D 421 10.99 25.49 -6.93
N TYR D 422 11.73 24.40 -6.86
CA TYR D 422 13.19 24.44 -6.78
C TYR D 422 13.76 23.69 -7.98
N ILE D 423 14.72 24.32 -8.66
CA ILE D 423 15.44 23.70 -9.76
C ILE D 423 16.92 23.74 -9.43
N GLY D 424 17.65 22.74 -9.92
CA GLY D 424 19.07 22.61 -9.64
C GLY D 424 19.41 22.20 -8.23
N LYS D 425 18.43 21.90 -7.40
CA LYS D 425 18.65 21.48 -6.02
C LYS D 425 18.51 19.97 -5.91
N ASP D 426 19.15 19.40 -4.89
CA ASP D 426 19.22 17.96 -4.70
C ASP D 426 18.45 17.56 -3.45
N LEU D 427 18.52 16.26 -3.13
CA LEU D 427 17.75 15.73 -2.01
C LEU D 427 18.35 16.06 -0.65
N TRP D 428 19.59 16.57 -0.60
CA TRP D 428 20.09 17.11 0.65
C TRP D 428 19.51 18.50 0.91
N HIS D 429 19.28 19.27 -0.15
CA HIS D 429 18.49 20.50 -0.04
C HIS D 429 17.08 20.16 0.47
N LEU D 430 16.45 19.16 -0.14
CA LEU D 430 15.07 18.83 0.22
C LEU D 430 14.99 18.37 1.67
N ARG D 431 15.97 17.60 2.12
CA ARG D 431 16.02 17.19 3.52
C ARG D 431 15.87 18.38 4.46
N SER D 432 16.56 19.49 4.16
CA SER D 432 16.41 20.68 4.99
C SER D 432 14.98 21.21 4.96
N LEU D 433 14.37 21.26 3.77
CA LEU D 433 13.02 21.81 3.64
C LEU D 433 12.03 21.02 4.49
N VAL D 434 12.15 19.69 4.53
CA VAL D 434 11.18 18.89 5.28
C VAL D 434 11.43 18.92 6.79
N PHE D 435 12.57 19.46 7.23
CA PHE D 435 12.79 19.74 8.65
C PHE D 435 12.28 21.13 9.03
N THR D 436 12.61 22.14 8.22
CA THR D 436 12.26 23.52 8.56
C THR D 436 10.80 23.84 8.26
N ASP D 437 10.23 23.24 7.23
CA ASP D 437 8.85 23.50 6.80
C ASP D 437 8.17 22.15 6.58
N LYS D 438 8.00 21.41 7.66
CA LYS D 438 7.64 19.99 7.60
C LYS D 438 6.34 19.78 6.80
N PRO D 439 6.35 18.95 5.75
CA PRO D 439 5.10 18.59 5.09
C PRO D 439 4.47 17.39 5.76
N ASP D 440 3.37 16.87 5.21
CA ASP D 440 2.77 15.66 5.74
C ASP D 440 3.38 14.40 5.14
N PHE D 441 3.72 14.43 3.86
CA PHE D 441 4.29 13.26 3.20
C PHE D 441 5.29 13.70 2.14
N MET D 442 6.15 12.76 1.76
CA MET D 442 6.98 12.90 0.56
C MET D 442 6.43 12.00 -0.54
N ILE D 443 6.49 12.48 -1.78
CA ILE D 443 6.22 11.66 -2.96
C ILE D 443 7.50 11.66 -3.77
N GLY D 444 8.15 10.51 -3.85
CA GLY D 444 9.40 10.44 -4.57
C GLY D 444 9.87 9.02 -4.74
N ASN D 445 11.11 8.90 -5.20
CA ASN D 445 11.69 7.60 -5.49
C ASN D 445 12.32 7.04 -4.21
N SER D 446 13.01 5.90 -4.34
CA SER D 446 13.50 5.19 -3.18
C SER D 446 14.54 5.97 -2.39
N TYR D 447 15.23 6.92 -3.01
CA TYR D 447 16.22 7.71 -2.29
C TYR D 447 15.57 8.52 -1.17
N GLY D 448 14.26 8.74 -1.23
CA GLY D 448 13.57 9.45 -0.18
C GLY D 448 13.50 8.68 1.13
N LYS D 449 13.71 7.36 1.10
CA LYS D 449 13.62 6.58 2.33
C LYS D 449 14.65 7.04 3.34
N PHE D 450 15.77 7.61 2.88
CA PHE D 450 16.78 8.11 3.79
C PHE D 450 16.42 9.48 4.36
N ILE D 451 15.57 10.24 3.68
CA ILE D 451 15.04 11.45 4.28
C ILE D 451 14.02 11.10 5.36
N GLN D 452 13.21 10.07 5.14
CA GLN D 452 12.27 9.64 6.17
C GLN D 452 13.01 9.15 7.42
N ARG D 453 14.07 8.35 7.21
CA ARG D 453 14.85 7.88 8.35
C ARG D 453 15.42 9.04 9.16
N ASP D 454 15.92 10.08 8.48
CA ASP D 454 16.49 11.21 9.20
C ASP D 454 15.42 11.95 10.00
N THR D 455 14.23 12.12 9.43
CA THR D 455 13.19 12.85 10.15
C THR D 455 12.72 12.08 11.38
N LEU D 456 12.56 10.76 11.26
CA LEU D 456 12.18 9.95 12.42
C LEU D 456 13.20 10.10 13.54
N HIS D 457 14.49 10.20 13.18
CA HIS D 457 15.54 10.30 14.19
C HIS D 457 15.39 11.56 15.01
N LYS D 458 14.92 12.66 14.41
CA LYS D 458 14.61 13.84 15.22
C LYS D 458 13.47 13.54 16.19
N GLY D 459 12.43 12.86 15.71
CA GLY D 459 11.32 12.46 16.54
C GLY D 459 10.17 11.89 15.73
N LYS D 460 9.37 11.01 16.35
CA LYS D 460 8.23 10.43 15.64
C LYS D 460 7.27 11.50 15.15
N GLU D 461 7.07 12.55 15.96
CA GLU D 461 6.18 13.63 15.55
C GLU D 461 6.74 14.45 14.39
N PHE D 462 8.01 14.29 14.06
CA PHE D 462 8.64 15.00 12.96
C PHE D 462 8.83 14.13 11.74
N GLU D 463 8.43 12.86 11.80
CA GLU D 463 8.65 11.93 10.70
C GLU D 463 7.79 12.30 9.50
N VAL D 464 8.39 12.24 8.32
CA VAL D 464 7.70 12.50 7.06
C VAL D 464 7.73 11.21 6.24
N PRO D 465 6.64 10.45 6.21
CA PRO D 465 6.66 9.17 5.48
C PRO D 465 6.77 9.36 3.98
N LEU D 466 7.46 8.42 3.34
CA LEU D 466 7.64 8.44 1.90
C LEU D 466 6.53 7.66 1.20
N ILE D 467 5.99 8.24 0.14
CA ILE D 467 5.08 7.56 -0.79
C ILE D 467 5.85 7.39 -2.09
N ARG D 468 6.05 6.14 -2.51
CA ARG D 468 6.94 5.83 -3.62
C ARG D 468 6.20 5.98 -4.94
N ILE D 469 6.49 7.09 -5.64
CA ILE D 469 6.01 7.31 -7.01
C ILE D 469 7.15 8.00 -7.75
N GLY D 470 7.62 7.37 -8.82
CA GLY D 470 8.72 7.92 -9.58
C GLY D 470 9.73 6.87 -10.01
N PHE D 471 11.00 7.28 -10.11
CA PHE D 471 12.05 6.40 -10.59
C PHE D 471 13.38 6.83 -10.00
N PRO D 472 14.21 5.89 -9.52
CA PRO D 472 13.96 4.45 -9.44
C PRO D 472 13.30 4.02 -8.14
N ILE D 473 12.56 2.93 -8.17
CA ILE D 473 11.99 2.31 -6.99
C ILE D 473 12.64 0.94 -6.84
N PHE D 474 13.55 0.83 -5.88
CA PHE D 474 14.33 -0.38 -5.69
C PHE D 474 13.91 -1.20 -4.47
N ASP D 475 13.21 -0.61 -3.51
CA ASP D 475 12.93 -1.26 -2.23
C ASP D 475 11.47 -1.72 -2.11
N ARG D 476 10.75 -1.76 -3.22
CA ARG D 476 9.46 -2.43 -3.30
C ARG D 476 9.42 -3.22 -4.60
N HIS D 477 8.54 -4.22 -4.65
CA HIS D 477 8.46 -5.12 -5.79
C HIS D 477 7.27 -4.78 -6.68
N HIS D 478 7.53 -4.64 -7.97
CA HIS D 478 6.52 -4.65 -9.03
C HIS D 478 5.68 -3.38 -9.09
N LEU D 479 6.12 -2.30 -8.46
CA LEU D 479 5.44 -1.02 -8.67
C LEU D 479 5.70 -0.47 -10.07
N HIS D 480 6.67 -1.01 -10.81
CA HIS D 480 6.88 -0.59 -12.18
C HIS D 480 5.73 -0.95 -13.10
N ARG D 481 4.85 -1.86 -12.66
CA ARG D 481 3.65 -2.19 -13.42
C ARG D 481 2.56 -1.13 -13.29
N SER D 482 2.75 -0.14 -12.43
CA SER D 482 1.70 0.82 -12.11
C SER D 482 1.46 1.77 -13.29
N THR D 483 0.50 2.67 -13.09
CA THR D 483 0.08 3.66 -14.07
C THR D 483 -0.01 5.00 -13.38
N THR D 484 0.49 6.05 -14.04
CA THR D 484 0.34 7.41 -13.54
C THR D 484 -0.32 8.36 -14.52
N LEU D 485 -0.43 7.99 -15.79
CA LEU D 485 -1.06 8.83 -16.80
C LEU D 485 -2.56 8.49 -16.93
N GLY D 486 -3.30 9.44 -17.48
CA GLY D 486 -4.71 9.24 -17.77
C GLY D 486 -5.56 9.10 -16.51
N TYR D 487 -6.84 8.83 -16.75
CA TYR D 487 -7.77 8.63 -15.63
C TYR D 487 -7.36 7.41 -14.82
N GLU D 488 -6.90 6.35 -15.48
CA GLU D 488 -6.45 5.17 -14.76
C GLU D 488 -5.31 5.52 -13.82
N GLY D 489 -4.30 6.22 -14.32
CA GLY D 489 -3.19 6.63 -13.47
C GLY D 489 -3.61 7.58 -12.36
N ALA D 490 -4.54 8.49 -12.67
CA ALA D 490 -5.05 9.40 -11.65
C ALA D 490 -5.79 8.63 -10.56
N MET D 491 -6.54 7.60 -10.95
CA MET D 491 -7.23 6.78 -9.96
C MET D 491 -6.24 6.04 -9.07
N GLN D 492 -5.15 5.52 -9.65
CA GLN D 492 -4.15 4.81 -8.85
C GLN D 492 -3.45 5.76 -7.89
N ILE D 493 -3.08 6.96 -8.35
CA ILE D 493 -2.38 7.92 -7.50
C ILE D 493 -3.30 8.38 -6.37
N LEU D 494 -4.55 8.67 -6.69
CA LEU D 494 -5.50 9.07 -5.65
C LEU D 494 -5.61 8.01 -4.56
N THR D 495 -5.83 6.76 -4.97
CA THR D 495 -5.95 5.66 -4.00
C THR D 495 -4.70 5.57 -3.13
N THR D 496 -3.52 5.60 -3.75
CA THR D 496 -2.29 5.50 -2.98
C THR D 496 -2.18 6.64 -1.97
N LEU D 497 -2.48 7.87 -2.39
CA LEU D 497 -2.34 9.02 -1.51
C LEU D 497 -3.28 8.93 -0.30
N VAL D 498 -4.58 8.74 -0.56
CA VAL D 498 -5.55 8.75 0.53
C VAL D 498 -5.24 7.64 1.53
N ASN D 499 -4.86 6.47 1.04
CA ASN D 499 -4.65 5.35 1.94
C ASN D 499 -3.33 5.45 2.69
N SER D 500 -2.33 6.15 2.13
CA SER D 500 -1.13 6.46 2.89
C SER D 500 -1.47 7.39 4.05
N ILE D 501 -2.36 8.35 3.82
CA ILE D 501 -2.86 9.21 4.88
C ILE D 501 -3.55 8.38 5.96
N LEU D 502 -4.46 7.49 5.53
CA LEU D 502 -5.24 6.71 6.49
C LEU D 502 -4.39 5.67 7.20
N GLU D 503 -3.39 5.11 6.52
CA GLU D 503 -2.47 4.18 7.19
C GLU D 503 -1.68 4.90 8.28
N ARG D 504 -1.25 6.13 8.00
CA ARG D 504 -0.52 6.90 9.01
C ARG D 504 -1.41 7.28 10.18
N LEU D 505 -2.67 7.61 9.91
CA LEU D 505 -3.60 7.94 10.98
C LEU D 505 -3.86 6.72 11.86
N ASP D 506 -4.02 5.55 11.26
CA ASP D 506 -4.21 4.33 12.04
C ASP D 506 -3.00 4.08 12.94
N GLU D 507 -1.79 4.32 12.43
CA GLU D 507 -0.59 4.11 13.24
C GLU D 507 -0.56 5.06 14.42
N GLU D 508 -0.95 6.32 14.21
CA GLU D 508 -0.93 7.31 15.28
C GLU D 508 -2.06 7.15 16.28
N THR D 509 -3.10 6.38 15.93
CA THR D 509 -4.23 6.13 16.83
C THR D 509 -4.31 4.67 17.25
N ARG D 510 -3.22 3.92 17.12
CA ARG D 510 -3.23 2.52 17.52
C ARG D 510 -2.93 2.31 19.00
N GLY D 511 -2.58 3.38 19.73
CA GLY D 511 -2.21 3.27 21.12
C GLY D 511 -3.38 2.97 22.04
N MET D 512 -3.37 1.80 22.65
CA MET D 512 -4.46 1.39 23.52
C MET D 512 -4.58 2.34 24.70
N GLN D 513 -5.79 2.88 24.88
CA GLN D 513 -6.17 3.77 25.97
C GLN D 513 -5.43 5.10 25.92
N ALA D 514 -4.62 5.35 24.90
CA ALA D 514 -3.92 6.61 24.75
C ALA D 514 -4.42 7.42 23.56
N THR D 515 -4.41 6.81 22.38
CA THR D 515 -4.84 7.50 21.16
C THR D 515 -5.89 6.74 20.39
N ASP D 516 -6.27 5.54 20.83
CA ASP D 516 -7.17 4.71 20.03
C ASP D 516 -8.64 5.11 20.17
N TYR D 517 -8.94 6.19 20.90
CA TYR D 517 -10.29 6.73 20.83
C TYR D 517 -10.66 7.16 19.41
N ASN D 518 -9.65 7.44 18.57
CA ASN D 518 -9.85 7.84 17.18
C ASN D 518 -9.45 6.73 16.20
N HIS D 519 -9.38 5.49 16.68
CA HIS D 519 -9.02 4.34 15.84
C HIS D 519 -10.27 3.75 15.18
N ASP D 520 -10.91 4.59 14.36
CA ASP D 520 -12.22 4.27 13.83
C ASP D 520 -12.18 3.05 12.91
N LEU D 521 -13.24 2.25 12.98
CA LEU D 521 -13.44 1.17 12.00
C LEU D 521 -13.77 1.74 10.62
N VAL D 522 -14.55 2.81 10.57
CA VAL D 522 -15.00 3.42 9.32
C VAL D 522 -14.24 4.72 9.12
N ARG D 523 -13.66 4.89 7.93
CA ARG D 523 -13.02 6.14 7.54
C ARG D 523 -13.61 6.58 6.20
#